data_2AMI
#
_entry.id   2AMI
#
_cell.length_a   1.000
_cell.length_b   1.000
_cell.length_c   1.000
_cell.angle_alpha   90.00
_cell.angle_beta   90.00
_cell.angle_gamma   90.00
#
_symmetry.space_group_name_H-M   'P 1'
#
_entity_poly.entity_id   1
_entity_poly.type   'polypeptide(L)'
_entity_poly.pdbx_seq_one_letter_code
;GSMSYKAKTVVSARRDQKKGRVGLTEEQKQEIREAFDLFDTDGSGTIDAKELKVAMRALGFEPKKEEIKKMISEIDKDGS
GTIDFEEFLTMMTAKM
;
_entity_poly.pdbx_strand_id   A
#
# COMPACT_ATOMS: atom_id res chain seq x y z
N ARG A 21 3.70 -11.72 17.12
CA ARG A 21 4.51 -12.55 16.21
C ARG A 21 4.45 -11.98 14.79
N VAL A 22 5.55 -12.02 14.04
CA VAL A 22 5.54 -11.58 12.65
C VAL A 22 4.88 -12.65 11.78
N GLY A 23 3.92 -12.27 10.94
CA GLY A 23 3.20 -13.21 10.10
C GLY A 23 1.85 -12.64 9.63
N LEU A 24 1.38 -13.15 8.49
CA LEU A 24 0.10 -12.81 7.89
C LEU A 24 -0.75 -14.07 7.71
N THR A 25 -1.61 -14.32 8.70
CA THR A 25 -2.61 -15.37 8.60
C THR A 25 -3.61 -15.03 7.49
N GLU A 26 -4.32 -16.03 6.97
CA GLU A 26 -5.31 -15.87 5.91
C GLU A 26 -6.24 -14.69 6.18
N GLU A 27 -6.74 -14.57 7.41
CA GLU A 27 -7.60 -13.47 7.82
C GLU A 27 -6.93 -12.12 7.55
N GLN A 28 -5.66 -11.98 7.96
CA GLN A 28 -4.90 -10.76 7.72
C GLN A 28 -4.75 -10.53 6.22
N LYS A 29 -4.45 -11.58 5.46
CA LYS A 29 -4.33 -11.48 4.00
C LYS A 29 -5.65 -10.99 3.38
N GLN A 30 -6.78 -11.54 3.83
CA GLN A 30 -8.10 -11.08 3.41
C GLN A 30 -8.27 -9.59 3.74
N GLU A 31 -8.01 -9.19 4.99
CA GLU A 31 -8.08 -7.78 5.38
C GLU A 31 -7.23 -6.91 4.45
N ILE A 32 -5.97 -7.29 4.22
CA ILE A 32 -5.06 -6.59 3.33
C ILE A 32 -5.67 -6.48 1.93
N ARG A 33 -6.23 -7.58 1.40
CA ARG A 33 -6.88 -7.58 0.09
C ARG A 33 -8.08 -6.60 0.06
N GLU A 34 -8.97 -6.67 1.05
CA GLU A 34 -10.09 -5.73 1.16
C GLU A 34 -9.58 -4.28 1.18
N ALA A 35 -8.62 -3.98 2.07
CA ALA A 35 -8.02 -2.66 2.20
C ALA A 35 -7.45 -2.21 0.85
N PHE A 36 -6.68 -3.09 0.20
CA PHE A 36 -6.11 -2.82 -1.10
C PHE A 36 -7.20 -2.39 -2.09
N ASP A 37 -8.23 -3.22 -2.23
CA ASP A 37 -9.34 -2.96 -3.13
C ASP A 37 -9.96 -1.60 -2.82
N LEU A 38 -10.28 -1.35 -1.55
CA LEU A 38 -10.86 -0.08 -1.13
C LEU A 38 -9.96 1.08 -1.54
N PHE A 39 -8.69 1.02 -1.16
CA PHE A 39 -7.74 2.08 -1.46
C PHE A 39 -7.61 2.29 -2.97
N ASP A 40 -7.66 1.22 -3.76
CA ASP A 40 -7.76 1.33 -5.21
C ASP A 40 -9.17 1.78 -5.62
N THR A 41 -9.59 2.96 -5.16
CA THR A 41 -10.88 3.55 -5.47
C THR A 41 -11.10 3.62 -6.98
N ASP A 42 -10.04 3.92 -7.74
CA ASP A 42 -10.09 4.00 -9.19
C ASP A 42 -10.41 2.64 -9.82
N GLY A 43 -10.13 1.53 -9.12
CA GLY A 43 -10.27 0.19 -9.67
C GLY A 43 -9.27 -0.05 -10.80
N SER A 44 -8.09 0.59 -10.75
CA SER A 44 -7.06 0.44 -11.76
C SER A 44 -6.45 -0.97 -11.77
N GLY A 45 -6.55 -1.67 -10.63
CA GLY A 45 -5.87 -2.93 -10.38
C GLY A 45 -4.60 -2.68 -9.54
N THR A 46 -4.17 -1.42 -9.45
CA THR A 46 -3.01 -0.97 -8.71
C THR A 46 -3.41 0.33 -8.00
N ILE A 47 -2.88 0.56 -6.79
CA ILE A 47 -3.13 1.78 -6.02
C ILE A 47 -2.20 2.85 -6.57
N ASP A 48 -2.73 3.94 -7.14
CA ASP A 48 -1.89 5.05 -7.58
C ASP A 48 -1.24 5.73 -6.36
N ALA A 49 -0.03 6.27 -6.52
CA ALA A 49 0.64 7.05 -5.49
C ALA A 49 -0.30 7.98 -4.71
N LYS A 50 -1.16 8.72 -5.42
CA LYS A 50 -2.14 9.61 -4.78
C LYS A 50 -3.09 8.82 -3.88
N GLU A 51 -3.61 7.69 -4.36
CA GLU A 51 -4.47 6.82 -3.57
C GLU A 51 -3.69 6.30 -2.35
N LEU A 52 -2.41 5.97 -2.53
CA LEU A 52 -1.57 5.54 -1.40
C LEU A 52 -1.45 6.68 -0.37
N LYS A 53 -1.23 7.91 -0.83
CA LYS A 53 -1.21 9.08 0.05
C LYS A 53 -2.54 9.19 0.81
N VAL A 54 -3.68 9.08 0.12
CA VAL A 54 -4.98 9.05 0.78
C VAL A 54 -5.03 7.93 1.83
N ALA A 55 -4.61 6.72 1.46
CA ALA A 55 -4.55 5.60 2.38
C ALA A 55 -3.75 5.94 3.62
N MET A 56 -2.56 6.51 3.44
CA MET A 56 -1.72 6.93 4.55
C MET A 56 -2.39 8.00 5.40
N ARG A 57 -3.13 8.94 4.80
CA ARG A 57 -3.97 9.83 5.58
C ARG A 57 -5.03 9.06 6.36
N ALA A 58 -5.69 8.08 5.76
CA ALA A 58 -6.63 7.22 6.49
C ALA A 58 -5.94 6.49 7.65
N LEU A 59 -4.68 6.07 7.46
CA LEU A 59 -3.84 5.50 8.51
C LEU A 59 -3.35 6.56 9.52
N GLY A 60 -3.72 7.83 9.34
CA GLY A 60 -3.41 8.91 10.26
C GLY A 60 -1.96 9.38 10.15
N PHE A 61 -1.31 9.17 9.00
CA PHE A 61 0.08 9.57 8.81
C PHE A 61 0.15 11.07 8.48
N GLU A 62 1.36 11.62 8.57
CA GLU A 62 1.73 12.95 8.13
C GLU A 62 2.75 12.82 6.99
N PRO A 63 2.30 12.80 5.72
CA PRO A 63 3.17 12.68 4.56
C PRO A 63 4.30 13.72 4.54
N LYS A 64 5.50 13.30 4.13
CA LYS A 64 6.66 14.13 3.91
C LYS A 64 7.29 13.69 2.59
N LYS A 65 7.36 14.59 1.62
CA LYS A 65 7.71 14.31 0.22
C LYS A 65 8.85 13.30 0.05
N GLU A 66 10.02 13.58 0.60
CA GLU A 66 11.20 12.72 0.45
C GLU A 66 10.94 11.30 1.00
N GLU A 67 10.46 11.21 2.23
CA GLU A 67 10.14 9.93 2.86
C GLU A 67 9.14 9.16 2.01
N ILE A 68 8.04 9.81 1.63
CA ILE A 68 7.00 9.24 0.79
C ILE A 68 7.61 8.70 -0.50
N LYS A 69 8.36 9.53 -1.23
CA LYS A 69 8.99 9.16 -2.47
C LYS A 69 9.87 7.91 -2.28
N LYS A 70 10.76 7.94 -1.29
CA LYS A 70 11.69 6.85 -1.06
C LYS A 70 10.91 5.57 -0.72
N MET A 71 10.00 5.62 0.25
CA MET A 71 9.18 4.49 0.65
C MET A 71 8.46 3.92 -0.57
N ILE A 72 7.72 4.78 -1.29
CA ILE A 72 7.06 4.40 -2.54
C ILE A 72 8.07 3.71 -3.46
N SER A 73 9.26 4.27 -3.68
CA SER A 73 10.22 3.67 -4.59
C SER A 73 10.61 2.25 -4.14
N GLU A 74 10.86 2.06 -2.84
CA GLU A 74 11.20 0.75 -2.29
C GLU A 74 10.07 -0.24 -2.56
N ILE A 75 8.82 0.13 -2.28
CA ILE A 75 7.69 -0.76 -2.50
C ILE A 75 7.42 -0.96 -4.00
N ASP A 76 7.63 0.09 -4.80
CA ASP A 76 7.32 0.11 -6.21
C ASP A 76 8.45 -0.58 -6.99
N LYS A 77 8.53 -1.90 -6.85
CA LYS A 77 9.44 -2.72 -7.61
C LYS A 77 9.13 -2.66 -9.12
N ASP A 78 7.85 -2.68 -9.47
CA ASP A 78 7.37 -2.78 -10.86
C ASP A 78 6.18 -1.86 -11.17
N GLY A 79 5.34 -1.55 -10.17
CA GLY A 79 4.07 -0.87 -10.37
C GLY A 79 4.15 0.52 -11.00
N SER A 80 5.34 1.11 -11.12
CA SER A 80 5.63 2.33 -11.87
C SER A 80 4.63 3.46 -11.61
N GLY A 81 4.65 4.01 -10.39
CA GLY A 81 3.75 5.09 -9.99
C GLY A 81 2.49 4.54 -9.31
N THR A 82 2.18 3.26 -9.55
CA THR A 82 1.14 2.56 -8.82
C THR A 82 1.79 1.46 -7.96
N ILE A 83 1.02 0.91 -7.02
CA ILE A 83 1.42 -0.20 -6.16
C ILE A 83 0.45 -1.36 -6.45
N ASP A 84 0.98 -2.47 -6.95
CA ASP A 84 0.23 -3.70 -7.20
C ASP A 84 -0.12 -4.40 -5.88
N PHE A 85 -1.12 -5.28 -5.90
CA PHE A 85 -1.51 -6.08 -4.75
C PHE A 85 -0.31 -6.74 -4.08
N GLU A 86 0.56 -7.41 -4.84
CA GLU A 86 1.73 -8.08 -4.26
C GLU A 86 2.68 -7.07 -3.60
N GLU A 87 2.90 -5.92 -4.24
CA GLU A 87 3.75 -4.87 -3.68
C GLU A 87 3.14 -4.37 -2.36
N PHE A 88 1.83 -4.08 -2.36
CA PHE A 88 1.11 -3.65 -1.18
C PHE A 88 1.19 -4.69 -0.07
N LEU A 89 0.95 -5.96 -0.42
CA LEU A 89 1.08 -7.10 0.46
C LEU A 89 2.48 -7.13 1.06
N THR A 90 3.53 -6.97 0.25
CA THR A 90 4.90 -6.91 0.75
C THR A 90 5.05 -5.79 1.78
N MET A 91 4.61 -4.57 1.43
CA MET A 91 4.63 -3.43 2.36
C MET A 91 3.97 -3.83 3.68
N MET A 92 2.74 -4.36 3.61
CA MET A 92 1.98 -4.76 4.78
C MET A 92 2.71 -5.85 5.56
N THR A 93 3.32 -6.82 4.88
CA THR A 93 4.13 -7.85 5.53
C THR A 93 5.26 -7.20 6.32
N ALA A 94 5.96 -6.23 5.73
CA ALA A 94 7.07 -5.55 6.38
C ALA A 94 6.60 -4.72 7.57
N LYS A 95 5.61 -3.84 7.35
CA LYS A 95 5.19 -2.84 8.32
C LYS A 95 4.26 -3.41 9.39
N MET A 96 3.36 -4.31 9.01
CA MET A 96 2.26 -4.80 9.83
C MET A 96 1.52 -3.63 10.51
N ARG A 21 2.93 -19.37 12.23
CA ARG A 21 1.83 -18.53 12.71
C ARG A 21 2.25 -17.08 12.95
N VAL A 22 3.52 -16.85 13.30
CA VAL A 22 4.04 -15.52 13.56
C VAL A 22 4.24 -14.81 12.21
N GLY A 23 3.15 -14.37 11.59
CA GLY A 23 3.16 -13.69 10.31
C GLY A 23 1.75 -13.25 9.98
N LEU A 24 1.51 -12.82 8.73
CA LEU A 24 0.18 -12.44 8.29
C LEU A 24 -0.71 -13.67 8.19
N THR A 25 -1.66 -13.82 9.11
CA THR A 25 -2.69 -14.85 9.00
C THR A 25 -3.56 -14.58 7.78
N GLU A 26 -4.34 -15.59 7.35
CA GLU A 26 -5.36 -15.41 6.33
C GLU A 26 -6.25 -14.22 6.67
N GLU A 27 -6.71 -14.13 7.92
CA GLU A 27 -7.51 -13.03 8.40
C GLU A 27 -6.83 -11.69 8.09
N GLN A 28 -5.55 -11.55 8.47
CA GLN A 28 -4.80 -10.34 8.15
C GLN A 28 -4.76 -10.11 6.65
N LYS A 29 -4.44 -11.13 5.85
CA LYS A 29 -4.39 -10.99 4.40
C LYS A 29 -5.74 -10.54 3.82
N GLN A 30 -6.85 -11.08 4.33
CA GLN A 30 -8.20 -10.64 3.96
C GLN A 30 -8.37 -9.16 4.26
N GLU A 31 -8.07 -8.72 5.49
CA GLU A 31 -8.18 -7.31 5.86
C GLU A 31 -7.30 -6.42 4.96
N ILE A 32 -6.05 -6.83 4.73
CA ILE A 32 -5.12 -6.15 3.85
C ILE A 32 -5.74 -6.03 2.44
N ARG A 33 -6.31 -7.12 1.92
CA ARG A 33 -6.97 -7.07 0.62
C ARG A 33 -8.15 -6.10 0.64
N GLU A 34 -8.99 -6.13 1.68
CA GLU A 34 -10.12 -5.22 1.84
C GLU A 34 -9.62 -3.77 1.78
N ALA A 35 -8.68 -3.43 2.65
CA ALA A 35 -8.08 -2.09 2.69
C ALA A 35 -7.54 -1.73 1.31
N PHE A 36 -6.76 -2.62 0.71
CA PHE A 36 -6.21 -2.43 -0.62
C PHE A 36 -7.31 -2.07 -1.61
N ASP A 37 -8.37 -2.87 -1.66
CA ASP A 37 -9.50 -2.66 -2.55
C ASP A 37 -10.11 -1.28 -2.32
N LEU A 38 -10.38 -0.92 -1.06
CA LEU A 38 -10.92 0.39 -0.72
C LEU A 38 -10.02 1.48 -1.30
N PHE A 39 -8.72 1.43 -1.00
CA PHE A 39 -7.79 2.45 -1.45
C PHE A 39 -7.72 2.49 -2.98
N ASP A 40 -7.67 1.32 -3.62
CA ASP A 40 -7.66 1.16 -5.07
C ASP A 40 -9.07 1.42 -5.61
N THR A 41 -9.56 2.64 -5.43
CA THR A 41 -10.82 3.11 -6.00
C THR A 41 -10.84 2.91 -7.52
N ASP A 42 -9.68 3.02 -8.18
CA ASP A 42 -9.56 2.77 -9.61
C ASP A 42 -9.85 1.31 -9.98
N GLY A 43 -9.74 0.39 -9.02
CA GLY A 43 -9.95 -1.04 -9.24
C GLY A 43 -8.93 -1.62 -10.23
N SER A 44 -7.73 -1.04 -10.31
CA SER A 44 -6.73 -1.39 -11.30
C SER A 44 -5.76 -2.47 -10.80
N GLY A 45 -6.06 -3.07 -9.64
CA GLY A 45 -5.18 -4.00 -8.96
C GLY A 45 -3.90 -3.32 -8.48
N THR A 46 -3.91 -1.99 -8.43
CA THR A 46 -2.77 -1.13 -8.21
C THR A 46 -3.25 0.11 -7.48
N ILE A 47 -2.71 0.40 -6.29
CA ILE A 47 -2.95 1.67 -5.63
C ILE A 47 -2.02 2.68 -6.29
N ASP A 48 -2.56 3.63 -7.06
CA ASP A 48 -1.76 4.74 -7.57
C ASP A 48 -1.23 5.57 -6.40
N ALA A 49 -0.06 6.18 -6.56
CA ALA A 49 0.55 7.08 -5.57
C ALA A 49 -0.48 8.00 -4.90
N LYS A 50 -1.36 8.62 -5.68
CA LYS A 50 -2.41 9.49 -5.15
C LYS A 50 -3.32 8.73 -4.18
N GLU A 51 -3.78 7.53 -4.59
CA GLU A 51 -4.60 6.68 -3.74
C GLU A 51 -3.81 6.29 -2.48
N LEU A 52 -2.51 6.00 -2.61
CA LEU A 52 -1.69 5.69 -1.44
C LEU A 52 -1.62 6.90 -0.50
N LYS A 53 -1.44 8.10 -1.05
CA LYS A 53 -1.46 9.33 -0.25
C LYS A 53 -2.80 9.45 0.49
N VAL A 54 -3.92 9.26 -0.20
CA VAL A 54 -5.23 9.22 0.45
C VAL A 54 -5.24 8.18 1.59
N ALA A 55 -4.78 6.96 1.30
CA ALA A 55 -4.70 5.91 2.32
C ALA A 55 -3.91 6.39 3.53
N MET A 56 -2.73 6.98 3.30
CA MET A 56 -1.89 7.51 4.37
C MET A 56 -2.61 8.62 5.14
N ARG A 57 -3.35 9.50 4.46
CA ARG A 57 -4.21 10.44 5.17
C ARG A 57 -5.26 9.71 6.02
N ALA A 58 -5.90 8.66 5.51
CA ALA A 58 -6.81 7.85 6.30
C ALA A 58 -6.09 7.23 7.52
N LEU A 59 -4.83 6.82 7.35
CA LEU A 59 -3.97 6.36 8.44
C LEU A 59 -3.50 7.51 9.35
N GLY A 60 -3.87 8.75 9.07
CA GLY A 60 -3.54 9.92 9.88
C GLY A 60 -2.08 10.35 9.73
N PHE A 61 -1.46 10.04 8.59
CA PHE A 61 -0.06 10.37 8.34
C PHE A 61 0.07 11.81 7.86
N GLU A 62 1.33 12.29 7.86
CA GLU A 62 1.77 13.53 7.25
C GLU A 62 2.61 13.14 6.03
N PRO A 63 2.11 13.32 4.80
CA PRO A 63 2.84 13.09 3.56
C PRO A 63 4.15 13.90 3.44
N LYS A 64 5.19 13.46 4.13
CA LYS A 64 6.55 13.96 3.98
C LYS A 64 7.07 13.60 2.58
N LYS A 65 6.69 14.43 1.59
CA LYS A 65 6.85 14.24 0.16
C LYS A 65 8.08 13.42 -0.24
N GLU A 66 9.28 13.85 0.19
CA GLU A 66 10.52 13.19 -0.18
C GLU A 66 10.50 11.73 0.27
N GLU A 67 10.23 11.52 1.55
CA GLU A 67 10.18 10.19 2.16
C GLU A 67 9.06 9.37 1.51
N ILE A 68 7.90 9.98 1.26
CA ILE A 68 6.80 9.35 0.55
C ILE A 68 7.28 8.83 -0.81
N LYS A 69 7.92 9.69 -1.62
CA LYS A 69 8.42 9.33 -2.93
C LYS A 69 9.38 8.16 -2.81
N LYS A 70 10.38 8.28 -1.92
CA LYS A 70 11.35 7.22 -1.67
C LYS A 70 10.65 5.91 -1.35
N MET A 71 9.79 5.90 -0.33
CA MET A 71 9.03 4.72 0.07
C MET A 71 8.32 4.12 -1.14
N ILE A 72 7.47 4.91 -1.81
CA ILE A 72 6.73 4.46 -2.97
C ILE A 72 7.69 3.83 -3.99
N SER A 73 8.84 4.45 -4.25
CA SER A 73 9.82 3.90 -5.17
C SER A 73 10.34 2.54 -4.70
N GLU A 74 10.76 2.43 -3.43
CA GLU A 74 11.25 1.18 -2.89
C GLU A 74 10.20 0.07 -3.01
N ILE A 75 8.94 0.39 -2.66
CA ILE A 75 7.85 -0.59 -2.72
C ILE A 75 7.46 -0.89 -4.18
N ASP A 76 7.53 0.10 -5.08
CA ASP A 76 7.10 -0.04 -6.46
C ASP A 76 8.27 -0.53 -7.32
N LYS A 77 8.43 -1.85 -7.42
CA LYS A 77 9.48 -2.48 -8.21
C LYS A 77 9.32 -2.22 -9.72
N ASP A 78 8.13 -1.82 -10.19
CA ASP A 78 7.91 -1.48 -11.58
C ASP A 78 8.37 -0.04 -11.80
N GLY A 79 7.98 0.83 -10.86
CA GLY A 79 8.43 2.20 -10.76
C GLY A 79 7.35 3.21 -11.13
N SER A 80 6.26 2.82 -11.79
CA SER A 80 5.29 3.75 -12.36
C SER A 80 4.32 4.35 -11.34
N GLY A 81 4.79 4.66 -10.14
CA GLY A 81 4.01 5.29 -9.07
C GLY A 81 2.73 4.52 -8.75
N THR A 82 2.80 3.19 -8.75
CA THR A 82 1.69 2.29 -8.49
C THR A 82 2.13 1.16 -7.59
N ILE A 83 1.46 0.96 -6.46
CA ILE A 83 1.69 -0.16 -5.57
C ILE A 83 0.74 -1.30 -5.99
N ASP A 84 1.25 -2.32 -6.66
CA ASP A 84 0.47 -3.53 -6.96
C ASP A 84 0.06 -4.21 -5.65
N PHE A 85 -1.07 -4.92 -5.65
CA PHE A 85 -1.51 -5.68 -4.48
C PHE A 85 -0.38 -6.50 -3.85
N GLU A 86 0.39 -7.23 -4.65
CA GLU A 86 1.49 -8.04 -4.12
C GLU A 86 2.50 -7.16 -3.37
N GLU A 87 2.83 -5.99 -3.93
CA GLU A 87 3.78 -5.08 -3.33
C GLU A 87 3.21 -4.53 -2.02
N PHE A 88 1.94 -4.13 -2.02
CA PHE A 88 1.25 -3.70 -0.82
C PHE A 88 1.30 -4.79 0.25
N LEU A 89 0.94 -6.02 -0.12
CA LEU A 89 1.00 -7.18 0.75
C LEU A 89 2.40 -7.30 1.33
N THR A 90 3.44 -7.25 0.48
CA THR A 90 4.83 -7.29 0.93
C THR A 90 5.12 -6.19 1.96
N MET A 91 4.75 -4.94 1.66
CA MET A 91 4.92 -3.83 2.57
C MET A 91 4.28 -4.14 3.92
N MET A 92 3.01 -4.56 3.92
CA MET A 92 2.31 -4.93 5.13
C MET A 92 2.97 -6.13 5.83
N THR A 93 3.55 -7.07 5.07
CA THR A 93 4.30 -8.19 5.64
C THR A 93 5.53 -7.66 6.37
N ALA A 94 6.22 -6.67 5.80
CA ALA A 94 7.36 -6.05 6.46
C ALA A 94 6.92 -5.31 7.74
N LYS A 95 5.88 -4.49 7.63
CA LYS A 95 5.43 -3.64 8.73
C LYS A 95 4.82 -4.45 9.88
N MET A 96 3.90 -5.36 9.55
CA MET A 96 3.04 -6.07 10.49
C MET A 96 2.37 -5.09 11.47
N ARG A 21 5.96 -12.82 5.50
CA ARG A 21 4.49 -12.61 5.46
C ARG A 21 3.73 -13.90 5.80
N VAL A 22 4.21 -15.05 5.30
CA VAL A 22 3.71 -16.34 5.71
C VAL A 22 3.76 -16.42 7.24
N GLY A 23 2.60 -16.64 7.87
CA GLY A 23 2.42 -16.51 9.31
C GLY A 23 1.21 -15.61 9.57
N LEU A 24 1.04 -14.57 8.75
CA LEU A 24 -0.19 -13.78 8.77
C LEU A 24 -1.37 -14.71 8.48
N THR A 25 -2.41 -14.64 9.30
CA THR A 25 -3.57 -15.50 9.11
C THR A 25 -4.27 -15.16 7.80
N GLU A 26 -5.00 -16.14 7.23
CA GLU A 26 -5.86 -15.89 6.09
C GLU A 26 -6.83 -14.74 6.40
N GLU A 27 -7.28 -14.64 7.65
CA GLU A 27 -8.10 -13.52 8.11
C GLU A 27 -7.36 -12.21 7.90
N GLN A 28 -6.16 -12.06 8.50
CA GLN A 28 -5.36 -10.85 8.29
C GLN A 28 -5.17 -10.58 6.79
N LYS A 29 -4.80 -11.60 6.01
CA LYS A 29 -4.60 -11.45 4.58
C LYS A 29 -5.87 -10.93 3.90
N GLN A 30 -7.04 -11.47 4.25
CA GLN A 30 -8.31 -11.01 3.70
C GLN A 30 -8.55 -9.54 4.05
N GLU A 31 -8.34 -9.17 5.31
CA GLU A 31 -8.52 -7.78 5.73
C GLU A 31 -7.59 -6.86 4.93
N ILE A 32 -6.31 -7.23 4.83
CA ILE A 32 -5.32 -6.48 4.04
C ILE A 32 -5.79 -6.39 2.58
N ARG A 33 -6.32 -7.47 2.01
CA ARG A 33 -6.86 -7.45 0.67
C ARG A 33 -8.04 -6.46 0.56
N GLU A 34 -8.99 -6.51 1.48
CA GLU A 34 -10.10 -5.56 1.47
C GLU A 34 -9.57 -4.12 1.53
N ALA A 35 -8.66 -3.83 2.46
CA ALA A 35 -8.03 -2.53 2.56
C ALA A 35 -7.39 -2.13 1.22
N PHE A 36 -6.60 -3.03 0.64
CA PHE A 36 -5.97 -2.82 -0.66
C PHE A 36 -7.01 -2.40 -1.70
N ASP A 37 -8.04 -3.25 -1.89
CA ASP A 37 -9.08 -3.02 -2.88
C ASP A 37 -9.78 -1.68 -2.63
N LEU A 38 -10.12 -1.38 -1.38
CA LEU A 38 -10.73 -0.11 -1.02
C LEU A 38 -9.82 1.04 -1.45
N PHE A 39 -8.56 1.01 -1.05
CA PHE A 39 -7.62 2.07 -1.41
C PHE A 39 -7.49 2.18 -2.93
N ASP A 40 -7.50 1.07 -3.65
CA ASP A 40 -7.56 1.06 -5.11
C ASP A 40 -8.98 1.44 -5.57
N THR A 41 -9.43 2.65 -5.19
CA THR A 41 -10.72 3.21 -5.60
C THR A 41 -10.87 3.18 -7.12
N ASP A 42 -9.77 3.42 -7.85
CA ASP A 42 -9.76 3.41 -9.31
C ASP A 42 -10.06 2.02 -9.88
N GLY A 43 -9.83 0.96 -9.10
CA GLY A 43 -9.97 -0.41 -9.57
C GLY A 43 -8.94 -0.75 -10.65
N SER A 44 -7.76 -0.12 -10.61
CA SER A 44 -6.68 -0.37 -11.55
C SER A 44 -6.10 -1.78 -11.41
N GLY A 45 -6.25 -2.37 -10.23
CA GLY A 45 -5.59 -3.61 -9.83
C GLY A 45 -4.33 -3.32 -9.03
N THR A 46 -3.92 -2.05 -8.98
CA THR A 46 -2.76 -1.55 -8.28
C THR A 46 -3.15 -0.19 -7.68
N ILE A 47 -2.62 0.15 -6.50
CA ILE A 47 -2.93 1.42 -5.83
C ILE A 47 -2.01 2.48 -6.44
N ASP A 48 -2.55 3.54 -7.05
CA ASP A 48 -1.73 4.64 -7.55
C ASP A 48 -1.11 5.40 -6.38
N ALA A 49 0.11 5.93 -6.54
CA ALA A 49 0.77 6.80 -5.58
C ALA A 49 -0.21 7.77 -4.88
N LYS A 50 -1.05 8.47 -5.65
CA LYS A 50 -2.04 9.39 -5.11
C LYS A 50 -3.00 8.67 -4.15
N GLU A 51 -3.53 7.52 -4.56
CA GLU A 51 -4.39 6.70 -3.70
C GLU A 51 -3.64 6.26 -2.45
N LEU A 52 -2.35 5.92 -2.59
CA LEU A 52 -1.53 5.56 -1.43
C LEU A 52 -1.39 6.76 -0.48
N LYS A 53 -1.20 7.97 -1.03
CA LYS A 53 -1.17 9.18 -0.22
C LYS A 53 -2.52 9.38 0.50
N VAL A 54 -3.64 9.25 -0.20
CA VAL A 54 -4.97 9.28 0.43
C VAL A 54 -5.02 8.26 1.59
N ALA A 55 -4.62 7.02 1.32
CA ALA A 55 -4.57 5.96 2.32
C ALA A 55 -3.76 6.43 3.54
N MET A 56 -2.53 6.88 3.32
CA MET A 56 -1.66 7.36 4.37
C MET A 56 -2.30 8.50 5.17
N ARG A 57 -2.90 9.48 4.50
CA ARG A 57 -3.68 10.51 5.18
C ARG A 57 -4.76 9.88 6.07
N ALA A 58 -5.57 8.98 5.52
CA ALA A 58 -6.59 8.27 6.29
C ALA A 58 -5.99 7.52 7.49
N LEU A 59 -4.80 6.93 7.31
CA LEU A 59 -4.04 6.24 8.34
C LEU A 59 -3.38 7.23 9.33
N GLY A 60 -3.53 8.53 9.15
CA GLY A 60 -3.00 9.54 10.05
C GLY A 60 -1.49 9.77 9.87
N PHE A 61 -0.96 9.49 8.69
CA PHE A 61 0.42 9.85 8.34
C PHE A 61 0.46 11.35 8.01
N GLU A 62 1.69 11.89 7.96
CA GLU A 62 1.97 13.22 7.45
C GLU A 62 2.69 13.03 6.11
N PRO A 63 2.08 13.33 4.96
CA PRO A 63 2.70 13.27 3.63
C PRO A 63 3.96 14.12 3.44
N LYS A 64 5.04 13.78 4.15
CA LYS A 64 6.36 14.35 3.95
C LYS A 64 6.88 13.87 2.60
N LYS A 65 6.59 14.64 1.55
CA LYS A 65 6.85 14.33 0.14
C LYS A 65 8.10 13.46 -0.09
N GLU A 66 9.24 13.87 0.46
CA GLU A 66 10.51 13.17 0.29
C GLU A 66 10.42 11.76 0.88
N GLU A 67 9.93 11.65 2.12
CA GLU A 67 9.76 10.39 2.82
C GLU A 67 8.79 9.50 2.04
N ILE A 68 7.67 10.08 1.62
CA ILE A 68 6.66 9.40 0.81
C ILE A 68 7.31 8.84 -0.45
N LYS A 69 8.02 9.67 -1.21
CA LYS A 69 8.68 9.28 -2.43
C LYS A 69 9.66 8.14 -2.17
N LYS A 70 10.52 8.29 -1.17
CA LYS A 70 11.48 7.25 -0.79
C LYS A 70 10.74 5.93 -0.51
N MET A 71 9.78 5.94 0.42
CA MET A 71 9.00 4.76 0.75
C MET A 71 8.42 4.13 -0.52
N ILE A 72 7.64 4.90 -1.28
CA ILE A 72 7.02 4.45 -2.51
C ILE A 72 8.07 3.79 -3.40
N SER A 73 9.20 4.45 -3.64
CA SER A 73 10.24 3.90 -4.49
C SER A 73 10.75 2.56 -3.95
N GLU A 74 11.07 2.48 -2.66
CA GLU A 74 11.53 1.25 -2.05
C GLU A 74 10.49 0.13 -2.24
N ILE A 75 9.21 0.42 -2.02
CA ILE A 75 8.15 -0.58 -2.16
C ILE A 75 7.91 -0.93 -3.64
N ASP A 76 8.05 0.05 -4.54
CA ASP A 76 7.66 -0.08 -5.94
C ASP A 76 8.71 -0.84 -6.73
N LYS A 77 8.80 -2.15 -6.53
CA LYS A 77 9.65 -3.04 -7.30
C LYS A 77 9.20 -3.13 -8.76
N ASP A 78 7.88 -3.17 -8.99
CA ASP A 78 7.28 -3.49 -10.28
C ASP A 78 6.20 -2.48 -10.68
N GLY A 79 5.34 -2.11 -9.73
CA GLY A 79 4.13 -1.33 -9.96
C GLY A 79 4.27 0.00 -10.71
N SER A 80 5.50 0.55 -10.83
CA SER A 80 5.82 1.69 -11.68
C SER A 80 4.84 2.85 -11.53
N GLY A 81 4.81 3.47 -10.35
CA GLY A 81 3.90 4.56 -10.04
C GLY A 81 2.66 4.05 -9.30
N THR A 82 2.29 2.78 -9.50
CA THR A 82 1.29 2.11 -8.71
C THR A 82 1.98 1.11 -7.78
N ILE A 83 1.22 0.54 -6.83
CA ILE A 83 1.66 -0.46 -5.88
C ILE A 83 0.77 -1.69 -6.07
N ASP A 84 1.37 -2.83 -6.44
CA ASP A 84 0.66 -4.10 -6.56
C ASP A 84 0.29 -4.65 -5.18
N PHE A 85 -0.72 -5.52 -5.12
CA PHE A 85 -1.15 -6.17 -3.89
C PHE A 85 0.02 -6.73 -3.08
N GLU A 86 0.91 -7.49 -3.71
CA GLU A 86 2.04 -8.10 -3.01
C GLU A 86 2.95 -7.03 -2.41
N GLU A 87 3.17 -5.94 -3.14
CA GLU A 87 3.99 -4.82 -2.70
C GLU A 87 3.32 -4.11 -1.51
N PHE A 88 2.02 -3.85 -1.62
CA PHE A 88 1.23 -3.29 -0.54
C PHE A 88 1.32 -4.19 0.70
N LEU A 89 1.16 -5.49 0.52
CA LEU A 89 1.29 -6.48 1.58
C LEU A 89 2.69 -6.35 2.20
N THR A 90 3.73 -6.24 1.38
CA THR A 90 5.10 -5.98 1.88
C THR A 90 5.12 -4.74 2.78
N MET A 91 4.63 -3.61 2.27
CA MET A 91 4.58 -2.36 3.02
C MET A 91 3.89 -2.56 4.36
N MET A 92 2.68 -3.15 4.33
CA MET A 92 1.89 -3.41 5.52
C MET A 92 2.69 -4.27 6.50
N THR A 93 3.29 -5.36 6.02
CA THR A 93 4.14 -6.23 6.84
C THR A 93 5.25 -5.42 7.50
N ALA A 94 5.95 -4.59 6.72
CA ALA A 94 7.03 -3.75 7.24
C ALA A 94 6.51 -2.76 8.30
N LYS A 95 5.34 -2.16 8.04
CA LYS A 95 4.73 -1.20 8.94
C LYS A 95 4.34 -1.86 10.28
N MET A 96 3.70 -3.03 10.23
CA MET A 96 3.29 -3.75 11.43
C MET A 96 4.52 -4.13 12.26
N ARG A 21 -2.01 -17.85 7.58
CA ARG A 21 -1.28 -18.75 8.50
C ARG A 21 0.23 -18.52 8.48
N VAL A 22 0.75 -17.82 7.47
CA VAL A 22 2.16 -17.51 7.34
C VAL A 22 2.52 -16.36 8.30
N GLY A 23 2.38 -16.60 9.61
CA GLY A 23 2.47 -15.57 10.62
C GLY A 23 1.20 -14.73 10.55
N LEU A 24 1.04 -13.97 9.47
CA LEU A 24 -0.21 -13.29 9.16
C LEU A 24 -1.27 -14.36 8.88
N THR A 25 -2.37 -14.33 9.63
CA THR A 25 -3.49 -15.22 9.42
C THR A 25 -4.15 -14.93 8.06
N GLU A 26 -4.94 -15.88 7.56
CA GLU A 26 -5.78 -15.66 6.40
C GLU A 26 -6.68 -14.44 6.65
N GLU A 27 -7.24 -14.34 7.85
CA GLU A 27 -8.00 -13.18 8.29
C GLU A 27 -7.20 -11.90 8.05
N GLN A 28 -5.99 -11.79 8.61
CA GLN A 28 -5.15 -10.62 8.40
C GLN A 28 -4.91 -10.35 6.91
N LYS A 29 -4.52 -11.37 6.15
CA LYS A 29 -4.26 -11.18 4.73
C LYS A 29 -5.51 -10.68 4.00
N GLN A 30 -6.69 -11.23 4.33
CA GLN A 30 -7.95 -10.72 3.81
C GLN A 30 -8.14 -9.25 4.19
N GLU A 31 -8.01 -8.90 5.46
CA GLU A 31 -8.12 -7.51 5.90
C GLU A 31 -7.21 -6.60 5.06
N ILE A 32 -5.94 -6.98 4.89
CA ILE A 32 -5.00 -6.24 4.07
C ILE A 32 -5.50 -6.15 2.61
N ARG A 33 -5.99 -7.26 2.05
CA ARG A 33 -6.54 -7.31 0.70
C ARG A 33 -7.75 -6.39 0.53
N GLU A 34 -8.63 -6.35 1.52
CA GLU A 34 -9.81 -5.48 1.52
C GLU A 34 -9.39 -4.02 1.64
N ALA A 35 -8.45 -3.71 2.56
CA ALA A 35 -7.88 -2.37 2.66
C ALA A 35 -7.31 -1.95 1.31
N PHE A 36 -6.50 -2.83 0.69
CA PHE A 36 -5.95 -2.62 -0.63
C PHE A 36 -7.09 -2.30 -1.63
N ASP A 37 -8.12 -3.13 -1.66
CA ASP A 37 -9.29 -2.92 -2.52
C ASP A 37 -9.87 -1.51 -2.31
N LEU A 38 -10.17 -1.14 -1.07
CA LEU A 38 -10.72 0.17 -0.73
C LEU A 38 -9.80 1.26 -1.30
N PHE A 39 -8.51 1.20 -0.96
CA PHE A 39 -7.55 2.20 -1.38
C PHE A 39 -7.48 2.29 -2.90
N ASP A 40 -7.55 1.16 -3.60
CA ASP A 40 -7.67 1.14 -5.06
C ASP A 40 -9.09 1.55 -5.47
N THR A 41 -9.50 2.77 -5.10
CA THR A 41 -10.82 3.33 -5.38
C THR A 41 -11.17 3.21 -6.87
N ASP A 42 -10.20 3.49 -7.75
CA ASP A 42 -10.40 3.41 -9.19
C ASP A 42 -10.62 1.97 -9.66
N GLY A 43 -10.16 0.98 -8.89
CA GLY A 43 -10.20 -0.43 -9.29
C GLY A 43 -9.20 -0.70 -10.41
N SER A 44 -8.04 -0.03 -10.38
CA SER A 44 -7.01 -0.18 -11.41
C SER A 44 -6.31 -1.54 -11.32
N GLY A 45 -6.44 -2.25 -10.20
CA GLY A 45 -5.69 -3.47 -9.91
C GLY A 45 -4.50 -3.14 -9.02
N THR A 46 -3.83 -2.02 -9.30
CA THR A 46 -2.71 -1.50 -8.55
C THR A 46 -3.10 -0.14 -7.93
N ILE A 47 -2.65 0.14 -6.71
CA ILE A 47 -2.92 1.42 -6.04
C ILE A 47 -2.05 2.48 -6.68
N ASP A 48 -2.63 3.58 -7.19
CA ASP A 48 -1.84 4.70 -7.68
C ASP A 48 -1.21 5.45 -6.49
N ALA A 49 -0.01 6.01 -6.68
CA ALA A 49 0.64 6.89 -5.70
C ALA A 49 -0.34 7.80 -4.96
N LYS A 50 -1.21 8.51 -5.68
CA LYS A 50 -2.22 9.39 -5.08
C LYS A 50 -3.12 8.62 -4.12
N GLU A 51 -3.61 7.46 -4.55
CA GLU A 51 -4.44 6.59 -3.71
C GLU A 51 -3.65 6.14 -2.48
N LEU A 52 -2.36 5.82 -2.64
CA LEU A 52 -1.52 5.47 -1.49
C LEU A 52 -1.43 6.66 -0.53
N LYS A 53 -1.23 7.87 -1.05
CA LYS A 53 -1.20 9.08 -0.23
C LYS A 53 -2.53 9.25 0.51
N VAL A 54 -3.67 9.09 -0.17
CA VAL A 54 -4.98 9.07 0.50
C VAL A 54 -4.98 8.04 1.63
N ALA A 55 -4.57 6.81 1.34
CA ALA A 55 -4.52 5.74 2.32
C ALA A 55 -3.72 6.17 3.54
N MET A 56 -2.49 6.63 3.34
CA MET A 56 -1.61 7.07 4.41
C MET A 56 -2.22 8.23 5.19
N ARG A 57 -2.83 9.20 4.51
CA ARG A 57 -3.54 10.27 5.18
C ARG A 57 -4.63 9.68 6.09
N ALA A 58 -5.44 8.75 5.57
CA ALA A 58 -6.48 8.06 6.33
C ALA A 58 -5.87 7.29 7.52
N LEU A 59 -4.71 6.67 7.32
CA LEU A 59 -3.94 6.01 8.37
C LEU A 59 -3.34 7.03 9.37
N GLY A 60 -3.55 8.33 9.17
CA GLY A 60 -3.15 9.38 10.09
C GLY A 60 -1.72 9.86 9.85
N PHE A 61 -1.08 9.41 8.77
CA PHE A 61 0.30 9.78 8.49
C PHE A 61 0.35 11.23 8.01
N GLU A 62 1.54 11.84 8.05
CA GLU A 62 1.80 13.15 7.47
C GLU A 62 2.59 12.93 6.17
N PRO A 63 1.95 12.81 5.00
CA PRO A 63 2.64 12.47 3.77
C PRO A 63 3.47 13.63 3.22
N LYS A 64 4.63 13.88 3.85
CA LYS A 64 5.63 14.82 3.37
C LYS A 64 6.20 14.33 2.04
N LYS A 65 6.11 15.17 1.01
CA LYS A 65 6.38 14.85 -0.39
C LYS A 65 7.64 14.01 -0.58
N GLU A 66 8.79 14.51 -0.13
CA GLU A 66 10.08 13.90 -0.39
C GLU A 66 10.13 12.49 0.21
N GLU A 67 9.75 12.39 1.48
CA GLU A 67 9.71 11.14 2.23
C GLU A 67 8.80 10.16 1.51
N ILE A 68 7.61 10.60 1.12
CA ILE A 68 6.64 9.77 0.41
C ILE A 68 7.21 9.30 -0.93
N LYS A 69 7.81 10.19 -1.72
CA LYS A 69 8.44 9.81 -2.98
C LYS A 69 9.50 8.72 -2.73
N LYS A 70 10.38 8.93 -1.75
CA LYS A 70 11.40 7.97 -1.41
C LYS A 70 10.77 6.62 -1.04
N MET A 71 9.85 6.61 -0.07
CA MET A 71 9.11 5.45 0.38
C MET A 71 8.49 4.71 -0.80
N ILE A 72 7.66 5.40 -1.58
CA ILE A 72 7.03 4.85 -2.77
C ILE A 72 8.09 4.20 -3.66
N SER A 73 9.18 4.93 -3.98
CA SER A 73 10.23 4.39 -4.83
C SER A 73 10.83 3.11 -4.26
N GLU A 74 11.15 3.09 -2.97
CA GLU A 74 11.68 1.90 -2.31
C GLU A 74 10.72 0.71 -2.46
N ILE A 75 9.42 0.92 -2.22
CA ILE A 75 8.43 -0.14 -2.32
C ILE A 75 8.19 -0.53 -3.79
N ASP A 76 8.25 0.42 -4.71
CA ASP A 76 7.85 0.22 -6.10
C ASP A 76 8.92 -0.54 -6.87
N LYS A 77 8.99 -1.85 -6.64
CA LYS A 77 9.85 -2.74 -7.40
C LYS A 77 9.38 -2.86 -8.86
N ASP A 78 8.08 -3.11 -9.04
CA ASP A 78 7.47 -3.47 -10.32
C ASP A 78 6.27 -2.59 -10.68
N GLY A 79 5.58 -2.06 -9.67
CA GLY A 79 4.31 -1.35 -9.84
C GLY A 79 4.40 -0.11 -10.75
N SER A 80 5.60 0.41 -10.98
CA SER A 80 5.89 1.45 -11.96
C SER A 80 4.93 2.64 -11.84
N GLY A 81 4.95 3.33 -10.69
CA GLY A 81 4.07 4.45 -10.42
C GLY A 81 2.85 4.02 -9.62
N THR A 82 2.40 2.77 -9.79
CA THR A 82 1.38 2.16 -8.94
C THR A 82 2.07 1.22 -7.95
N ILE A 83 1.29 0.65 -7.03
CA ILE A 83 1.72 -0.33 -6.04
C ILE A 83 0.79 -1.55 -6.19
N ASP A 84 1.36 -2.71 -6.53
CA ASP A 84 0.64 -3.97 -6.63
C ASP A 84 0.28 -4.50 -5.24
N PHE A 85 -0.73 -5.39 -5.18
CA PHE A 85 -1.13 -6.05 -3.95
C PHE A 85 0.07 -6.64 -3.22
N GLU A 86 0.94 -7.38 -3.91
CA GLU A 86 2.11 -7.99 -3.30
C GLU A 86 3.02 -6.93 -2.68
N GLU A 87 3.33 -5.87 -3.44
CA GLU A 87 4.16 -4.77 -2.98
C GLU A 87 3.53 -4.14 -1.72
N PHE A 88 2.23 -3.87 -1.77
CA PHE A 88 1.48 -3.33 -0.63
C PHE A 88 1.58 -4.26 0.58
N LEU A 89 1.34 -5.55 0.40
CA LEU A 89 1.42 -6.55 1.46
C LEU A 89 2.83 -6.51 2.07
N THR A 90 3.86 -6.50 1.22
CA THR A 90 5.23 -6.40 1.66
C THR A 90 5.44 -5.13 2.51
N MET A 91 5.04 -3.97 1.99
CA MET A 91 5.13 -2.70 2.69
C MET A 91 4.47 -2.80 4.08
N MET A 92 3.22 -3.24 4.10
CA MET A 92 2.44 -3.41 5.32
C MET A 92 3.21 -4.28 6.31
N THR A 93 3.61 -5.47 5.88
CA THR A 93 4.38 -6.40 6.70
C THR A 93 5.63 -5.70 7.25
N ALA A 94 6.38 -5.01 6.39
CA ALA A 94 7.62 -4.35 6.74
C ALA A 94 7.46 -3.26 7.82
N LYS A 95 6.22 -2.85 8.15
CA LYS A 95 6.00 -1.97 9.29
C LYS A 95 6.47 -2.62 10.59
N MET A 96 6.40 -3.96 10.68
CA MET A 96 6.97 -4.72 11.78
C MET A 96 8.27 -5.41 11.34
N ARG A 21 4.95 -16.70 15.41
CA ARG A 21 3.67 -16.50 16.12
C ARG A 21 3.00 -15.22 15.59
N VAL A 22 3.58 -14.06 15.91
CA VAL A 22 3.14 -12.79 15.34
C VAL A 22 3.48 -12.76 13.85
N GLY A 23 2.59 -12.22 13.02
CA GLY A 23 2.73 -12.23 11.58
C GLY A 23 1.40 -11.78 10.96
N LEU A 24 1.18 -12.12 9.69
CA LEU A 24 -0.08 -11.88 9.00
C LEU A 24 -0.89 -13.17 8.92
N THR A 25 -1.92 -13.30 9.75
CA THR A 25 -2.89 -14.38 9.61
C THR A 25 -3.64 -14.27 8.29
N GLU A 26 -4.35 -15.33 7.89
CA GLU A 26 -5.24 -15.28 6.76
C GLU A 26 -6.22 -14.11 6.91
N GLU A 27 -6.80 -13.96 8.11
CA GLU A 27 -7.67 -12.84 8.44
C GLU A 27 -7.00 -11.52 8.09
N GLN A 28 -5.81 -11.26 8.63
CA GLN A 28 -5.07 -10.06 8.31
C GLN A 28 -4.87 -9.91 6.81
N LYS A 29 -4.51 -10.97 6.10
CA LYS A 29 -4.37 -10.90 4.64
C LYS A 29 -5.69 -10.52 3.97
N GLN A 30 -6.84 -11.05 4.44
CA GLN A 30 -8.13 -10.64 3.89
C GLN A 30 -8.34 -9.15 4.13
N GLU A 31 -8.13 -8.69 5.37
CA GLU A 31 -8.25 -7.29 5.73
C GLU A 31 -7.39 -6.43 4.80
N ILE A 32 -6.12 -6.81 4.62
CA ILE A 32 -5.18 -6.13 3.72
C ILE A 32 -5.74 -6.11 2.29
N ARG A 33 -6.29 -7.23 1.80
CA ARG A 33 -6.89 -7.27 0.48
C ARG A 33 -8.04 -6.27 0.38
N GLU A 34 -8.99 -6.31 1.32
CA GLU A 34 -10.12 -5.39 1.31
C GLU A 34 -9.63 -3.93 1.34
N ALA A 35 -8.69 -3.63 2.23
CA ALA A 35 -8.07 -2.31 2.31
C ALA A 35 -7.50 -1.91 0.94
N PHE A 36 -6.67 -2.78 0.34
CA PHE A 36 -6.10 -2.54 -0.97
C PHE A 36 -7.20 -2.18 -1.98
N ASP A 37 -8.20 -3.07 -2.07
CA ASP A 37 -9.30 -2.96 -3.00
C ASP A 37 -9.99 -1.60 -2.85
N LEU A 38 -10.34 -1.24 -1.60
CA LEU A 38 -10.93 0.06 -1.29
C LEU A 38 -10.02 1.19 -1.75
N PHE A 39 -8.75 1.16 -1.34
CA PHE A 39 -7.80 2.21 -1.65
C PHE A 39 -7.64 2.38 -3.16
N ASP A 40 -7.71 1.29 -3.93
CA ASP A 40 -7.76 1.36 -5.39
C ASP A 40 -9.14 1.86 -5.86
N THR A 41 -9.54 3.05 -5.41
CA THR A 41 -10.79 3.69 -5.77
C THR A 41 -10.93 3.81 -7.29
N ASP A 42 -9.82 4.09 -7.99
CA ASP A 42 -9.78 4.19 -9.44
C ASP A 42 -10.06 2.85 -10.12
N GLY A 43 -9.92 1.73 -9.40
CA GLY A 43 -10.08 0.40 -9.97
C GLY A 43 -9.01 0.12 -11.05
N SER A 44 -7.82 0.69 -10.89
CA SER A 44 -6.73 0.54 -11.83
C SER A 44 -6.07 -0.84 -11.75
N GLY A 45 -6.33 -1.57 -10.66
CA GLY A 45 -5.70 -2.85 -10.37
C GLY A 45 -4.50 -2.62 -9.45
N THR A 46 -3.76 -1.55 -9.71
CA THR A 46 -2.68 -1.06 -8.87
C THR A 46 -3.16 0.21 -8.16
N ILE A 47 -2.72 0.43 -6.91
CA ILE A 47 -3.02 1.65 -6.17
C ILE A 47 -2.09 2.74 -6.68
N ASP A 48 -2.63 3.85 -7.21
CA ASP A 48 -1.80 4.97 -7.62
C ASP A 48 -1.10 5.60 -6.41
N ALA A 49 0.11 6.11 -6.58
CA ALA A 49 0.84 6.85 -5.55
C ALA A 49 -0.06 7.77 -4.72
N LYS A 50 -0.89 8.58 -5.40
CA LYS A 50 -1.83 9.49 -4.74
C LYS A 50 -2.82 8.73 -3.87
N GLU A 51 -3.39 7.63 -4.38
CA GLU A 51 -4.29 6.79 -3.62
C GLU A 51 -3.56 6.24 -2.39
N LEU A 52 -2.31 5.80 -2.53
CA LEU A 52 -1.55 5.33 -1.37
C LEU A 52 -1.37 6.47 -0.36
N LYS A 53 -1.06 7.68 -0.84
CA LYS A 53 -0.91 8.83 0.03
C LYS A 53 -2.20 9.11 0.80
N VAL A 54 -3.35 9.12 0.11
CA VAL A 54 -4.67 9.19 0.75
C VAL A 54 -4.85 8.03 1.73
N ALA A 55 -4.44 6.81 1.37
CA ALA A 55 -4.55 5.66 2.26
C ALA A 55 -3.81 5.92 3.56
N MET A 56 -2.52 6.27 3.49
CA MET A 56 -1.70 6.59 4.64
C MET A 56 -2.33 7.73 5.45
N ARG A 57 -2.75 8.80 4.77
CA ARG A 57 -3.49 9.87 5.41
C ARG A 57 -4.67 9.32 6.22
N ALA A 58 -5.55 8.52 5.60
CA ALA A 58 -6.70 7.91 6.26
C ALA A 58 -6.26 7.02 7.43
N LEU A 59 -5.17 6.27 7.26
CA LEU A 59 -4.56 5.45 8.30
C LEU A 59 -3.98 6.31 9.45
N GLY A 60 -3.98 7.64 9.32
CA GLY A 60 -3.56 8.55 10.37
C GLY A 60 -2.09 8.94 10.27
N PHE A 61 -1.45 8.69 9.12
CA PHE A 61 -0.10 9.17 8.87
C PHE A 61 -0.14 10.67 8.56
N GLU A 62 1.04 11.29 8.60
CA GLU A 62 1.30 12.64 8.14
C GLU A 62 2.24 12.48 6.94
N PRO A 63 1.74 12.51 5.70
CA PRO A 63 2.52 12.24 4.50
C PRO A 63 3.78 13.10 4.33
N LYS A 64 4.90 12.63 4.89
CA LYS A 64 6.22 13.22 4.68
C LYS A 64 6.65 13.02 3.22
N LYS A 65 6.17 13.91 2.35
CA LYS A 65 6.24 13.86 0.89
C LYS A 65 7.49 13.16 0.34
N GLU A 66 8.69 13.64 0.69
CA GLU A 66 9.92 13.10 0.11
C GLU A 66 10.09 11.62 0.47
N GLU A 67 9.97 11.31 1.77
CA GLU A 67 10.06 9.95 2.27
C GLU A 67 8.97 9.07 1.64
N ILE A 68 7.75 9.60 1.58
CA ILE A 68 6.62 8.94 0.93
C ILE A 68 6.99 8.56 -0.51
N LYS A 69 7.45 9.52 -1.31
CA LYS A 69 7.84 9.29 -2.69
C LYS A 69 8.94 8.23 -2.77
N LYS A 70 9.99 8.35 -1.96
CA LYS A 70 11.07 7.37 -1.93
C LYS A 70 10.51 5.97 -1.65
N MET A 71 9.77 5.81 -0.55
CA MET A 71 9.17 4.54 -0.17
C MET A 71 8.35 3.98 -1.33
N ILE A 72 7.39 4.77 -1.83
CA ILE A 72 6.55 4.39 -2.97
C ILE A 72 7.43 3.86 -4.10
N SER A 73 8.47 4.61 -4.47
CA SER A 73 9.38 4.20 -5.54
C SER A 73 10.03 2.84 -5.22
N GLU A 74 10.57 2.70 -4.01
CA GLU A 74 11.21 1.46 -3.58
C GLU A 74 10.25 0.27 -3.67
N ILE A 75 8.99 0.45 -3.26
CA ILE A 75 7.99 -0.60 -3.33
C ILE A 75 7.52 -0.83 -4.78
N ASP A 76 7.45 0.23 -5.58
CA ASP A 76 6.98 0.19 -6.96
C ASP A 76 8.06 -0.40 -7.87
N LYS A 77 8.24 -1.73 -7.81
CA LYS A 77 9.31 -2.44 -8.48
C LYS A 77 9.37 -2.21 -9.99
N ASP A 78 8.28 -1.80 -10.64
CA ASP A 78 8.23 -1.59 -12.08
C ASP A 78 8.14 -0.10 -12.42
N GLY A 79 8.23 0.77 -11.41
CA GLY A 79 8.17 2.21 -11.55
C GLY A 79 6.96 2.69 -12.35
N SER A 80 5.79 2.08 -12.12
CA SER A 80 4.55 2.41 -12.82
C SER A 80 3.89 3.67 -12.28
N GLY A 81 4.30 4.13 -11.10
CA GLY A 81 3.63 5.18 -10.34
C GLY A 81 2.53 4.56 -9.47
N THR A 82 2.48 3.22 -9.39
CA THR A 82 1.41 2.49 -8.72
C THR A 82 2.00 1.33 -7.92
N ILE A 83 1.24 0.84 -6.93
CA ILE A 83 1.59 -0.30 -6.09
C ILE A 83 0.63 -1.45 -6.42
N ASP A 84 1.18 -2.59 -6.86
CA ASP A 84 0.40 -3.81 -7.08
C ASP A 84 0.09 -4.49 -5.75
N PHE A 85 -1.00 -5.27 -5.70
CA PHE A 85 -1.42 -5.98 -4.50
C PHE A 85 -0.29 -6.81 -3.88
N GLU A 86 0.50 -7.51 -4.70
CA GLU A 86 1.63 -8.28 -4.20
C GLU A 86 2.65 -7.37 -3.50
N GLU A 87 2.98 -6.24 -4.13
CA GLU A 87 3.92 -5.28 -3.57
C GLU A 87 3.38 -4.73 -2.26
N PHE A 88 2.09 -4.34 -2.24
CA PHE A 88 1.40 -3.86 -1.04
C PHE A 88 1.47 -4.90 0.07
N LEU A 89 1.12 -6.15 -0.24
CA LEU A 89 1.16 -7.26 0.70
C LEU A 89 2.59 -7.42 1.24
N THR A 90 3.60 -7.36 0.37
CA THR A 90 4.99 -7.43 0.80
C THR A 90 5.30 -6.28 1.78
N MET A 91 4.94 -5.05 1.42
CA MET A 91 5.13 -3.87 2.25
C MET A 91 4.48 -4.07 3.63
N MET A 92 3.24 -4.55 3.65
CA MET A 92 2.58 -4.93 4.89
C MET A 92 3.41 -5.95 5.67
N THR A 93 3.74 -7.08 5.03
CA THR A 93 4.51 -8.16 5.64
C THR A 93 5.82 -7.66 6.25
N ALA A 94 6.48 -6.72 5.57
CA ALA A 94 7.72 -6.12 6.09
C ALA A 94 7.50 -5.48 7.46
N LYS A 95 6.34 -4.85 7.68
CA LYS A 95 6.02 -4.24 8.98
C LYS A 95 5.49 -5.31 9.94
N MET A 96 4.52 -6.09 9.47
CA MET A 96 3.73 -7.07 10.23
C MET A 96 3.27 -6.58 11.61
N ARG A 21 1.48 -18.98 9.86
CA ARG A 21 1.67 -17.88 8.90
C ARG A 21 2.76 -16.92 9.37
N VAL A 22 3.18 -16.03 8.46
CA VAL A 22 4.04 -14.90 8.79
C VAL A 22 3.25 -13.91 9.64
N GLY A 23 3.89 -12.80 10.06
CA GLY A 23 3.29 -11.73 10.85
C GLY A 23 1.88 -11.35 10.38
N LEU A 24 1.64 -11.41 9.07
CA LEU A 24 0.32 -11.29 8.48
C LEU A 24 -0.39 -12.65 8.50
N THR A 25 -1.31 -12.86 9.46
CA THR A 25 -2.19 -14.02 9.42
C THR A 25 -3.11 -13.93 8.21
N GLU A 26 -3.82 -15.02 7.90
CA GLU A 26 -4.84 -15.01 6.86
C GLU A 26 -5.83 -13.87 7.09
N GLU A 27 -6.28 -13.71 8.33
CA GLU A 27 -7.18 -12.64 8.73
C GLU A 27 -6.60 -11.27 8.33
N GLN A 28 -5.37 -10.99 8.77
CA GLN A 28 -4.70 -9.75 8.38
C GLN A 28 -4.63 -9.63 6.86
N LYS A 29 -4.30 -10.70 6.14
CA LYS A 29 -4.27 -10.65 4.67
C LYS A 29 -5.66 -10.31 4.10
N GLN A 30 -6.75 -10.83 4.67
CA GLN A 30 -8.09 -10.47 4.21
C GLN A 30 -8.31 -8.96 4.42
N GLU A 31 -8.04 -8.48 5.63
CA GLU A 31 -8.16 -7.07 5.97
C GLU A 31 -7.37 -6.22 4.97
N ILE A 32 -6.11 -6.58 4.74
CA ILE A 32 -5.21 -5.90 3.82
C ILE A 32 -5.77 -5.94 2.40
N ARG A 33 -6.33 -7.07 1.96
CA ARG A 33 -6.96 -7.14 0.64
C ARG A 33 -8.14 -6.17 0.55
N GLU A 34 -9.01 -6.16 1.57
CA GLU A 34 -10.14 -5.25 1.62
C GLU A 34 -9.64 -3.80 1.51
N ALA A 35 -8.72 -3.43 2.40
CA ALA A 35 -8.12 -2.09 2.41
C ALA A 35 -7.54 -1.77 1.03
N PHE A 36 -6.75 -2.68 0.46
CA PHE A 36 -6.17 -2.54 -0.86
C PHE A 36 -7.24 -2.19 -1.89
N ASP A 37 -8.27 -3.04 -1.99
CA ASP A 37 -9.38 -2.86 -2.91
C ASP A 37 -10.02 -1.49 -2.73
N LEU A 38 -10.34 -1.12 -1.49
CA LEU A 38 -10.91 0.18 -1.18
C LEU A 38 -10.01 1.30 -1.68
N PHE A 39 -8.74 1.29 -1.28
CA PHE A 39 -7.79 2.32 -1.66
C PHE A 39 -7.63 2.40 -3.17
N ASP A 40 -7.70 1.25 -3.87
CA ASP A 40 -7.77 1.20 -5.32
C ASP A 40 -9.16 1.66 -5.81
N THR A 41 -9.54 2.89 -5.45
CA THR A 41 -10.78 3.51 -5.88
C THR A 41 -10.90 3.52 -7.41
N ASP A 42 -9.78 3.72 -8.11
CA ASP A 42 -9.72 3.71 -9.56
C ASP A 42 -10.02 2.32 -10.14
N GLY A 43 -9.94 1.25 -9.34
CA GLY A 43 -10.17 -0.11 -9.80
C GLY A 43 -9.12 -0.55 -10.81
N SER A 44 -7.89 -0.04 -10.70
CA SER A 44 -6.78 -0.35 -11.58
C SER A 44 -6.06 -1.64 -11.19
N GLY A 45 -6.59 -2.35 -10.20
CA GLY A 45 -6.00 -3.55 -9.61
C GLY A 45 -4.66 -3.26 -8.95
N THR A 46 -4.32 -1.99 -8.78
CA THR A 46 -3.03 -1.47 -8.38
C THR A 46 -3.33 -0.09 -7.78
N ILE A 47 -2.74 0.24 -6.64
CA ILE A 47 -2.97 1.52 -5.98
C ILE A 47 -2.04 2.56 -6.60
N ASP A 48 -2.58 3.59 -7.26
CA ASP A 48 -1.75 4.68 -7.75
C ASP A 48 -1.11 5.42 -6.56
N ALA A 49 0.13 5.90 -6.71
CA ALA A 49 0.81 6.72 -5.70
C ALA A 49 -0.13 7.73 -5.01
N LYS A 50 -0.94 8.46 -5.80
CA LYS A 50 -1.92 9.40 -5.29
C LYS A 50 -2.87 8.72 -4.30
N GLU A 51 -3.46 7.60 -4.71
CA GLU A 51 -4.33 6.80 -3.86
C GLU A 51 -3.59 6.35 -2.61
N LEU A 52 -2.30 5.99 -2.74
CA LEU A 52 -1.53 5.57 -1.57
C LEU A 52 -1.35 6.73 -0.57
N LYS A 53 -0.97 7.93 -1.02
CA LYS A 53 -0.89 9.05 -0.08
C LYS A 53 -2.25 9.37 0.54
N VAL A 54 -3.34 9.30 -0.23
CA VAL A 54 -4.69 9.41 0.32
C VAL A 54 -4.90 8.35 1.42
N ALA A 55 -4.58 7.10 1.11
CA ALA A 55 -4.70 5.98 2.04
C ALA A 55 -3.95 6.29 3.32
N MET A 56 -2.68 6.66 3.21
CA MET A 56 -1.87 7.03 4.37
C MET A 56 -2.51 8.19 5.14
N ARG A 57 -3.03 9.20 4.45
CA ARG A 57 -3.79 10.27 5.09
C ARG A 57 -4.92 9.66 5.95
N ALA A 58 -5.77 8.84 5.33
CA ALA A 58 -6.88 8.17 6.02
C ALA A 58 -6.40 7.33 7.20
N LEU A 59 -5.26 6.64 7.04
CA LEU A 59 -4.62 5.84 8.08
C LEU A 59 -4.00 6.70 9.20
N GLY A 60 -3.98 8.03 9.07
CA GLY A 60 -3.50 8.90 10.12
C GLY A 60 -2.00 9.18 10.03
N PHE A 61 -1.40 9.01 8.84
CA PHE A 61 0.00 9.36 8.63
C PHE A 61 0.15 10.88 8.50
N GLU A 62 1.39 11.34 8.28
CA GLU A 62 1.72 12.71 7.91
C GLU A 62 2.49 12.60 6.59
N PRO A 63 1.88 12.90 5.43
CA PRO A 63 2.52 12.83 4.12
C PRO A 63 3.75 13.74 3.94
N LYS A 64 4.86 13.42 4.62
CA LYS A 64 6.16 14.04 4.40
C LYS A 64 6.65 13.64 3.02
N LYS A 65 6.29 14.43 2.00
CA LYS A 65 6.53 14.20 0.58
C LYS A 65 7.81 13.44 0.25
N GLU A 66 8.96 13.85 0.80
CA GLU A 66 10.24 13.19 0.55
C GLU A 66 10.20 11.73 1.03
N GLU A 67 9.72 11.51 2.25
CA GLU A 67 9.66 10.20 2.85
C GLU A 67 8.62 9.34 2.14
N ILE A 68 7.47 9.95 1.81
CA ILE A 68 6.45 9.32 0.99
C ILE A 68 7.08 8.82 -0.32
N LYS A 69 7.70 9.72 -1.08
CA LYS A 69 8.33 9.40 -2.34
C LYS A 69 9.34 8.26 -2.17
N LYS A 70 10.24 8.39 -1.20
CA LYS A 70 11.25 7.38 -0.92
C LYS A 70 10.58 6.02 -0.70
N MET A 71 9.67 5.94 0.29
CA MET A 71 9.01 4.71 0.64
C MET A 71 8.30 4.12 -0.59
N ILE A 72 7.45 4.92 -1.24
CA ILE A 72 6.75 4.50 -2.45
C ILE A 72 7.74 3.91 -3.44
N SER A 73 8.85 4.59 -3.72
CA SER A 73 9.85 4.08 -4.64
C SER A 73 10.40 2.73 -4.18
N GLU A 74 10.78 2.62 -2.91
CA GLU A 74 11.30 1.37 -2.36
C GLU A 74 10.30 0.22 -2.52
N ILE A 75 9.02 0.47 -2.21
CA ILE A 75 7.98 -0.53 -2.34
C ILE A 75 7.66 -0.81 -3.82
N ASP A 76 7.75 0.21 -4.68
CA ASP A 76 7.45 0.10 -6.10
C ASP A 76 8.58 -0.61 -6.83
N LYS A 77 8.71 -1.91 -6.57
CA LYS A 77 9.64 -2.79 -7.26
C LYS A 77 9.34 -2.83 -8.75
N ASP A 78 8.05 -2.89 -9.13
CA ASP A 78 7.60 -3.14 -10.49
C ASP A 78 6.36 -2.33 -10.89
N GLY A 79 5.51 -1.95 -9.93
CA GLY A 79 4.22 -1.32 -10.19
C GLY A 79 4.28 0.01 -10.95
N SER A 80 5.46 0.63 -11.08
CA SER A 80 5.73 1.76 -11.95
C SER A 80 4.73 2.90 -11.77
N GLY A 81 4.72 3.52 -10.59
CA GLY A 81 3.80 4.60 -10.26
C GLY A 81 2.58 4.08 -9.51
N THR A 82 2.24 2.81 -9.70
CA THR A 82 1.24 2.12 -8.90
C THR A 82 1.94 1.15 -7.95
N ILE A 83 1.19 0.63 -6.97
CA ILE A 83 1.61 -0.41 -6.04
C ILE A 83 0.62 -1.57 -6.21
N ASP A 84 1.11 -2.71 -6.71
CA ASP A 84 0.34 -3.94 -6.85
C ASP A 84 0.07 -4.57 -5.49
N PHE A 85 -0.96 -5.43 -5.41
CA PHE A 85 -1.30 -6.13 -4.19
C PHE A 85 -0.10 -6.83 -3.56
N GLU A 86 0.73 -7.51 -4.36
CA GLU A 86 1.92 -8.17 -3.85
C GLU A 86 2.87 -7.16 -3.18
N GLU A 87 3.15 -6.05 -3.85
CA GLU A 87 4.01 -5.00 -3.33
C GLU A 87 3.42 -4.43 -2.03
N PHE A 88 2.12 -4.13 -2.04
CA PHE A 88 1.39 -3.64 -0.87
C PHE A 88 1.51 -4.61 0.30
N LEU A 89 1.23 -5.88 0.04
CA LEU A 89 1.34 -6.94 1.03
C LEU A 89 2.78 -7.01 1.56
N THR A 90 3.78 -6.93 0.67
CA THR A 90 5.18 -6.92 1.08
C THR A 90 5.43 -5.76 2.06
N MET A 91 5.00 -4.54 1.70
CA MET A 91 5.09 -3.40 2.60
C MET A 91 4.46 -3.73 3.95
N MET A 92 3.22 -4.25 3.94
CA MET A 92 2.52 -4.58 5.17
C MET A 92 3.31 -5.60 5.99
N THR A 93 3.88 -6.61 5.33
CA THR A 93 4.70 -7.63 5.97
C THR A 93 5.91 -6.97 6.63
N ALA A 94 6.61 -6.09 5.90
CA ALA A 94 7.76 -5.38 6.41
C ALA A 94 7.41 -4.55 7.65
N LYS A 95 6.28 -3.83 7.60
CA LYS A 95 5.82 -3.03 8.72
C LYS A 95 5.41 -3.91 9.91
N MET A 96 4.66 -4.99 9.63
CA MET A 96 4.00 -5.84 10.61
C MET A 96 4.16 -7.30 10.19
N ARG A 21 -0.03 -17.19 9.07
CA ARG A 21 1.18 -18.03 8.88
C ARG A 21 2.44 -17.18 8.99
N VAL A 22 2.79 -16.44 7.94
CA VAL A 22 3.96 -15.57 7.90
C VAL A 22 3.69 -14.30 8.69
N GLY A 23 3.37 -14.43 9.98
CA GLY A 23 2.88 -13.36 10.82
C GLY A 23 1.42 -13.06 10.45
N LEU A 24 1.20 -12.65 9.20
CA LEU A 24 -0.11 -12.41 8.64
C LEU A 24 -0.91 -13.72 8.60
N THR A 25 -1.98 -13.79 9.39
CA THR A 25 -2.97 -14.86 9.32
C THR A 25 -3.75 -14.72 8.01
N GLU A 26 -4.56 -15.72 7.67
CA GLU A 26 -5.51 -15.60 6.58
C GLU A 26 -6.43 -14.40 6.80
N GLU A 27 -6.82 -14.13 8.05
CA GLU A 27 -7.71 -13.03 8.36
C GLU A 27 -7.01 -11.71 8.12
N GLN A 28 -5.77 -11.57 8.60
CA GLN A 28 -4.97 -10.38 8.27
C GLN A 28 -4.82 -10.24 6.75
N LYS A 29 -4.55 -11.33 6.03
CA LYS A 29 -4.44 -11.27 4.58
C LYS A 29 -5.75 -10.79 3.94
N GLN A 30 -6.90 -11.34 4.37
CA GLN A 30 -8.21 -10.86 3.94
C GLN A 30 -8.34 -9.36 4.18
N GLU A 31 -8.11 -8.92 5.42
CA GLU A 31 -8.19 -7.51 5.80
C GLU A 31 -7.30 -6.64 4.90
N ILE A 32 -6.05 -7.06 4.68
CA ILE A 32 -5.13 -6.38 3.79
C ILE A 32 -5.70 -6.31 2.37
N ARG A 33 -6.23 -7.41 1.85
CA ARG A 33 -6.85 -7.41 0.52
C ARG A 33 -8.02 -6.42 0.46
N GLU A 34 -8.89 -6.43 1.47
CA GLU A 34 -10.01 -5.51 1.56
C GLU A 34 -9.51 -4.06 1.55
N ALA A 35 -8.54 -3.74 2.42
CA ALA A 35 -7.93 -2.42 2.48
C ALA A 35 -7.37 -2.03 1.11
N PHE A 36 -6.59 -2.93 0.50
CA PHE A 36 -6.03 -2.73 -0.83
C PHE A 36 -7.11 -2.35 -1.82
N ASP A 37 -8.13 -3.22 -1.95
CA ASP A 37 -9.26 -3.02 -2.84
C ASP A 37 -9.92 -1.66 -2.60
N LEU A 38 -10.22 -1.33 -1.35
CA LEU A 38 -10.82 -0.05 -1.00
C LEU A 38 -9.94 1.09 -1.48
N PHE A 39 -8.66 1.10 -1.08
CA PHE A 39 -7.75 2.16 -1.44
C PHE A 39 -7.60 2.26 -2.97
N ASP A 40 -7.67 1.14 -3.67
CA ASP A 40 -7.71 1.08 -5.13
C ASP A 40 -9.07 1.55 -5.67
N THR A 41 -9.52 2.74 -5.24
CA THR A 41 -10.81 3.31 -5.59
C THR A 41 -11.02 3.35 -7.10
N ASP A 42 -9.95 3.63 -7.85
CA ASP A 42 -9.97 3.71 -9.29
C ASP A 42 -10.31 2.36 -9.95
N GLY A 43 -10.09 1.25 -9.25
CA GLY A 43 -10.29 -0.09 -9.81
C GLY A 43 -9.16 -0.48 -10.75
N SER A 44 -7.98 0.13 -10.59
CA SER A 44 -6.78 -0.10 -11.38
C SER A 44 -6.09 -1.41 -11.00
N GLY A 45 -6.50 -2.02 -9.90
CA GLY A 45 -5.86 -3.20 -9.31
C GLY A 45 -4.42 -2.90 -8.86
N THR A 46 -4.08 -1.61 -8.77
CA THR A 46 -2.75 -1.09 -8.51
C THR A 46 -3.00 0.30 -7.91
N ILE A 47 -2.52 0.54 -6.69
CA ILE A 47 -2.84 1.76 -5.97
C ILE A 47 -1.95 2.87 -6.51
N ASP A 48 -2.56 3.96 -7.01
CA ASP A 48 -1.82 5.13 -7.45
C ASP A 48 -1.26 5.88 -6.22
N ALA A 49 -0.08 6.48 -6.35
CA ALA A 49 0.53 7.35 -5.34
C ALA A 49 -0.51 8.23 -4.63
N LYS A 50 -1.39 8.91 -5.38
CA LYS A 50 -2.44 9.74 -4.81
C LYS A 50 -3.35 8.94 -3.88
N GLU A 51 -3.82 7.77 -4.33
CA GLU A 51 -4.65 6.89 -3.53
C GLU A 51 -3.87 6.46 -2.27
N LEU A 52 -2.59 6.13 -2.42
CA LEU A 52 -1.76 5.76 -1.28
C LEU A 52 -1.63 6.94 -0.30
N LYS A 53 -1.48 8.16 -0.80
CA LYS A 53 -1.45 9.36 0.02
C LYS A 53 -2.77 9.51 0.77
N VAL A 54 -3.91 9.37 0.09
CA VAL A 54 -5.21 9.36 0.74
C VAL A 54 -5.25 8.30 1.85
N ALA A 55 -4.82 7.07 1.55
CA ALA A 55 -4.73 6.01 2.53
C ALA A 55 -3.91 6.46 3.75
N MET A 56 -2.71 6.98 3.52
CA MET A 56 -1.83 7.47 4.57
C MET A 56 -2.49 8.59 5.39
N ARG A 57 -3.18 9.53 4.75
CA ARG A 57 -3.96 10.52 5.47
C ARG A 57 -5.00 9.82 6.37
N ALA A 58 -5.76 8.88 5.82
CA ALA A 58 -6.75 8.11 6.59
C ALA A 58 -6.08 7.37 7.77
N LEU A 59 -4.88 6.82 7.55
CA LEU A 59 -4.07 6.17 8.59
C LEU A 59 -3.46 7.18 9.57
N GLY A 60 -3.68 8.49 9.38
CA GLY A 60 -3.17 9.52 10.27
C GLY A 60 -1.66 9.69 10.16
N PHE A 61 -1.09 9.38 9.00
CA PHE A 61 0.32 9.65 8.72
C PHE A 61 0.46 11.12 8.31
N GLU A 62 1.68 11.65 8.33
CA GLU A 62 2.03 12.95 7.78
C GLU A 62 2.80 12.72 6.48
N PRO A 63 2.13 12.68 5.31
CA PRO A 63 2.77 12.26 4.07
C PRO A 63 3.69 13.33 3.50
N LYS A 64 4.87 13.47 4.10
CA LYS A 64 5.93 14.35 3.64
C LYS A 64 6.42 13.91 2.26
N LYS A 65 5.92 14.59 1.22
CA LYS A 65 6.12 14.31 -0.20
C LYS A 65 7.48 13.68 -0.53
N GLU A 66 8.57 14.35 -0.16
CA GLU A 66 9.93 13.89 -0.43
C GLU A 66 10.13 12.46 0.05
N GLU A 67 9.74 12.19 1.30
CA GLU A 67 9.89 10.88 1.92
C GLU A 67 8.92 9.90 1.27
N ILE A 68 7.68 10.35 1.03
CA ILE A 68 6.66 9.53 0.39
C ILE A 68 7.13 9.02 -0.97
N LYS A 69 7.70 9.89 -1.81
CA LYS A 69 8.23 9.48 -3.11
C LYS A 69 9.25 8.36 -2.95
N LYS A 70 10.24 8.55 -2.07
CA LYS A 70 11.24 7.53 -1.82
C LYS A 70 10.60 6.23 -1.33
N MET A 71 9.75 6.30 -0.29
CA MET A 71 9.02 5.16 0.22
C MET A 71 8.33 4.42 -0.91
N ILE A 72 7.49 5.11 -1.68
CA ILE A 72 6.80 4.56 -2.83
C ILE A 72 7.80 3.86 -3.74
N SER A 73 8.91 4.51 -4.10
CA SER A 73 9.89 3.92 -4.99
C SER A 73 10.43 2.60 -4.42
N GLU A 74 10.80 2.61 -3.14
CA GLU A 74 11.33 1.44 -2.44
C GLU A 74 10.30 0.30 -2.43
N ILE A 75 9.03 0.62 -2.16
CA ILE A 75 7.97 -0.38 -2.13
C ILE A 75 7.64 -0.86 -3.56
N ASP A 76 7.73 0.01 -4.57
CA ASP A 76 7.35 -0.31 -5.93
C ASP A 76 8.45 -1.13 -6.61
N LYS A 77 8.65 -2.36 -6.14
CA LYS A 77 9.57 -3.36 -6.68
C LYS A 77 9.49 -3.50 -8.20
N ASP A 78 8.29 -3.33 -8.76
CA ASP A 78 7.99 -3.56 -10.17
C ASP A 78 8.02 -2.24 -10.93
N GLY A 79 8.49 -1.18 -10.28
CA GLY A 79 8.55 0.19 -10.74
C GLY A 79 7.36 0.60 -11.61
N SER A 80 6.15 0.18 -11.24
CA SER A 80 4.97 0.31 -12.07
C SER A 80 4.24 1.64 -11.82
N GLY A 81 4.92 2.64 -11.25
CA GLY A 81 4.36 3.93 -10.88
C GLY A 81 3.14 3.81 -9.96
N THR A 82 2.98 2.66 -9.30
CA THR A 82 1.79 2.31 -8.54
C THR A 82 2.20 1.17 -7.61
N ILE A 83 1.41 0.92 -6.56
CA ILE A 83 1.64 -0.17 -5.62
C ILE A 83 0.70 -1.33 -6.00
N ASP A 84 1.25 -2.43 -6.52
CA ASP A 84 0.52 -3.67 -6.74
C ASP A 84 0.19 -4.34 -5.41
N PHE A 85 -0.83 -5.21 -5.40
CA PHE A 85 -1.24 -5.97 -4.23
C PHE A 85 -0.06 -6.64 -3.54
N GLU A 86 0.82 -7.33 -4.29
CA GLU A 86 1.95 -8.01 -3.71
C GLU A 86 2.90 -7.01 -3.01
N GLU A 87 3.10 -5.86 -3.63
CA GLU A 87 3.96 -4.81 -3.08
C GLU A 87 3.32 -4.26 -1.79
N PHE A 88 2.03 -3.98 -1.81
CA PHE A 88 1.27 -3.56 -0.64
C PHE A 88 1.37 -4.60 0.48
N LEU A 89 1.17 -5.88 0.16
CA LEU A 89 1.31 -6.98 1.09
C LEU A 89 2.71 -6.97 1.70
N THR A 90 3.75 -6.86 0.86
CA THR A 90 5.13 -6.77 1.31
C THR A 90 5.28 -5.59 2.29
N MET A 91 4.78 -4.42 1.91
CA MET A 91 4.80 -3.22 2.75
C MET A 91 4.20 -3.53 4.12
N MET A 92 2.98 -4.05 4.17
CA MET A 92 2.34 -4.45 5.42
C MET A 92 3.22 -5.42 6.21
N THR A 93 3.71 -6.47 5.54
CA THR A 93 4.58 -7.47 6.15
C THR A 93 5.85 -6.82 6.74
N ALA A 94 6.38 -5.79 6.08
CA ALA A 94 7.52 -5.04 6.59
C ALA A 94 7.14 -4.18 7.78
N LYS A 95 6.00 -3.47 7.70
CA LYS A 95 5.55 -2.57 8.75
C LYS A 95 5.25 -3.32 10.06
N MET A 96 4.52 -4.44 9.99
CA MET A 96 4.05 -5.10 11.20
C MET A 96 5.20 -5.49 12.14
N ARG A 21 -0.36 -17.02 7.26
CA ARG A 21 -0.04 -17.76 8.50
C ARG A 21 1.06 -17.05 9.29
N VAL A 22 2.25 -16.91 8.70
CA VAL A 22 3.43 -16.45 9.40
C VAL A 22 3.31 -14.95 9.69
N GLY A 23 2.69 -14.62 10.82
CA GLY A 23 2.48 -13.24 11.25
C GLY A 23 1.31 -12.64 10.47
N LEU A 24 1.47 -12.53 9.15
CA LEU A 24 0.36 -12.19 8.28
C LEU A 24 -0.56 -13.40 8.20
N THR A 25 -1.47 -13.52 9.17
CA THR A 25 -2.47 -14.56 9.22
C THR A 25 -3.42 -14.42 8.01
N GLU A 26 -4.25 -15.43 7.77
CA GLU A 26 -5.28 -15.33 6.74
C GLU A 26 -6.21 -14.15 7.05
N GLU A 27 -6.54 -13.97 8.33
CA GLU A 27 -7.21 -12.81 8.85
C GLU A 27 -6.49 -11.51 8.43
N GLN A 28 -5.19 -11.38 8.73
CA GLN A 28 -4.44 -10.20 8.30
C GLN A 28 -4.53 -10.02 6.79
N LYS A 29 -4.27 -11.07 6.01
CA LYS A 29 -4.32 -10.99 4.56
C LYS A 29 -5.71 -10.56 4.07
N GLN A 30 -6.79 -11.05 4.67
CA GLN A 30 -8.13 -10.57 4.41
C GLN A 30 -8.23 -9.06 4.65
N GLU A 31 -7.86 -8.60 5.84
CA GLU A 31 -7.89 -7.17 6.14
C GLU A 31 -7.10 -6.37 5.10
N ILE A 32 -5.88 -6.81 4.81
CA ILE A 32 -4.99 -6.16 3.85
C ILE A 32 -5.65 -6.12 2.46
N ARG A 33 -6.22 -7.23 1.98
CA ARG A 33 -6.93 -7.28 0.71
C ARG A 33 -8.09 -6.29 0.70
N GLU A 34 -8.96 -6.34 1.72
CA GLU A 34 -10.11 -5.47 1.84
C GLU A 34 -9.67 -4.00 1.79
N ALA A 35 -8.70 -3.63 2.64
CA ALA A 35 -8.13 -2.29 2.66
C ALA A 35 -7.59 -1.90 1.28
N PHE A 36 -6.76 -2.76 0.69
CA PHE A 36 -6.19 -2.57 -0.64
C PHE A 36 -7.30 -2.22 -1.62
N ASP A 37 -8.29 -3.12 -1.75
CA ASP A 37 -9.41 -2.95 -2.66
C ASP A 37 -10.09 -1.61 -2.43
N LEU A 38 -10.44 -1.30 -1.18
CA LEU A 38 -11.09 -0.04 -0.84
C LEU A 38 -10.26 1.15 -1.30
N PHE A 39 -8.97 1.20 -0.93
CA PHE A 39 -8.11 2.30 -1.32
C PHE A 39 -8.00 2.40 -2.83
N ASP A 40 -7.90 1.26 -3.51
CA ASP A 40 -7.61 1.16 -4.93
C ASP A 40 -8.84 1.47 -5.80
N THR A 41 -9.61 2.49 -5.42
CA THR A 41 -10.87 2.88 -6.04
C THR A 41 -10.76 2.88 -7.57
N ASP A 42 -9.96 3.81 -8.09
CA ASP A 42 -9.87 4.09 -9.51
C ASP A 42 -8.77 3.27 -10.18
N GLY A 43 -7.77 2.87 -9.40
CA GLY A 43 -6.68 2.04 -9.90
C GLY A 43 -7.18 0.63 -10.19
N SER A 44 -8.06 0.10 -9.33
CA SER A 44 -8.77 -1.17 -9.52
C SER A 44 -7.87 -2.27 -10.10
N GLY A 45 -6.80 -2.57 -9.38
CA GLY A 45 -5.78 -3.52 -9.79
C GLY A 45 -4.47 -3.16 -9.08
N THR A 46 -4.06 -1.90 -9.21
CA THR A 46 -2.83 -1.40 -8.60
C THR A 46 -3.08 -0.01 -8.00
N ILE A 47 -2.67 0.21 -6.75
CA ILE A 47 -2.91 1.46 -6.04
C ILE A 47 -1.98 2.52 -6.60
N ASP A 48 -2.51 3.53 -7.29
CA ASP A 48 -1.73 4.68 -7.73
C ASP A 48 -1.16 5.42 -6.52
N ALA A 49 0.04 6.00 -6.66
CA ALA A 49 0.64 6.88 -5.65
C ALA A 49 -0.39 7.78 -4.95
N LYS A 50 -1.26 8.45 -5.72
CA LYS A 50 -2.32 9.30 -5.17
C LYS A 50 -3.24 8.52 -4.23
N GLU A 51 -3.68 7.33 -4.66
CA GLU A 51 -4.54 6.48 -3.84
C GLU A 51 -3.78 6.06 -2.57
N LEU A 52 -2.48 5.77 -2.67
CA LEU A 52 -1.67 5.49 -1.49
C LEU A 52 -1.63 6.70 -0.56
N LYS A 53 -1.44 7.91 -1.11
CA LYS A 53 -1.45 9.14 -0.32
C LYS A 53 -2.79 9.28 0.41
N VAL A 54 -3.92 9.10 -0.30
CA VAL A 54 -5.24 9.10 0.33
C VAL A 54 -5.29 8.05 1.45
N ALA A 55 -4.84 6.83 1.18
CA ALA A 55 -4.78 5.77 2.17
C ALA A 55 -4.03 6.23 3.41
N MET A 56 -2.83 6.78 3.22
CA MET A 56 -1.99 7.28 4.29
C MET A 56 -2.69 8.39 5.08
N ARG A 57 -3.37 9.32 4.40
CA ARG A 57 -4.21 10.30 5.08
C ARG A 57 -5.27 9.60 5.94
N ALA A 58 -5.98 8.60 5.38
CA ALA A 58 -6.94 7.82 6.15
C ALA A 58 -6.29 7.14 7.36
N LEU A 59 -5.05 6.64 7.20
CA LEU A 59 -4.24 6.08 8.27
C LEU A 59 -3.69 7.16 9.23
N GLY A 60 -4.00 8.44 9.01
CA GLY A 60 -3.62 9.54 9.87
C GLY A 60 -2.15 9.96 9.70
N PHE A 61 -1.53 9.62 8.57
CA PHE A 61 -0.16 10.02 8.28
C PHE A 61 -0.12 11.49 7.87
N GLU A 62 1.07 12.08 7.98
CA GLU A 62 1.40 13.39 7.43
C GLU A 62 2.30 13.13 6.22
N PRO A 63 1.83 13.34 4.97
CA PRO A 63 2.61 13.14 3.76
C PRO A 63 3.91 13.96 3.68
N LYS A 64 4.94 13.49 4.39
CA LYS A 64 6.30 13.98 4.29
C LYS A 64 6.85 13.64 2.90
N LYS A 65 6.49 14.46 1.90
CA LYS A 65 6.70 14.25 0.47
C LYS A 65 7.97 13.47 0.11
N GLU A 66 9.14 13.89 0.60
CA GLU A 66 10.40 13.23 0.30
C GLU A 66 10.41 11.78 0.83
N GLU A 67 9.96 11.59 2.08
CA GLU A 67 9.88 10.29 2.71
C GLU A 67 8.86 9.44 1.97
N ILE A 68 7.70 10.03 1.63
CA ILE A 68 6.67 9.37 0.84
C ILE A 68 7.27 8.89 -0.49
N LYS A 69 8.01 9.75 -1.19
CA LYS A 69 8.65 9.36 -2.45
C LYS A 69 9.61 8.20 -2.24
N LYS A 70 10.51 8.29 -1.24
CA LYS A 70 11.43 7.20 -0.93
C LYS A 70 10.66 5.90 -0.69
N MET A 71 9.72 5.92 0.27
CA MET A 71 8.84 4.81 0.60
C MET A 71 8.24 4.21 -0.67
N ILE A 72 7.45 5.01 -1.41
CA ILE A 72 6.79 4.57 -2.62
C ILE A 72 7.81 3.91 -3.55
N SER A 73 8.96 4.54 -3.79
CA SER A 73 9.98 3.98 -4.66
C SER A 73 10.45 2.61 -4.16
N GLU A 74 10.81 2.51 -2.88
CA GLU A 74 11.26 1.27 -2.28
C GLU A 74 10.21 0.17 -2.44
N ILE A 75 8.93 0.47 -2.19
CA ILE A 75 7.87 -0.50 -2.34
C ILE A 75 7.60 -0.81 -3.82
N ASP A 76 7.74 0.18 -4.71
CA ASP A 76 7.44 0.05 -6.12
C ASP A 76 8.57 -0.71 -6.83
N LYS A 77 8.62 -2.02 -6.60
CA LYS A 77 9.54 -2.92 -7.28
C LYS A 77 9.38 -2.83 -8.81
N ASP A 78 8.13 -2.85 -9.28
CA ASP A 78 7.77 -2.99 -10.69
C ASP A 78 6.52 -2.20 -11.08
N GLY A 79 5.60 -1.96 -10.13
CA GLY A 79 4.31 -1.34 -10.39
C GLY A 79 4.33 0.05 -11.06
N SER A 80 5.50 0.70 -11.14
CA SER A 80 5.76 1.90 -11.92
C SER A 80 4.71 3.00 -11.68
N GLY A 81 4.73 3.61 -10.49
CA GLY A 81 3.80 4.67 -10.13
C GLY A 81 2.55 4.10 -9.44
N THR A 82 2.23 2.83 -9.71
CA THR A 82 1.21 2.10 -8.97
C THR A 82 1.87 1.06 -8.07
N ILE A 83 1.14 0.61 -7.05
CA ILE A 83 1.55 -0.39 -6.09
C ILE A 83 0.60 -1.59 -6.26
N ASP A 84 1.12 -2.69 -6.80
CA ASP A 84 0.40 -3.94 -6.93
C ASP A 84 0.17 -4.57 -5.55
N PHE A 85 -0.87 -5.41 -5.43
CA PHE A 85 -1.17 -6.12 -4.19
C PHE A 85 0.08 -6.76 -3.58
N GLU A 86 0.91 -7.45 -4.37
CA GLU A 86 2.12 -8.08 -3.85
C GLU A 86 3.04 -7.04 -3.20
N GLU A 87 3.22 -5.89 -3.86
CA GLU A 87 4.04 -4.80 -3.36
C GLU A 87 3.43 -4.23 -2.07
N PHE A 88 2.10 -4.05 -2.06
CA PHE A 88 1.38 -3.60 -0.87
C PHE A 88 1.60 -4.56 0.30
N LEU A 89 1.43 -5.86 0.05
CA LEU A 89 1.69 -6.90 1.04
C LEU A 89 3.14 -6.83 1.49
N THR A 90 4.09 -6.62 0.58
CA THR A 90 5.49 -6.44 0.95
C THR A 90 5.63 -5.26 1.93
N MET A 91 5.01 -4.12 1.64
CA MET A 91 4.99 -2.98 2.55
C MET A 91 4.44 -3.39 3.91
N MET A 92 3.29 -4.09 3.94
CA MET A 92 2.71 -4.57 5.18
C MET A 92 3.70 -5.44 5.94
N THR A 93 4.33 -6.39 5.24
CA THR A 93 5.33 -7.29 5.82
C THR A 93 6.49 -6.47 6.42
N ALA A 94 6.97 -5.47 5.69
CA ALA A 94 8.06 -4.62 6.17
C ALA A 94 7.65 -3.84 7.42
N LYS A 95 6.42 -3.32 7.44
CA LYS A 95 5.90 -2.58 8.59
C LYS A 95 5.72 -3.51 9.80
N MET A 96 5.14 -4.69 9.59
CA MET A 96 4.81 -5.64 10.63
C MET A 96 6.06 -6.07 11.41
N ARG A 21 3.94 -13.12 6.51
CA ARG A 21 4.81 -13.79 7.50
C ARG A 21 3.94 -14.53 8.52
N VAL A 22 4.47 -15.59 9.14
CA VAL A 22 3.80 -16.32 10.22
C VAL A 22 3.25 -15.33 11.25
N GLY A 23 1.93 -15.33 11.42
CA GLY A 23 1.20 -14.33 12.19
C GLY A 23 0.05 -13.80 11.34
N LEU A 24 0.33 -13.48 10.07
CA LEU A 24 -0.69 -13.02 9.13
C LEU A 24 -1.56 -14.19 8.68
N THR A 25 -2.60 -14.48 9.45
CA THR A 25 -3.56 -15.52 9.12
C THR A 25 -4.35 -15.15 7.86
N GLU A 26 -4.99 -16.13 7.23
CA GLU A 26 -5.82 -15.94 6.05
C GLU A 26 -6.80 -14.79 6.23
N GLU A 27 -7.40 -14.68 7.42
CA GLU A 27 -8.27 -13.58 7.79
C GLU A 27 -7.55 -12.24 7.57
N GLN A 28 -6.36 -12.09 8.13
CA GLN A 28 -5.56 -10.88 7.97
C GLN A 28 -5.22 -10.67 6.49
N LYS A 29 -4.88 -11.74 5.75
CA LYS A 29 -4.68 -11.61 4.31
C LYS A 29 -5.93 -11.02 3.64
N GLN A 30 -7.13 -11.50 3.99
CA GLN A 30 -8.36 -10.94 3.46
C GLN A 30 -8.45 -9.46 3.81
N GLU A 31 -8.26 -9.11 5.09
CA GLU A 31 -8.32 -7.72 5.54
C GLU A 31 -7.37 -6.84 4.72
N ILE A 32 -6.12 -7.27 4.55
CA ILE A 32 -5.12 -6.56 3.76
C ILE A 32 -5.64 -6.39 2.32
N ARG A 33 -6.17 -7.45 1.71
CA ARG A 33 -6.71 -7.36 0.37
C ARG A 33 -7.89 -6.36 0.30
N GLU A 34 -8.81 -6.41 1.27
CA GLU A 34 -9.91 -5.47 1.35
C GLU A 34 -9.38 -4.03 1.41
N ALA A 35 -8.43 -3.77 2.30
CA ALA A 35 -7.79 -2.46 2.41
C ALA A 35 -7.19 -2.06 1.06
N PHE A 36 -6.41 -2.95 0.44
CA PHE A 36 -5.82 -2.72 -0.87
C PHE A 36 -6.89 -2.28 -1.89
N ASP A 37 -7.91 -3.12 -2.07
CA ASP A 37 -9.00 -2.85 -3.00
C ASP A 37 -9.66 -1.51 -2.70
N LEU A 38 -9.98 -1.26 -1.43
CA LEU A 38 -10.59 0.01 -1.01
C LEU A 38 -9.70 1.18 -1.44
N PHE A 39 -8.42 1.14 -1.08
CA PHE A 39 -7.50 2.21 -1.42
C PHE A 39 -7.41 2.37 -2.94
N ASP A 40 -7.38 1.27 -3.68
CA ASP A 40 -7.49 1.30 -5.14
C ASP A 40 -8.94 1.64 -5.57
N THR A 41 -9.43 2.82 -5.17
CA THR A 41 -10.73 3.34 -5.53
C THR A 41 -10.92 3.32 -7.05
N ASP A 42 -9.86 3.61 -7.81
CA ASP A 42 -9.89 3.62 -9.27
C ASP A 42 -10.11 2.23 -9.85
N GLY A 43 -9.80 1.17 -9.09
CA GLY A 43 -9.88 -0.21 -9.58
C GLY A 43 -8.82 -0.49 -10.63
N SER A 44 -7.63 0.12 -10.51
CA SER A 44 -6.51 -0.12 -11.41
C SER A 44 -5.96 -1.54 -11.29
N GLY A 45 -6.24 -2.21 -10.17
CA GLY A 45 -5.63 -3.48 -9.77
C GLY A 45 -4.37 -3.22 -8.93
N THR A 46 -4.05 -1.95 -8.68
CA THR A 46 -2.84 -1.45 -8.06
C THR A 46 -3.21 -0.14 -7.37
N ILE A 47 -2.55 0.22 -6.26
CA ILE A 47 -2.84 1.48 -5.57
C ILE A 47 -2.00 2.57 -6.22
N ASP A 48 -2.60 3.58 -6.86
CA ASP A 48 -1.84 4.70 -7.39
C ASP A 48 -1.18 5.50 -6.26
N ALA A 49 0.01 6.06 -6.50
CA ALA A 49 0.69 6.95 -5.57
C ALA A 49 -0.26 7.90 -4.84
N LYS A 50 -1.14 8.58 -5.58
CA LYS A 50 -2.15 9.48 -5.02
C LYS A 50 -3.00 8.76 -3.99
N GLU A 51 -3.57 7.61 -4.38
CA GLU A 51 -4.39 6.78 -3.52
C GLU A 51 -3.58 6.33 -2.29
N LEU A 52 -2.30 6.03 -2.46
CA LEU A 52 -1.46 5.63 -1.35
C LEU A 52 -1.27 6.78 -0.35
N LYS A 53 -0.95 8.00 -0.82
CA LYS A 53 -0.84 9.11 0.13
C LYS A 53 -2.19 9.41 0.79
N VAL A 54 -3.31 9.26 0.06
CA VAL A 54 -4.64 9.32 0.67
C VAL A 54 -4.78 8.26 1.77
N ALA A 55 -4.39 7.01 1.48
CA ALA A 55 -4.42 5.93 2.46
C ALA A 55 -3.63 6.33 3.70
N MET A 56 -2.40 6.81 3.51
CA MET A 56 -1.57 7.29 4.60
C MET A 56 -2.27 8.41 5.39
N ARG A 57 -2.86 9.40 4.72
CA ARG A 57 -3.66 10.42 5.40
C ARG A 57 -4.74 9.77 6.25
N ALA A 58 -5.52 8.85 5.69
CA ALA A 58 -6.56 8.13 6.43
C ALA A 58 -5.97 7.40 7.65
N LEU A 59 -4.79 6.80 7.49
CA LEU A 59 -4.05 6.14 8.55
C LEU A 59 -3.39 7.13 9.52
N GLY A 60 -3.57 8.44 9.34
CA GLY A 60 -3.09 9.46 10.26
C GLY A 60 -1.61 9.80 10.08
N PHE A 61 -1.03 9.48 8.92
CA PHE A 61 0.32 9.93 8.58
C PHE A 61 0.27 11.40 8.14
N GLU A 62 1.44 12.04 8.14
CA GLU A 62 1.67 13.35 7.55
C GLU A 62 2.51 13.13 6.29
N PRO A 63 1.95 13.30 5.08
CA PRO A 63 2.67 13.17 3.82
C PRO A 63 3.91 14.06 3.66
N LYS A 64 5.02 13.69 4.31
CA LYS A 64 6.32 14.30 4.08
C LYS A 64 6.78 13.93 2.68
N LYS A 65 6.33 14.71 1.69
CA LYS A 65 6.45 14.48 0.26
C LYS A 65 7.73 13.73 -0.16
N GLU A 66 8.91 14.26 0.17
CA GLU A 66 10.17 13.62 -0.20
C GLU A 66 10.23 12.18 0.33
N GLU A 67 9.85 11.97 1.58
CA GLU A 67 9.91 10.66 2.21
C GLU A 67 8.83 9.76 1.62
N ILE A 68 7.65 10.32 1.34
CA ILE A 68 6.61 9.59 0.60
C ILE A 68 7.19 9.10 -0.73
N LYS A 69 7.88 9.96 -1.49
CA LYS A 69 8.50 9.55 -2.74
C LYS A 69 9.52 8.43 -2.52
N LYS A 70 10.44 8.59 -1.56
CA LYS A 70 11.41 7.54 -1.24
C LYS A 70 10.69 6.21 -0.99
N MET A 71 9.77 6.21 -0.02
CA MET A 71 8.97 5.06 0.37
C MET A 71 8.33 4.43 -0.86
N ILE A 72 7.50 5.19 -1.58
CA ILE A 72 6.82 4.71 -2.77
C ILE A 72 7.83 4.06 -3.72
N SER A 73 8.94 4.73 -4.00
CA SER A 73 9.95 4.18 -4.91
C SER A 73 10.48 2.84 -4.40
N GLU A 74 10.87 2.76 -3.13
CA GLU A 74 11.37 1.52 -2.55
C GLU A 74 10.34 0.39 -2.68
N ILE A 75 9.06 0.66 -2.39
CA ILE A 75 8.02 -0.35 -2.48
C ILE A 75 7.70 -0.66 -3.96
N ASP A 76 7.77 0.33 -4.84
CA ASP A 76 7.39 0.19 -6.24
C ASP A 76 8.50 -0.51 -7.03
N LYS A 77 8.62 -1.82 -6.83
CA LYS A 77 9.52 -2.66 -7.60
C LYS A 77 9.18 -2.63 -9.09
N ASP A 78 7.89 -2.78 -9.43
CA ASP A 78 7.42 -2.99 -10.80
C ASP A 78 6.19 -2.12 -11.14
N GLY A 79 5.32 -1.85 -10.15
CA GLY A 79 4.03 -1.20 -10.34
C GLY A 79 4.05 0.19 -11.00
N SER A 80 5.23 0.79 -11.20
CA SER A 80 5.46 1.99 -12.01
C SER A 80 4.43 3.10 -11.76
N GLY A 81 4.48 3.72 -10.57
CA GLY A 81 3.57 4.78 -10.18
C GLY A 81 2.39 4.23 -9.37
N THR A 82 2.10 2.93 -9.52
CA THR A 82 1.16 2.23 -8.66
C THR A 82 1.91 1.22 -7.80
N ILE A 83 1.29 0.77 -6.72
CA ILE A 83 1.79 -0.29 -5.85
C ILE A 83 0.96 -1.55 -6.14
N ASP A 84 1.64 -2.64 -6.52
CA ASP A 84 1.02 -3.92 -6.81
C ASP A 84 0.59 -4.61 -5.51
N PHE A 85 -0.32 -5.57 -5.59
CA PHE A 85 -0.80 -6.28 -4.40
C PHE A 85 0.35 -6.95 -3.64
N GLU A 86 1.24 -7.65 -4.34
CA GLU A 86 2.39 -8.29 -3.71
C GLU A 86 3.26 -7.26 -2.98
N GLU A 87 3.55 -6.14 -3.65
CA GLU A 87 4.34 -5.05 -3.08
C GLU A 87 3.66 -4.53 -1.80
N PHE A 88 2.36 -4.20 -1.90
CA PHE A 88 1.56 -3.75 -0.77
C PHE A 88 1.63 -4.74 0.38
N LEU A 89 1.35 -6.02 0.10
CA LEU A 89 1.40 -7.08 1.09
C LEU A 89 2.78 -7.09 1.77
N THR A 90 3.85 -7.06 0.98
CA THR A 90 5.21 -7.01 1.51
C THR A 90 5.39 -5.80 2.44
N MET A 91 4.97 -4.61 1.99
CA MET A 91 5.05 -3.39 2.76
C MET A 91 4.33 -3.56 4.10
N MET A 92 3.07 -4.00 4.07
CA MET A 92 2.27 -4.21 5.27
C MET A 92 2.94 -5.23 6.19
N THR A 93 3.43 -6.34 5.63
CA THR A 93 4.13 -7.36 6.38
C THR A 93 5.36 -6.78 7.06
N ALA A 94 6.14 -5.96 6.36
CA ALA A 94 7.30 -5.30 6.93
C ALA A 94 6.87 -4.37 8.06
N LYS A 95 6.00 -3.41 7.76
CA LYS A 95 5.50 -2.45 8.74
C LYS A 95 4.32 -3.03 9.53
N MET A 96 4.50 -4.25 10.03
CA MET A 96 3.50 -4.90 10.87
C MET A 96 3.37 -4.20 12.22
N ARG A 21 4.56 -20.28 11.48
CA ARG A 21 3.67 -20.45 12.65
C ARG A 21 2.56 -19.39 12.64
N VAL A 22 2.94 -18.12 12.67
CA VAL A 22 2.04 -16.98 12.65
C VAL A 22 2.84 -15.79 12.11
N GLY A 23 2.15 -14.78 11.57
CA GLY A 23 2.78 -13.60 11.00
C GLY A 23 1.81 -12.93 10.05
N LEU A 24 1.37 -13.67 9.04
CA LEU A 24 0.37 -13.27 8.05
C LEU A 24 -0.69 -14.36 7.96
N THR A 25 -1.68 -14.30 8.84
CA THR A 25 -2.83 -15.21 8.80
C THR A 25 -3.65 -14.95 7.53
N GLU A 26 -4.46 -15.93 7.12
CA GLU A 26 -5.42 -15.76 6.05
C GLU A 26 -6.32 -14.55 6.33
N GLU A 27 -6.68 -14.34 7.60
CA GLU A 27 -7.47 -13.19 8.01
C GLU A 27 -6.71 -11.90 7.70
N GLN A 28 -5.44 -11.79 8.13
CA GLN A 28 -4.62 -10.65 7.76
C GLN A 28 -4.60 -10.46 6.24
N LYS A 29 -4.37 -11.53 5.48
CA LYS A 29 -4.37 -11.41 4.01
C LYS A 29 -5.69 -10.82 3.51
N GLN A 30 -6.84 -11.34 3.99
CA GLN A 30 -8.15 -10.81 3.64
C GLN A 30 -8.25 -9.33 3.97
N GLU A 31 -7.90 -8.94 5.20
CA GLU A 31 -7.93 -7.55 5.65
C GLU A 31 -7.09 -6.67 4.72
N ILE A 32 -5.84 -7.07 4.46
CA ILE A 32 -4.94 -6.35 3.58
C ILE A 32 -5.55 -6.23 2.18
N ARG A 33 -6.08 -7.32 1.63
CA ARG A 33 -6.73 -7.30 0.31
C ARG A 33 -7.90 -6.32 0.29
N GLU A 34 -8.77 -6.37 1.31
CA GLU A 34 -9.90 -5.47 1.43
C GLU A 34 -9.41 -4.02 1.43
N ALA A 35 -8.47 -3.69 2.31
CA ALA A 35 -7.87 -2.36 2.38
C ALA A 35 -7.32 -1.95 1.02
N PHE A 36 -6.54 -2.83 0.39
CA PHE A 36 -5.96 -2.61 -0.92
C PHE A 36 -7.03 -2.21 -1.94
N ASP A 37 -8.03 -3.08 -2.10
CA ASP A 37 -9.13 -2.86 -3.02
C ASP A 37 -9.83 -1.54 -2.73
N LEU A 38 -10.16 -1.27 -1.46
CA LEU A 38 -10.78 -0.03 -1.08
C LEU A 38 -9.93 1.16 -1.53
N PHE A 39 -8.64 1.16 -1.17
CA PHE A 39 -7.75 2.25 -1.51
C PHE A 39 -7.63 2.40 -3.03
N ASP A 40 -7.60 1.30 -3.78
CA ASP A 40 -7.70 1.34 -5.24
C ASP A 40 -9.14 1.66 -5.65
N THR A 41 -9.63 2.84 -5.25
CA THR A 41 -10.98 3.33 -5.54
C THR A 41 -11.26 3.27 -7.05
N ASP A 42 -10.27 3.59 -7.88
CA ASP A 42 -10.41 3.56 -9.33
C ASP A 42 -10.61 2.13 -9.85
N GLY A 43 -10.20 1.12 -9.09
CA GLY A 43 -10.25 -0.27 -9.52
C GLY A 43 -9.26 -0.54 -10.65
N SER A 44 -8.10 0.12 -10.65
CA SER A 44 -7.08 -0.06 -11.67
C SER A 44 -6.46 -1.46 -11.63
N GLY A 45 -6.49 -2.10 -10.45
CA GLY A 45 -5.78 -3.33 -10.15
C GLY A 45 -4.57 -3.05 -9.26
N THR A 46 -4.11 -1.80 -9.24
CA THR A 46 -2.96 -1.31 -8.52
C THR A 46 -3.35 0.04 -7.90
N ILE A 47 -2.80 0.38 -6.73
CA ILE A 47 -3.09 1.65 -6.06
C ILE A 47 -2.24 2.73 -6.72
N ASP A 48 -2.85 3.80 -7.25
CA ASP A 48 -2.09 4.93 -7.75
C ASP A 48 -1.45 5.69 -6.59
N ALA A 49 -0.25 6.25 -6.78
CA ALA A 49 0.43 7.09 -5.79
C ALA A 49 -0.51 8.04 -5.05
N LYS A 50 -1.39 8.74 -5.78
CA LYS A 50 -2.37 9.65 -5.17
C LYS A 50 -3.31 8.89 -4.23
N GLU A 51 -3.83 7.74 -4.67
CA GLU A 51 -4.65 6.89 -3.83
C GLU A 51 -3.87 6.44 -2.59
N LEU A 52 -2.57 6.12 -2.75
CA LEU A 52 -1.73 5.79 -1.61
C LEU A 52 -1.62 6.99 -0.65
N LYS A 53 -1.44 8.19 -1.18
CA LYS A 53 -1.40 9.40 -0.35
C LYS A 53 -2.70 9.55 0.43
N VAL A 54 -3.85 9.40 -0.25
CA VAL A 54 -5.15 9.39 0.43
C VAL A 54 -5.17 8.32 1.53
N ALA A 55 -4.76 7.09 1.20
CA ALA A 55 -4.69 5.99 2.16
C ALA A 55 -3.86 6.40 3.38
N MET A 56 -2.68 6.97 3.16
CA MET A 56 -1.80 7.41 4.22
C MET A 56 -2.45 8.52 5.06
N ARG A 57 -3.13 9.47 4.44
CA ARG A 57 -3.93 10.43 5.19
C ARG A 57 -4.97 9.70 6.06
N ALA A 58 -5.70 8.73 5.50
CA ALA A 58 -6.64 7.92 6.28
C ALA A 58 -5.94 7.20 7.43
N LEU A 59 -4.72 6.70 7.21
CA LEU A 59 -3.87 6.11 8.24
C LEU A 59 -3.31 7.16 9.23
N GLY A 60 -3.63 8.45 9.04
CA GLY A 60 -3.24 9.52 9.93
C GLY A 60 -1.79 9.96 9.74
N PHE A 61 -1.19 9.64 8.59
CA PHE A 61 0.18 10.02 8.28
C PHE A 61 0.23 11.48 7.86
N GLU A 62 1.43 12.08 7.94
CA GLU A 62 1.73 13.39 7.40
C GLU A 62 2.65 13.16 6.18
N PRO A 63 2.15 13.34 4.94
CA PRO A 63 2.91 13.18 3.71
C PRO A 63 4.20 14.02 3.61
N LYS A 64 5.25 13.60 4.32
CA LYS A 64 6.60 14.13 4.18
C LYS A 64 7.12 13.78 2.78
N LYS A 65 6.78 14.62 1.80
CA LYS A 65 6.99 14.44 0.36
C LYS A 65 8.23 13.62 0.01
N GLU A 66 9.41 14.06 0.44
CA GLU A 66 10.65 13.34 0.15
C GLU A 66 10.63 11.90 0.66
N GLU A 67 10.18 11.69 1.90
CA GLU A 67 10.07 10.35 2.49
C GLU A 67 9.02 9.54 1.73
N ILE A 68 7.88 10.15 1.41
CA ILE A 68 6.82 9.53 0.62
C ILE A 68 7.41 9.02 -0.71
N LYS A 69 8.09 9.90 -1.46
CA LYS A 69 8.71 9.56 -2.72
C LYS A 69 9.69 8.40 -2.55
N LYS A 70 10.62 8.52 -1.60
CA LYS A 70 11.58 7.44 -1.32
C LYS A 70 10.86 6.12 -1.07
N MET A 71 9.97 6.09 -0.06
CA MET A 71 9.23 4.92 0.34
C MET A 71 8.49 4.32 -0.86
N ILE A 72 7.69 5.13 -1.56
CA ILE A 72 6.98 4.69 -2.76
C ILE A 72 7.97 4.04 -3.73
N SER A 73 9.09 4.70 -4.03
CA SER A 73 10.08 4.16 -4.95
C SER A 73 10.61 2.80 -4.48
N GLU A 74 10.97 2.70 -3.19
CA GLU A 74 11.47 1.46 -2.61
C GLU A 74 10.44 0.34 -2.76
N ILE A 75 9.17 0.62 -2.48
CA ILE A 75 8.10 -0.37 -2.59
C ILE A 75 7.80 -0.68 -4.06
N ASP A 76 7.91 0.33 -4.94
CA ASP A 76 7.55 0.21 -6.35
C ASP A 76 8.67 -0.50 -7.11
N LYS A 77 8.74 -1.82 -6.97
CA LYS A 77 9.62 -2.67 -7.76
C LYS A 77 9.08 -2.82 -9.18
N ASP A 78 7.80 -3.21 -9.30
CA ASP A 78 7.11 -3.55 -10.54
C ASP A 78 5.95 -2.60 -10.83
N GLY A 79 5.38 -1.99 -9.79
CA GLY A 79 4.13 -1.24 -9.87
C GLY A 79 4.16 -0.04 -10.83
N SER A 80 5.34 0.46 -11.19
CA SER A 80 5.56 1.44 -12.23
C SER A 80 4.64 2.65 -12.07
N GLY A 81 4.73 3.33 -10.93
CA GLY A 81 3.90 4.49 -10.63
C GLY A 81 2.68 4.12 -9.78
N THR A 82 2.19 2.88 -9.89
CA THR A 82 1.18 2.35 -8.99
C THR A 82 1.87 1.41 -7.99
N ILE A 83 1.12 0.91 -7.01
CA ILE A 83 1.54 -0.11 -6.07
C ILE A 83 0.68 -1.35 -6.32
N ASP A 84 1.32 -2.48 -6.66
CA ASP A 84 0.68 -3.77 -6.83
C ASP A 84 0.27 -4.36 -5.48
N PHE A 85 -0.69 -5.28 -5.50
CA PHE A 85 -1.14 -5.99 -4.30
C PHE A 85 0.04 -6.54 -3.51
N GLU A 86 0.94 -7.32 -4.12
CA GLU A 86 2.04 -7.93 -3.39
C GLU A 86 2.98 -6.87 -2.80
N GLU A 87 3.23 -5.79 -3.54
CA GLU A 87 4.04 -4.69 -3.05
C GLU A 87 3.37 -4.07 -1.81
N PHE A 88 2.08 -3.78 -1.89
CA PHE A 88 1.30 -3.28 -0.77
C PHE A 88 1.35 -4.24 0.42
N LEU A 89 1.19 -5.54 0.15
CA LEU A 89 1.28 -6.61 1.14
C LEU A 89 2.64 -6.50 1.85
N THR A 90 3.71 -6.40 1.07
CA THR A 90 5.06 -6.27 1.60
C THR A 90 5.16 -5.02 2.47
N MET A 91 4.68 -3.87 1.97
CA MET A 91 4.68 -2.60 2.70
C MET A 91 4.00 -2.78 4.06
N MET A 92 2.78 -3.34 4.07
CA MET A 92 2.08 -3.64 5.31
C MET A 92 2.93 -4.53 6.21
N THR A 93 3.41 -5.67 5.68
CA THR A 93 4.23 -6.61 6.43
C THR A 93 5.40 -5.90 7.10
N ALA A 94 6.09 -5.02 6.37
CA ALA A 94 7.22 -4.26 6.89
C ALA A 94 6.87 -3.45 8.14
N LYS A 95 5.60 -3.03 8.29
CA LYS A 95 5.18 -2.29 9.48
C LYS A 95 4.94 -3.20 10.69
N MET A 96 4.83 -4.52 10.49
CA MET A 96 4.56 -5.45 11.59
C MET A 96 5.83 -5.68 12.43
N ARG A 21 -2.33 -13.40 12.59
CA ARG A 21 -1.77 -13.58 13.95
C ARG A 21 -0.48 -14.41 13.89
N VAL A 22 -0.55 -15.61 13.30
CA VAL A 22 0.64 -16.38 13.00
C VAL A 22 1.21 -15.78 11.72
N GLY A 23 1.98 -14.69 11.90
CA GLY A 23 2.42 -13.85 10.80
C GLY A 23 1.22 -13.30 10.03
N LEU A 24 1.38 -13.06 8.72
CA LEU A 24 0.24 -12.74 7.88
C LEU A 24 -0.55 -14.00 7.59
N THR A 25 -1.31 -14.42 8.60
CA THR A 25 -2.29 -15.46 8.47
C THR A 25 -3.38 -15.01 7.50
N GLU A 26 -4.10 -15.96 6.91
CA GLU A 26 -5.14 -15.70 5.92
C GLU A 26 -6.03 -14.53 6.33
N GLU A 27 -6.53 -14.53 7.57
CA GLU A 27 -7.32 -13.44 8.11
C GLU A 27 -6.65 -12.08 7.87
N GLN A 28 -5.37 -11.95 8.23
CA GLN A 28 -4.66 -10.70 8.03
C GLN A 28 -4.55 -10.39 6.54
N LYS A 29 -4.23 -11.38 5.71
CA LYS A 29 -4.17 -11.16 4.27
C LYS A 29 -5.53 -10.67 3.72
N GLN A 30 -6.64 -11.23 4.21
CA GLN A 30 -7.98 -10.78 3.87
C GLN A 30 -8.14 -9.31 4.27
N GLU A 31 -7.87 -8.97 5.53
CA GLU A 31 -7.95 -7.58 5.99
C GLU A 31 -7.11 -6.65 5.11
N ILE A 32 -5.86 -7.02 4.86
CA ILE A 32 -4.94 -6.28 4.00
C ILE A 32 -5.55 -6.13 2.60
N ARG A 33 -6.15 -7.18 2.04
CA ARG A 33 -6.80 -7.12 0.74
C ARG A 33 -7.99 -6.15 0.77
N GLU A 34 -8.83 -6.20 1.81
CA GLU A 34 -9.94 -5.26 1.97
C GLU A 34 -9.41 -3.82 1.98
N ALA A 35 -8.39 -3.56 2.81
CA ALA A 35 -7.75 -2.25 2.87
C ALA A 35 -7.26 -1.84 1.48
N PHE A 36 -6.48 -2.71 0.83
CA PHE A 36 -5.99 -2.50 -0.53
C PHE A 36 -7.12 -2.07 -1.46
N ASP A 37 -8.20 -2.86 -1.50
CA ASP A 37 -9.37 -2.60 -2.32
C ASP A 37 -9.93 -1.20 -2.03
N LEU A 38 -10.19 -0.90 -0.75
CA LEU A 38 -10.68 0.41 -0.34
C LEU A 38 -9.78 1.52 -0.89
N PHE A 39 -8.48 1.40 -0.63
CA PHE A 39 -7.50 2.40 -1.05
C PHE A 39 -7.49 2.54 -2.58
N ASP A 40 -7.63 1.44 -3.31
CA ASP A 40 -7.75 1.48 -4.76
C ASP A 40 -9.12 2.02 -5.18
N THR A 41 -9.43 3.27 -4.82
CA THR A 41 -10.69 3.92 -5.14
C THR A 41 -10.94 3.94 -6.65
N ASP A 42 -9.87 4.11 -7.44
CA ASP A 42 -9.94 4.09 -8.89
C ASP A 42 -10.33 2.70 -9.42
N GLY A 43 -10.11 1.64 -8.64
CA GLY A 43 -10.31 0.27 -9.09
C GLY A 43 -9.37 -0.08 -10.25
N SER A 44 -8.15 0.48 -10.24
CA SER A 44 -7.16 0.25 -11.27
C SER A 44 -6.60 -1.18 -11.21
N GLY A 45 -6.65 -1.80 -10.03
CA GLY A 45 -6.04 -3.09 -9.76
C GLY A 45 -4.72 -2.91 -9.01
N THR A 46 -4.09 -1.74 -9.17
CA THR A 46 -2.83 -1.35 -8.54
C THR A 46 -3.05 0.03 -7.91
N ILE A 47 -2.53 0.25 -6.70
CA ILE A 47 -2.74 1.49 -5.96
C ILE A 47 -1.81 2.57 -6.50
N ASP A 48 -2.34 3.58 -7.18
CA ASP A 48 -1.54 4.72 -7.63
C ASP A 48 -0.92 5.43 -6.42
N ALA A 49 0.28 5.99 -6.58
CA ALA A 49 0.94 6.80 -5.57
C ALA A 49 -0.02 7.71 -4.78
N LYS A 50 -0.88 8.44 -5.49
CA LYS A 50 -1.86 9.33 -4.86
C LYS A 50 -2.80 8.54 -3.94
N GLU A 51 -3.30 7.39 -4.41
CA GLU A 51 -4.16 6.52 -3.63
C GLU A 51 -3.40 6.03 -2.39
N LEU A 52 -2.11 5.71 -2.53
CA LEU A 52 -1.30 5.31 -1.38
C LEU A 52 -1.15 6.47 -0.39
N LYS A 53 -0.97 7.71 -0.87
CA LYS A 53 -0.99 8.88 -0.02
C LYS A 53 -2.33 9.01 0.71
N VAL A 54 -3.46 8.85 0.01
CA VAL A 54 -4.77 8.79 0.65
C VAL A 54 -4.77 7.71 1.74
N ALA A 55 -4.30 6.50 1.40
CA ALA A 55 -4.24 5.39 2.36
C ALA A 55 -3.50 5.81 3.63
N MET A 56 -2.27 6.30 3.48
CA MET A 56 -1.47 6.79 4.60
C MET A 56 -2.23 7.84 5.41
N ARG A 57 -2.80 8.84 4.73
CA ARG A 57 -3.53 9.90 5.39
C ARG A 57 -4.69 9.32 6.21
N ALA A 58 -5.48 8.42 5.61
CA ALA A 58 -6.59 7.76 6.27
C ALA A 58 -6.12 6.94 7.47
N LEU A 59 -5.03 6.19 7.30
CA LEU A 59 -4.38 5.45 8.38
C LEU A 59 -3.92 6.39 9.50
N GLY A 60 -3.57 7.63 9.14
CA GLY A 60 -3.26 8.71 10.09
C GLY A 60 -1.82 9.23 9.95
N PHE A 61 -1.08 8.78 8.95
CA PHE A 61 0.30 9.20 8.74
C PHE A 61 0.37 10.65 8.24
N GLU A 62 1.57 11.21 8.27
CA GLU A 62 1.90 12.54 7.79
C GLU A 62 2.66 12.40 6.45
N PRO A 63 1.97 12.32 5.30
CA PRO A 63 2.61 12.03 4.02
C PRO A 63 3.45 13.21 3.50
N LYS A 64 4.61 13.44 4.12
CA LYS A 64 5.59 14.41 3.66
C LYS A 64 6.11 13.98 2.28
N LYS A 65 5.83 14.80 1.27
CA LYS A 65 6.14 14.53 -0.14
C LYS A 65 7.52 13.92 -0.32
N GLU A 66 8.54 14.50 0.30
CA GLU A 66 9.92 14.03 0.23
C GLU A 66 10.00 12.54 0.57
N GLU A 67 9.50 12.19 1.75
CA GLU A 67 9.54 10.83 2.26
C GLU A 67 8.68 9.92 1.39
N ILE A 68 7.48 10.40 1.05
CA ILE A 68 6.54 9.68 0.20
C ILE A 68 7.21 9.27 -1.11
N LYS A 69 7.80 10.23 -1.83
CA LYS A 69 8.46 9.98 -3.09
C LYS A 69 9.52 8.90 -2.92
N LYS A 70 10.42 9.07 -1.95
CA LYS A 70 11.47 8.09 -1.69
C LYS A 70 10.87 6.70 -1.44
N MET A 71 10.01 6.57 -0.43
CA MET A 71 9.42 5.30 -0.04
C MET A 71 8.73 4.66 -1.24
N ILE A 72 7.81 5.38 -1.87
CA ILE A 72 7.08 4.87 -3.01
C ILE A 72 8.06 4.40 -4.08
N SER A 73 9.05 5.22 -4.46
CA SER A 73 10.01 4.82 -5.48
C SER A 73 10.74 3.53 -5.10
N GLU A 74 11.18 3.42 -3.85
CA GLU A 74 11.84 2.21 -3.36
C GLU A 74 10.93 0.98 -3.54
N ILE A 75 9.65 1.10 -3.15
CA ILE A 75 8.72 -0.03 -3.22
C ILE A 75 8.27 -0.30 -4.66
N ASP A 76 8.12 0.75 -5.48
CA ASP A 76 7.49 0.71 -6.80
C ASP A 76 8.44 0.18 -7.87
N LYS A 77 9.15 -0.92 -7.59
CA LYS A 77 10.20 -1.44 -8.44
C LYS A 77 9.62 -1.85 -9.79
N ASP A 78 8.53 -2.65 -9.76
CA ASP A 78 7.80 -3.12 -10.93
C ASP A 78 6.55 -2.28 -11.14
N GLY A 79 5.98 -1.78 -10.03
CA GLY A 79 4.69 -1.13 -9.95
C GLY A 79 4.47 0.03 -10.94
N SER A 80 5.56 0.69 -11.37
CA SER A 80 5.54 1.71 -12.42
C SER A 80 4.46 2.77 -12.16
N GLY A 81 4.55 3.43 -11.02
CA GLY A 81 3.60 4.44 -10.57
C GLY A 81 2.52 3.84 -9.66
N THR A 82 2.26 2.53 -9.76
CA THR A 82 1.17 1.88 -9.06
C THR A 82 1.65 0.68 -8.23
N ILE A 83 1.39 0.70 -6.92
CA ILE A 83 1.75 -0.39 -6.02
C ILE A 83 0.75 -1.53 -6.26
N ASP A 84 1.20 -2.62 -6.91
CA ASP A 84 0.38 -3.81 -7.03
C ASP A 84 0.24 -4.50 -5.67
N PHE A 85 -0.80 -5.31 -5.53
CA PHE A 85 -1.10 -6.06 -4.31
C PHE A 85 0.13 -6.77 -3.74
N GLU A 86 0.99 -7.37 -4.58
CA GLU A 86 2.16 -8.06 -4.07
C GLU A 86 3.13 -7.10 -3.37
N GLU A 87 3.45 -5.96 -4.00
CA GLU A 87 4.27 -4.95 -3.35
C GLU A 87 3.60 -4.50 -2.05
N PHE A 88 2.30 -4.18 -2.10
CA PHE A 88 1.56 -3.72 -0.93
C PHE A 88 1.68 -4.74 0.21
N LEU A 89 1.40 -6.00 -0.10
CA LEU A 89 1.52 -7.15 0.79
C LEU A 89 2.93 -7.21 1.37
N THR A 90 3.96 -7.11 0.52
CA THR A 90 5.34 -7.13 0.98
C THR A 90 5.60 -6.00 2.00
N MET A 91 5.23 -4.77 1.64
CA MET A 91 5.37 -3.62 2.52
C MET A 91 4.65 -3.89 3.85
N MET A 92 3.39 -4.34 3.78
CA MET A 92 2.61 -4.66 4.96
C MET A 92 3.32 -5.71 5.82
N THR A 93 3.83 -6.77 5.19
CA THR A 93 4.59 -7.81 5.88
C THR A 93 5.76 -7.18 6.64
N ALA A 94 6.58 -6.38 5.94
CA ALA A 94 7.73 -5.72 6.54
C ALA A 94 7.31 -4.82 7.70
N LYS A 95 6.21 -4.08 7.53
CA LYS A 95 5.70 -3.15 8.54
C LYS A 95 5.15 -3.90 9.76
N MET A 96 4.46 -5.03 9.53
CA MET A 96 3.82 -5.83 10.56
C MET A 96 4.80 -6.92 11.04
N ARG A 21 0.16 -17.82 7.84
CA ARG A 21 1.33 -18.18 8.67
C ARG A 21 1.16 -17.64 10.10
N VAL A 22 2.14 -17.92 10.97
CA VAL A 22 2.13 -17.54 12.38
C VAL A 22 2.36 -16.02 12.55
N GLY A 23 1.41 -15.23 12.08
CA GLY A 23 1.44 -13.77 12.14
C GLY A 23 0.52 -13.25 11.04
N LEU A 24 1.02 -13.29 9.80
CA LEU A 24 0.19 -13.03 8.64
C LEU A 24 -0.72 -14.24 8.39
N THR A 25 -1.77 -14.35 9.18
CA THR A 25 -2.79 -15.37 9.00
C THR A 25 -3.54 -15.12 7.69
N GLU A 26 -4.30 -16.11 7.23
CA GLU A 26 -5.20 -15.92 6.10
C GLU A 26 -6.12 -14.73 6.38
N GLU A 27 -6.64 -14.63 7.61
CA GLU A 27 -7.46 -13.50 8.03
C GLU A 27 -6.70 -12.19 7.83
N GLN A 28 -5.45 -12.08 8.30
CA GLN A 28 -4.65 -10.89 8.04
C GLN A 28 -4.56 -10.62 6.52
N LYS A 29 -4.22 -11.63 5.72
CA LYS A 29 -4.14 -11.46 4.27
C LYS A 29 -5.47 -10.93 3.71
N GLN A 30 -6.59 -11.49 4.15
CA GLN A 30 -7.92 -11.05 3.76
C GLN A 30 -8.11 -9.57 4.10
N GLU A 31 -7.85 -9.18 5.35
CA GLU A 31 -7.95 -7.78 5.76
C GLU A 31 -7.06 -6.87 4.90
N ILE A 32 -5.80 -7.27 4.69
CA ILE A 32 -4.87 -6.55 3.83
C ILE A 32 -5.48 -6.40 2.43
N ARG A 33 -6.05 -7.46 1.86
CA ARG A 33 -6.69 -7.40 0.56
C ARG A 33 -7.87 -6.42 0.57
N GLU A 34 -8.74 -6.50 1.58
CA GLU A 34 -9.86 -5.58 1.72
C GLU A 34 -9.35 -4.13 1.73
N ALA A 35 -8.37 -3.84 2.59
CA ALA A 35 -7.76 -2.52 2.67
C ALA A 35 -7.24 -2.09 1.31
N PHE A 36 -6.45 -2.97 0.66
CA PHE A 36 -5.94 -2.73 -0.69
C PHE A 36 -7.08 -2.31 -1.61
N ASP A 37 -8.06 -3.19 -1.81
CA ASP A 37 -9.19 -2.95 -2.70
C ASP A 37 -9.88 -1.63 -2.38
N LEU A 38 -10.14 -1.36 -1.10
CA LEU A 38 -10.75 -0.11 -0.68
C LEU A 38 -9.93 1.08 -1.16
N PHE A 39 -8.63 1.11 -0.85
CA PHE A 39 -7.79 2.23 -1.27
C PHE A 39 -7.73 2.33 -2.80
N ASP A 40 -7.68 1.18 -3.47
CA ASP A 40 -7.54 1.00 -4.92
C ASP A 40 -8.80 1.42 -5.71
N THR A 41 -9.56 2.39 -5.20
CA THR A 41 -10.82 2.89 -5.73
C THR A 41 -10.81 2.99 -7.26
N ASP A 42 -9.90 3.82 -7.76
CA ASP A 42 -9.65 4.04 -9.19
C ASP A 42 -8.45 3.22 -9.65
N GLY A 43 -7.55 2.88 -8.72
CA GLY A 43 -6.39 2.06 -8.96
C GLY A 43 -6.75 0.75 -9.67
N SER A 44 -7.91 0.18 -9.33
CA SER A 44 -8.56 -0.94 -10.02
C SER A 44 -7.57 -2.00 -10.51
N GLY A 45 -6.67 -2.42 -9.63
CA GLY A 45 -5.57 -3.32 -9.95
C GLY A 45 -4.30 -2.86 -9.24
N THR A 46 -3.98 -1.57 -9.33
CA THR A 46 -2.72 -1.01 -8.84
C THR A 46 -3.01 0.30 -8.10
N ILE A 47 -2.61 0.42 -6.83
CA ILE A 47 -2.89 1.62 -6.06
C ILE A 47 -1.99 2.75 -6.58
N ASP A 48 -2.60 3.86 -6.99
CA ASP A 48 -1.88 5.05 -7.41
C ASP A 48 -1.31 5.77 -6.19
N ALA A 49 -0.14 6.39 -6.36
CA ALA A 49 0.48 7.29 -5.38
C ALA A 49 -0.55 8.13 -4.61
N LYS A 50 -1.48 8.78 -5.33
CA LYS A 50 -2.55 9.58 -4.74
C LYS A 50 -3.35 8.76 -3.73
N GLU A 51 -3.86 7.60 -4.14
CA GLU A 51 -4.62 6.70 -3.29
C GLU A 51 -3.76 6.29 -2.09
N LEU A 52 -2.48 6.02 -2.31
CA LEU A 52 -1.59 5.63 -1.21
C LEU A 52 -1.44 6.77 -0.20
N LYS A 53 -1.19 8.01 -0.65
CA LYS A 53 -1.09 9.12 0.29
C LYS A 53 -2.42 9.38 1.00
N VAL A 54 -3.56 9.20 0.31
CA VAL A 54 -4.86 9.24 0.96
C VAL A 54 -4.94 8.17 2.06
N ALA A 55 -4.54 6.95 1.75
CA ALA A 55 -4.50 5.87 2.74
C ALA A 55 -3.66 6.26 3.94
N MET A 56 -2.41 6.67 3.70
CA MET A 56 -1.52 7.15 4.75
C MET A 56 -2.16 8.27 5.57
N ARG A 57 -2.78 9.26 4.91
CA ARG A 57 -3.47 10.35 5.58
C ARG A 57 -4.55 9.79 6.50
N ALA A 58 -5.38 8.88 6.01
CA ALA A 58 -6.40 8.22 6.82
C ALA A 58 -5.76 7.49 8.01
N LEU A 59 -4.62 6.83 7.78
CA LEU A 59 -3.82 6.20 8.82
C LEU A 59 -3.11 7.20 9.75
N GLY A 60 -3.30 8.51 9.56
CA GLY A 60 -2.78 9.54 10.45
C GLY A 60 -1.33 9.91 10.16
N PHE A 61 -0.81 9.58 8.97
CA PHE A 61 0.51 10.04 8.55
C PHE A 61 0.44 11.51 8.14
N GLU A 62 1.63 12.12 7.99
CA GLU A 62 1.83 13.43 7.40
C GLU A 62 2.50 13.22 6.04
N PRO A 63 1.79 13.38 4.91
CA PRO A 63 2.32 13.23 3.56
C PRO A 63 3.52 14.13 3.20
N LYS A 64 4.69 13.83 3.77
CA LYS A 64 5.95 14.45 3.38
C LYS A 64 6.30 13.96 1.97
N LYS A 65 5.76 14.65 0.97
CA LYS A 65 5.82 14.33 -0.47
C LYS A 65 7.10 13.61 -0.89
N GLU A 66 8.26 14.18 -0.58
CA GLU A 66 9.54 13.62 -0.98
C GLU A 66 9.71 12.21 -0.40
N GLU A 67 9.46 12.07 0.91
CA GLU A 67 9.55 10.79 1.61
C GLU A 67 8.51 9.83 1.05
N ILE A 68 7.28 10.31 0.83
CA ILE A 68 6.22 9.51 0.22
C ILE A 68 6.69 8.93 -1.12
N LYS A 69 7.20 9.78 -2.02
CA LYS A 69 7.72 9.36 -3.31
C LYS A 69 8.84 8.33 -3.14
N LYS A 70 9.80 8.62 -2.25
CA LYS A 70 10.91 7.70 -1.97
C LYS A 70 10.35 6.32 -1.59
N MET A 71 9.48 6.29 -0.57
CA MET A 71 8.87 5.07 -0.08
C MET A 71 8.14 4.34 -1.22
N ILE A 72 7.26 5.04 -1.93
CA ILE A 72 6.55 4.49 -3.08
C ILE A 72 7.54 3.80 -4.01
N SER A 73 8.64 4.48 -4.35
CA SER A 73 9.65 3.91 -5.23
C SER A 73 10.24 2.64 -4.63
N GLU A 74 10.65 2.66 -3.37
CA GLU A 74 11.19 1.48 -2.69
C GLU A 74 10.20 0.31 -2.74
N ILE A 75 8.92 0.58 -2.45
CA ILE A 75 7.89 -0.43 -2.44
C ILE A 75 7.57 -0.91 -3.86
N ASP A 76 7.62 -0.03 -4.86
CA ASP A 76 7.22 -0.36 -6.22
C ASP A 76 8.33 -1.13 -6.94
N LYS A 77 8.57 -2.37 -6.50
CA LYS A 77 9.53 -3.30 -7.09
C LYS A 77 9.39 -3.44 -8.61
N ASP A 78 8.18 -3.34 -9.17
CA ASP A 78 7.93 -3.49 -10.60
C ASP A 78 8.12 -2.16 -11.32
N GLY A 79 8.09 -1.07 -10.57
CA GLY A 79 8.43 0.26 -11.01
C GLY A 79 7.34 0.94 -11.84
N SER A 80 6.12 0.38 -11.92
CA SER A 80 5.05 0.91 -12.75
C SER A 80 4.34 2.10 -12.09
N GLY A 81 5.08 2.99 -11.42
CA GLY A 81 4.60 4.19 -10.74
C GLY A 81 3.34 3.97 -9.89
N THR A 82 3.15 2.77 -9.33
CA THR A 82 1.95 2.38 -8.61
C THR A 82 2.32 1.23 -7.67
N ILE A 83 1.49 0.97 -6.67
CA ILE A 83 1.68 -0.13 -5.73
C ILE A 83 0.74 -1.27 -6.14
N ASP A 84 1.30 -2.34 -6.70
CA ASP A 84 0.59 -3.59 -6.94
C ASP A 84 0.20 -4.24 -5.61
N PHE A 85 -0.85 -5.05 -5.60
CA PHE A 85 -1.30 -5.79 -4.43
C PHE A 85 -0.14 -6.44 -3.66
N GLU A 86 0.73 -7.20 -4.32
CA GLU A 86 1.83 -7.88 -3.63
C GLU A 86 2.82 -6.86 -3.03
N GLU A 87 3.02 -5.72 -3.70
CA GLU A 87 3.87 -4.67 -3.19
C GLU A 87 3.24 -4.06 -1.94
N PHE A 88 1.93 -3.82 -1.98
CA PHE A 88 1.17 -3.37 -0.80
C PHE A 88 1.29 -4.38 0.34
N LEU A 89 1.14 -5.67 0.02
CA LEU A 89 1.32 -6.78 0.96
C LEU A 89 2.71 -6.68 1.58
N THR A 90 3.75 -6.47 0.75
CA THR A 90 5.11 -6.28 1.23
C THR A 90 5.21 -5.09 2.19
N MET A 91 4.65 -3.93 1.80
CA MET A 91 4.64 -2.75 2.66
C MET A 91 4.01 -3.09 4.02
N MET A 92 2.80 -3.67 3.99
CA MET A 92 2.09 -4.08 5.19
C MET A 92 2.97 -5.01 6.03
N THR A 93 3.56 -6.02 5.41
CA THR A 93 4.48 -6.95 6.08
C THR A 93 5.61 -6.19 6.77
N ALA A 94 6.23 -5.24 6.07
CA ALA A 94 7.32 -4.43 6.62
C ALA A 94 6.84 -3.59 7.81
N LYS A 95 5.65 -2.99 7.70
CA LYS A 95 5.09 -2.16 8.76
C LYS A 95 4.72 -2.99 9.99
N MET A 96 4.07 -4.14 9.79
CA MET A 96 3.68 -5.03 10.88
C MET A 96 4.92 -5.54 11.64
N ARG A 21 2.03 -11.61 4.16
CA ARG A 21 2.60 -12.74 3.40
C ARG A 21 2.90 -13.94 4.30
N VAL A 22 3.45 -13.68 5.49
CA VAL A 22 3.79 -14.68 6.48
C VAL A 22 3.59 -14.04 7.85
N GLY A 23 3.34 -14.85 8.89
CA GLY A 23 3.01 -14.35 10.22
C GLY A 23 1.55 -13.88 10.27
N LEU A 24 1.21 -12.91 9.42
CA LEU A 24 -0.15 -12.48 9.18
C LEU A 24 -1.05 -13.67 8.89
N THR A 25 -2.14 -13.82 9.65
CA THR A 25 -3.13 -14.86 9.41
C THR A 25 -3.83 -14.61 8.07
N GLU A 26 -4.47 -15.65 7.52
CA GLU A 26 -5.30 -15.52 6.33
C GLU A 26 -6.33 -14.43 6.52
N GLU A 27 -6.95 -14.36 7.72
CA GLU A 27 -7.87 -13.31 8.09
C GLU A 27 -7.22 -11.93 7.89
N GLN A 28 -6.05 -11.71 8.49
CA GLN A 28 -5.32 -10.46 8.29
C GLN A 28 -5.06 -10.21 6.81
N LYS A 29 -4.61 -11.22 6.05
CA LYS A 29 -4.41 -11.06 4.62
C LYS A 29 -5.70 -10.59 3.93
N GLN A 30 -6.84 -11.21 4.22
CA GLN A 30 -8.13 -10.79 3.69
C GLN A 30 -8.40 -9.32 4.03
N GLU A 31 -8.27 -8.94 5.30
CA GLU A 31 -8.45 -7.56 5.72
C GLU A 31 -7.56 -6.61 4.89
N ILE A 32 -6.27 -6.92 4.80
CA ILE A 32 -5.30 -6.12 4.05
C ILE A 32 -5.71 -6.05 2.57
N ARG A 33 -6.17 -7.16 1.99
CA ARG A 33 -6.67 -7.21 0.63
C ARG A 33 -7.85 -6.25 0.47
N GLU A 34 -8.86 -6.32 1.35
CA GLU A 34 -10.01 -5.45 1.24
C GLU A 34 -9.63 -3.97 1.43
N ALA A 35 -8.75 -3.68 2.39
CA ALA A 35 -8.20 -2.33 2.55
C ALA A 35 -7.55 -1.87 1.24
N PHE A 36 -6.65 -2.70 0.69
CA PHE A 36 -6.01 -2.46 -0.59
C PHE A 36 -7.04 -2.12 -1.67
N ASP A 37 -8.03 -2.99 -1.83
CA ASP A 37 -9.11 -2.84 -2.79
C ASP A 37 -9.78 -1.47 -2.62
N LEU A 38 -10.21 -1.15 -1.39
CA LEU A 38 -10.83 0.14 -1.10
C LEU A 38 -9.92 1.29 -1.52
N PHE A 39 -8.66 1.28 -1.07
CA PHE A 39 -7.73 2.34 -1.40
C PHE A 39 -7.54 2.45 -2.91
N ASP A 40 -7.49 1.31 -3.61
CA ASP A 40 -7.48 1.26 -5.06
C ASP A 40 -8.88 1.56 -5.60
N THR A 41 -9.35 2.79 -5.36
CA THR A 41 -10.57 3.32 -5.95
C THR A 41 -10.52 3.24 -7.49
N ASP A 42 -9.31 3.26 -8.07
CA ASP A 42 -9.10 3.13 -9.51
C ASP A 42 -9.44 1.71 -10.00
N GLY A 43 -9.50 0.73 -9.10
CA GLY A 43 -9.95 -0.62 -9.39
C GLY A 43 -9.05 -1.36 -10.37
N SER A 44 -7.79 -0.93 -10.51
CA SER A 44 -6.86 -1.48 -11.47
C SER A 44 -6.11 -2.71 -10.93
N GLY A 45 -6.19 -2.95 -9.61
CA GLY A 45 -5.40 -3.92 -8.89
C GLY A 45 -4.08 -3.29 -8.43
N THR A 46 -4.00 -1.96 -8.43
CA THR A 46 -2.78 -1.20 -8.22
C THR A 46 -3.15 0.13 -7.55
N ILE A 47 -2.60 0.42 -6.38
CA ILE A 47 -2.81 1.69 -5.69
C ILE A 47 -1.85 2.71 -6.30
N ASP A 48 -2.35 3.75 -6.97
CA ASP A 48 -1.50 4.86 -7.41
C ASP A 48 -0.91 5.58 -6.20
N ALA A 49 0.30 6.13 -6.33
CA ALA A 49 0.94 6.98 -5.31
C ALA A 49 -0.07 7.92 -4.61
N LYS A 50 -0.90 8.63 -5.38
CA LYS A 50 -1.92 9.52 -4.83
C LYS A 50 -2.89 8.76 -3.92
N GLU A 51 -3.37 7.60 -4.36
CA GLU A 51 -4.25 6.76 -3.56
C GLU A 51 -3.53 6.31 -2.29
N LEU A 52 -2.25 5.95 -2.38
CA LEU A 52 -1.49 5.59 -1.17
C LEU A 52 -1.40 6.78 -0.23
N LYS A 53 -1.07 7.97 -0.74
CA LYS A 53 -1.04 9.19 0.06
C LYS A 53 -2.38 9.40 0.77
N VAL A 54 -3.50 9.32 0.04
CA VAL A 54 -4.82 9.39 0.65
C VAL A 54 -4.97 8.32 1.73
N ALA A 55 -4.61 7.07 1.43
CA ALA A 55 -4.70 5.96 2.38
C ALA A 55 -3.97 6.30 3.67
N MET A 56 -2.69 6.67 3.56
CA MET A 56 -1.87 7.11 4.68
C MET A 56 -2.52 8.27 5.41
N ARG A 57 -3.07 9.24 4.67
CA ARG A 57 -3.75 10.35 5.31
C ARG A 57 -4.95 9.85 6.14
N ALA A 58 -5.75 8.95 5.59
CA ALA A 58 -6.85 8.30 6.30
C ALA A 58 -6.35 7.52 7.52
N LEU A 59 -5.19 6.85 7.39
CA LEU A 59 -4.50 6.20 8.50
C LEU A 59 -3.94 7.22 9.51
N GLY A 60 -4.13 8.53 9.28
CA GLY A 60 -3.76 9.59 10.21
C GLY A 60 -2.32 10.04 10.05
N PHE A 61 -1.65 9.65 8.96
CA PHE A 61 -0.24 9.97 8.77
C PHE A 61 -0.10 11.41 8.28
N GLU A 62 1.11 11.95 8.42
CA GLU A 62 1.53 13.22 7.84
C GLU A 62 2.45 12.89 6.66
N PRO A 63 1.93 12.80 5.42
CA PRO A 63 2.72 12.37 4.28
C PRO A 63 3.81 13.38 3.91
N LYS A 64 4.95 13.31 4.59
CA LYS A 64 6.17 14.03 4.27
C LYS A 64 6.65 13.66 2.87
N LYS A 65 6.18 14.40 1.87
CA LYS A 65 6.31 14.17 0.44
C LYS A 65 7.61 13.45 0.05
N GLU A 66 8.77 14.02 0.34
CA GLU A 66 10.05 13.42 -0.06
C GLU A 66 10.22 12.00 0.50
N GLU A 67 9.95 11.82 1.79
CA GLU A 67 10.09 10.53 2.45
C GLU A 67 9.06 9.56 1.87
N ILE A 68 7.84 10.04 1.65
CA ILE A 68 6.79 9.27 1.00
C ILE A 68 7.25 8.78 -0.37
N LYS A 69 7.77 9.68 -1.21
CA LYS A 69 8.27 9.29 -2.53
C LYS A 69 9.40 8.27 -2.42
N LYS A 70 10.36 8.49 -1.51
CA LYS A 70 11.42 7.51 -1.28
C LYS A 70 10.82 6.14 -0.96
N MET A 71 9.96 6.08 0.08
CA MET A 71 9.32 4.84 0.49
C MET A 71 8.59 4.19 -0.68
N ILE A 72 7.71 4.93 -1.35
CA ILE A 72 6.98 4.47 -2.52
C ILE A 72 7.96 3.85 -3.51
N SER A 73 9.05 4.54 -3.84
CA SER A 73 10.06 4.01 -4.75
C SER A 73 10.64 2.70 -4.24
N GLU A 74 11.01 2.63 -2.96
CA GLU A 74 11.55 1.42 -2.35
C GLU A 74 10.57 0.25 -2.48
N ILE A 75 9.28 0.47 -2.24
CA ILE A 75 8.27 -0.57 -2.36
C ILE A 75 7.96 -0.88 -3.83
N ASP A 76 8.00 0.13 -4.70
CA ASP A 76 7.61 0.02 -6.10
C ASP A 76 8.71 -0.65 -6.91
N LYS A 77 8.77 -1.98 -6.85
CA LYS A 77 9.67 -2.78 -7.65
C LYS A 77 9.08 -3.04 -9.04
N ASP A 78 7.79 -3.39 -9.10
CA ASP A 78 7.07 -3.76 -10.33
C ASP A 78 5.92 -2.81 -10.64
N GLY A 79 5.38 -2.14 -9.61
CA GLY A 79 4.15 -1.38 -9.71
C GLY A 79 4.22 -0.16 -10.66
N SER A 80 5.43 0.29 -11.02
CA SER A 80 5.65 1.28 -12.07
C SER A 80 4.81 2.54 -11.85
N GLY A 81 4.99 3.20 -10.70
CA GLY A 81 4.25 4.39 -10.33
C GLY A 81 3.10 4.07 -9.37
N THR A 82 2.64 2.81 -9.37
CA THR A 82 1.63 2.33 -8.44
C THR A 82 2.26 1.34 -7.47
N ILE A 83 1.48 0.87 -6.50
CA ILE A 83 1.79 -0.23 -5.60
C ILE A 83 0.83 -1.36 -5.92
N ASP A 84 1.34 -2.49 -6.41
CA ASP A 84 0.59 -3.72 -6.64
C ASP A 84 0.17 -4.36 -5.31
N PHE A 85 -0.84 -5.24 -5.33
CA PHE A 85 -1.31 -5.93 -4.13
C PHE A 85 -0.17 -6.63 -3.40
N GLU A 86 0.62 -7.46 -4.10
CA GLU A 86 1.72 -8.18 -3.48
C GLU A 86 2.71 -7.21 -2.83
N GLU A 87 3.07 -6.14 -3.54
CA GLU A 87 3.95 -5.11 -3.00
C GLU A 87 3.36 -4.53 -1.70
N PHE A 88 2.09 -4.12 -1.75
CA PHE A 88 1.39 -3.59 -0.59
C PHE A 88 1.39 -4.59 0.57
N LEU A 89 1.05 -5.85 0.31
CA LEU A 89 1.05 -6.89 1.32
C LEU A 89 2.45 -7.04 1.94
N THR A 90 3.48 -7.05 1.10
CA THR A 90 4.86 -7.14 1.56
C THR A 90 5.19 -5.95 2.48
N MET A 91 4.92 -4.73 2.00
CA MET A 91 5.07 -3.50 2.78
C MET A 91 4.39 -3.65 4.13
N MET A 92 3.10 -4.00 4.13
CA MET A 92 2.31 -4.15 5.33
C MET A 92 2.98 -5.15 6.28
N THR A 93 3.34 -6.34 5.76
CA THR A 93 4.03 -7.37 6.54
C THR A 93 5.31 -6.80 7.17
N ALA A 94 6.11 -6.09 6.38
CA ALA A 94 7.36 -5.50 6.84
C ALA A 94 7.13 -4.44 7.93
N LYS A 95 6.13 -3.59 7.75
CA LYS A 95 5.80 -2.54 8.71
C LYS A 95 5.27 -3.14 10.01
N MET A 96 4.36 -4.10 9.94
CA MET A 96 3.80 -4.75 11.12
C MET A 96 4.84 -5.60 11.85
N ARG A 21 -0.25 -16.45 6.81
CA ARG A 21 0.65 -17.04 7.81
C ARG A 21 1.73 -16.02 8.23
N VAL A 22 2.57 -16.40 9.20
CA VAL A 22 3.65 -15.56 9.72
C VAL A 22 3.06 -14.26 10.28
N GLY A 23 2.35 -14.38 11.41
CA GLY A 23 1.72 -13.25 12.08
C GLY A 23 0.45 -12.83 11.37
N LEU A 24 0.55 -12.44 10.11
CA LEU A 24 -0.58 -12.11 9.26
C LEU A 24 -1.35 -13.39 8.92
N THR A 25 -2.30 -13.76 9.78
CA THR A 25 -3.17 -14.89 9.55
C THR A 25 -4.04 -14.63 8.31
N GLU A 26 -4.66 -15.69 7.79
CA GLU A 26 -5.50 -15.61 6.59
C GLU A 26 -6.51 -14.47 6.74
N GLU A 27 -7.17 -14.42 7.91
CA GLU A 27 -8.02 -13.33 8.35
C GLU A 27 -7.39 -11.96 8.06
N GLN A 28 -6.17 -11.75 8.56
CA GLN A 28 -5.49 -10.47 8.40
C GLN A 28 -5.17 -10.23 6.92
N LYS A 29 -4.76 -11.27 6.18
CA LYS A 29 -4.54 -11.12 4.75
C LYS A 29 -5.83 -10.70 4.03
N GLN A 30 -6.98 -11.27 4.41
CA GLN A 30 -8.27 -10.82 3.91
C GLN A 30 -8.46 -9.33 4.22
N GLU A 31 -8.28 -8.93 5.49
CA GLU A 31 -8.39 -7.52 5.87
C GLU A 31 -7.48 -6.63 4.99
N ILE A 32 -6.22 -7.03 4.82
CA ILE A 32 -5.26 -6.32 3.97
C ILE A 32 -5.80 -6.23 2.54
N ARG A 33 -6.32 -7.33 1.97
CA ARG A 33 -6.90 -7.29 0.64
C ARG A 33 -8.08 -6.32 0.57
N GLU A 34 -8.98 -6.36 1.55
CA GLU A 34 -10.13 -5.46 1.61
C GLU A 34 -9.64 -3.99 1.64
N ALA A 35 -8.73 -3.67 2.56
CA ALA A 35 -8.14 -2.35 2.65
C ALA A 35 -7.52 -1.93 1.32
N PHE A 36 -6.69 -2.81 0.75
CA PHE A 36 -6.07 -2.60 -0.55
C PHE A 36 -7.10 -2.23 -1.59
N ASP A 37 -8.13 -3.07 -1.75
CA ASP A 37 -9.21 -2.87 -2.69
C ASP A 37 -9.86 -1.50 -2.47
N LEU A 38 -10.22 -1.18 -1.23
CA LEU A 38 -10.81 0.11 -0.91
C LEU A 38 -9.90 1.25 -1.38
N PHE A 39 -8.63 1.22 -0.98
CA PHE A 39 -7.70 2.27 -1.35
C PHE A 39 -7.57 2.36 -2.88
N ASP A 40 -7.47 1.21 -3.55
CA ASP A 40 -7.46 1.11 -5.00
C ASP A 40 -8.87 1.36 -5.55
N THR A 41 -9.38 2.58 -5.36
CA THR A 41 -10.65 3.02 -5.91
C THR A 41 -10.69 2.87 -7.44
N ASP A 42 -9.53 2.89 -8.10
CA ASP A 42 -9.43 2.69 -9.53
C ASP A 42 -9.69 1.22 -9.92
N GLY A 43 -9.50 0.30 -8.99
CA GLY A 43 -9.81 -1.11 -9.16
C GLY A 43 -8.73 -1.90 -9.90
N SER A 44 -7.75 -1.25 -10.54
CA SER A 44 -6.83 -1.94 -11.45
C SER A 44 -5.67 -2.64 -10.73
N GLY A 45 -5.97 -3.33 -9.63
CA GLY A 45 -5.02 -4.12 -8.84
C GLY A 45 -3.76 -3.37 -8.43
N THR A 46 -3.82 -2.04 -8.32
CA THR A 46 -2.69 -1.16 -8.06
C THR A 46 -3.17 0.07 -7.29
N ILE A 47 -2.62 0.33 -6.11
CA ILE A 47 -2.86 1.59 -5.42
C ILE A 47 -1.92 2.62 -6.07
N ASP A 48 -2.46 3.58 -6.81
CA ASP A 48 -1.67 4.69 -7.33
C ASP A 48 -1.09 5.49 -6.16
N ALA A 49 0.10 6.07 -6.34
CA ALA A 49 0.73 6.95 -5.36
C ALA A 49 -0.25 7.90 -4.66
N LYS A 50 -1.13 8.56 -5.43
CA LYS A 50 -2.15 9.45 -4.89
C LYS A 50 -3.07 8.72 -3.92
N GLU A 51 -3.56 7.55 -4.33
CA GLU A 51 -4.43 6.73 -3.49
C GLU A 51 -3.67 6.31 -2.22
N LEU A 52 -2.39 5.94 -2.35
CA LEU A 52 -1.59 5.58 -1.19
C LEU A 52 -1.45 6.79 -0.24
N LYS A 53 -1.17 7.98 -0.79
CA LYS A 53 -1.10 9.20 -0.02
C LYS A 53 -2.41 9.44 0.74
N VAL A 54 -3.55 9.34 0.04
CA VAL A 54 -4.86 9.42 0.69
C VAL A 54 -4.95 8.39 1.82
N ALA A 55 -4.59 7.13 1.55
CA ALA A 55 -4.60 6.08 2.55
C ALA A 55 -3.80 6.49 3.78
N MET A 56 -2.52 6.84 3.61
CA MET A 56 -1.65 7.27 4.68
C MET A 56 -2.25 8.46 5.45
N ARG A 57 -2.79 9.44 4.73
CA ARG A 57 -3.43 10.58 5.36
C ARG A 57 -4.58 10.10 6.27
N ALA A 58 -5.47 9.27 5.72
CA ALA A 58 -6.58 8.68 6.47
C ALA A 58 -6.08 7.89 7.69
N LEU A 59 -4.99 7.13 7.50
CA LEU A 59 -4.33 6.38 8.57
C LEU A 59 -3.66 7.31 9.60
N GLY A 60 -3.56 8.62 9.33
CA GLY A 60 -3.09 9.61 10.28
C GLY A 60 -1.62 9.97 10.10
N PHE A 61 -0.97 9.51 9.03
CA PHE A 61 0.41 9.86 8.73
C PHE A 61 0.50 11.30 8.24
N GLU A 62 1.72 11.86 8.23
CA GLU A 62 2.04 13.13 7.59
C GLU A 62 2.78 12.82 6.29
N PRO A 63 2.08 12.71 5.13
CA PRO A 63 2.71 12.23 3.91
C PRO A 63 3.62 13.28 3.27
N LYS A 64 4.81 13.45 3.84
CA LYS A 64 5.88 14.29 3.31
C LYS A 64 6.29 13.79 1.91
N LYS A 65 5.74 14.43 0.88
CA LYS A 65 5.86 14.11 -0.54
C LYS A 65 7.21 13.49 -0.92
N GLU A 66 8.31 14.13 -0.55
CA GLU A 66 9.65 13.66 -0.87
C GLU A 66 9.90 12.25 -0.30
N GLU A 67 9.72 12.07 1.01
CA GLU A 67 9.93 10.78 1.65
C GLU A 67 8.94 9.76 1.08
N ILE A 68 7.69 10.19 0.91
CA ILE A 68 6.63 9.35 0.37
C ILE A 68 7.01 8.83 -1.01
N LYS A 69 7.44 9.70 -1.92
CA LYS A 69 7.88 9.34 -3.25
C LYS A 69 9.02 8.32 -3.15
N LYS A 70 10.03 8.62 -2.32
CA LYS A 70 11.16 7.73 -2.12
C LYS A 70 10.67 6.33 -1.73
N MET A 71 9.89 6.25 -0.64
CA MET A 71 9.33 5.01 -0.13
C MET A 71 8.54 4.27 -1.21
N ILE A 72 7.58 4.96 -1.83
CA ILE A 72 6.79 4.41 -2.93
C ILE A 72 7.72 3.81 -3.99
N SER A 73 8.76 4.53 -4.39
CA SER A 73 9.69 4.03 -5.39
C SER A 73 10.40 2.76 -4.92
N GLU A 74 10.83 2.70 -3.66
CA GLU A 74 11.43 1.48 -3.12
C GLU A 74 10.44 0.31 -3.20
N ILE A 75 9.20 0.52 -2.77
CA ILE A 75 8.20 -0.55 -2.75
C ILE A 75 7.75 -0.91 -4.18
N ASP A 76 7.68 0.06 -5.08
CA ASP A 76 7.21 -0.12 -6.44
C ASP A 76 8.36 -0.59 -7.33
N LYS A 77 8.50 -1.91 -7.47
CA LYS A 77 9.48 -2.54 -8.34
C LYS A 77 9.40 -2.05 -9.80
N ASP A 78 8.24 -1.53 -10.24
CA ASP A 78 8.02 -1.09 -11.61
C ASP A 78 8.33 0.40 -11.75
N GLY A 79 8.45 1.09 -10.62
CA GLY A 79 8.73 2.51 -10.53
C GLY A 79 7.74 3.39 -11.31
N SER A 80 6.50 2.91 -11.47
CA SER A 80 5.42 3.60 -12.17
C SER A 80 4.59 4.48 -11.24
N GLY A 81 4.89 4.49 -9.94
CA GLY A 81 4.14 5.22 -8.93
C GLY A 81 2.87 4.46 -8.54
N THR A 82 2.96 3.13 -8.46
CA THR A 82 1.85 2.23 -8.19
C THR A 82 2.30 1.12 -7.26
N ILE A 83 1.58 0.88 -6.17
CA ILE A 83 1.81 -0.26 -5.30
C ILE A 83 0.85 -1.37 -5.73
N ASP A 84 1.38 -2.44 -6.35
CA ASP A 84 0.57 -3.61 -6.68
C ASP A 84 0.23 -4.37 -5.39
N PHE A 85 -0.81 -5.21 -5.40
CA PHE A 85 -1.26 -5.95 -4.23
C PHE A 85 -0.11 -6.70 -3.56
N GLU A 86 0.65 -7.49 -4.31
CA GLU A 86 1.78 -8.22 -3.77
C GLU A 86 2.74 -7.29 -3.03
N GLU A 87 3.07 -6.15 -3.65
CA GLU A 87 3.98 -5.17 -3.06
C GLU A 87 3.40 -4.62 -1.76
N PHE A 88 2.11 -4.23 -1.79
CA PHE A 88 1.40 -3.77 -0.61
C PHE A 88 1.47 -4.81 0.51
N LEU A 89 1.09 -6.05 0.21
CA LEU A 89 1.13 -7.14 1.16
C LEU A 89 2.54 -7.29 1.75
N THR A 90 3.56 -7.27 0.89
CA THR A 90 4.95 -7.35 1.34
C THR A 90 5.26 -6.20 2.31
N MET A 91 4.92 -4.96 1.93
CA MET A 91 5.12 -3.79 2.78
C MET A 91 4.45 -3.99 4.15
N MET A 92 3.16 -4.34 4.14
CA MET A 92 2.42 -4.61 5.35
C MET A 92 3.14 -5.66 6.19
N THR A 93 3.51 -6.80 5.58
CA THR A 93 4.24 -7.87 6.26
C THR A 93 5.53 -7.32 6.89
N ALA A 94 6.29 -6.53 6.14
CA ALA A 94 7.55 -5.95 6.61
C ALA A 94 7.29 -5.05 7.83
N LYS A 95 6.23 -4.24 7.80
CA LYS A 95 5.86 -3.43 8.95
C LYS A 95 5.46 -4.31 10.14
N MET A 96 4.58 -5.29 9.91
CA MET A 96 4.10 -6.21 10.95
C MET A 96 3.60 -7.51 10.33
N ARG A 21 -0.76 -17.73 8.18
CA ARG A 21 0.26 -18.65 8.73
C ARG A 21 1.67 -18.21 8.33
N VAL A 22 1.82 -17.64 7.14
CA VAL A 22 3.11 -17.18 6.63
C VAL A 22 3.46 -15.86 7.32
N GLY A 23 3.79 -15.95 8.61
CA GLY A 23 4.01 -14.79 9.47
C GLY A 23 2.67 -14.12 9.78
N LEU A 24 2.07 -13.50 8.76
CA LEU A 24 0.74 -12.95 8.86
C LEU A 24 -0.29 -14.07 8.84
N THR A 25 -1.27 -13.96 9.73
CA THR A 25 -2.41 -14.87 9.79
C THR A 25 -3.31 -14.60 8.58
N GLU A 26 -3.99 -15.63 8.07
CA GLU A 26 -4.93 -15.51 6.96
C GLU A 26 -5.87 -14.33 7.17
N GLU A 27 -6.41 -14.17 8.38
CA GLU A 27 -7.27 -13.03 8.70
C GLU A 27 -6.58 -11.70 8.43
N GLN A 28 -5.30 -11.58 8.80
CA GLN A 28 -4.53 -10.38 8.52
C GLN A 28 -4.39 -10.20 7.00
N LYS A 29 -4.06 -11.28 6.28
CA LYS A 29 -3.98 -11.21 4.82
C LYS A 29 -5.30 -10.68 4.23
N GLN A 30 -6.42 -11.25 4.67
CA GLN A 30 -7.76 -10.84 4.25
C GLN A 30 -7.96 -9.35 4.52
N GLU A 31 -7.70 -8.90 5.75
CA GLU A 31 -7.79 -7.48 6.11
C GLU A 31 -6.93 -6.63 5.17
N ILE A 32 -5.69 -7.03 4.94
CA ILE A 32 -4.78 -6.32 4.05
C ILE A 32 -5.35 -6.26 2.63
N ARG A 33 -5.93 -7.37 2.13
CA ARG A 33 -6.58 -7.38 0.82
C ARG A 33 -7.77 -6.41 0.81
N GLU A 34 -8.60 -6.43 1.85
CA GLU A 34 -9.72 -5.51 1.96
C GLU A 34 -9.23 -4.06 1.90
N ALA A 35 -8.25 -3.72 2.73
CA ALA A 35 -7.63 -2.39 2.74
C ALA A 35 -7.11 -2.04 1.34
N PHE A 36 -6.34 -2.96 0.73
CA PHE A 36 -5.85 -2.80 -0.62
C PHE A 36 -6.98 -2.43 -1.58
N ASP A 37 -8.04 -3.24 -1.61
CA ASP A 37 -9.19 -3.03 -2.49
C ASP A 37 -9.77 -1.64 -2.26
N LEU A 38 -10.05 -1.27 -1.01
CA LEU A 38 -10.60 0.05 -0.70
C LEU A 38 -9.68 1.16 -1.21
N PHE A 39 -8.39 1.09 -0.86
CA PHE A 39 -7.43 2.11 -1.25
C PHE A 39 -7.26 2.16 -2.77
N ASP A 40 -7.41 1.02 -3.45
CA ASP A 40 -7.40 0.92 -4.90
C ASP A 40 -8.74 1.41 -5.46
N THR A 41 -9.20 2.57 -4.98
CA THR A 41 -10.52 3.11 -5.19
C THR A 41 -10.82 3.30 -6.68
N ASP A 42 -9.85 3.83 -7.42
CA ASP A 42 -9.96 4.07 -8.87
C ASP A 42 -8.90 3.29 -9.64
N GLY A 43 -7.78 2.93 -8.99
CA GLY A 43 -6.65 2.27 -9.63
C GLY A 43 -7.04 0.95 -10.31
N SER A 44 -8.06 0.28 -9.78
CA SER A 44 -8.71 -0.88 -10.39
C SER A 44 -7.70 -1.94 -10.84
N GLY A 45 -6.88 -2.39 -9.89
CA GLY A 45 -5.82 -3.35 -10.12
C GLY A 45 -4.63 -3.03 -9.22
N THR A 46 -4.16 -1.79 -9.25
CA THR A 46 -2.95 -1.36 -8.58
C THR A 46 -3.13 0.04 -7.99
N ILE A 47 -2.68 0.23 -6.74
CA ILE A 47 -2.86 1.49 -6.02
C ILE A 47 -1.89 2.51 -6.60
N ASP A 48 -2.39 3.56 -7.26
CA ASP A 48 -1.54 4.66 -7.72
C ASP A 48 -0.88 5.33 -6.51
N ALA A 49 0.34 5.83 -6.67
CA ALA A 49 1.04 6.64 -5.67
C ALA A 49 0.10 7.62 -4.94
N LYS A 50 -0.73 8.36 -5.70
CA LYS A 50 -1.72 9.28 -5.16
C LYS A 50 -2.70 8.57 -4.24
N GLU A 51 -3.21 7.41 -4.65
CA GLU A 51 -4.12 6.62 -3.83
C GLU A 51 -3.40 6.16 -2.56
N LEU A 52 -2.13 5.78 -2.64
CA LEU A 52 -1.38 5.41 -1.44
C LEU A 52 -1.22 6.62 -0.52
N LYS A 53 -0.95 7.81 -1.07
CA LYS A 53 -0.94 9.04 -0.30
C LYS A 53 -2.29 9.26 0.39
N VAL A 54 -3.41 9.13 -0.34
CA VAL A 54 -4.74 9.19 0.25
C VAL A 54 -4.87 8.18 1.40
N ALA A 55 -4.47 6.93 1.16
CA ALA A 55 -4.50 5.87 2.16
C ALA A 55 -3.75 6.31 3.42
N MET A 56 -2.49 6.72 3.28
CA MET A 56 -1.67 7.20 4.38
C MET A 56 -2.35 8.39 5.07
N ARG A 57 -2.94 9.30 4.31
CA ARG A 57 -3.71 10.41 4.89
C ARG A 57 -4.79 9.85 5.80
N ALA A 58 -5.62 8.94 5.30
CA ALA A 58 -6.69 8.30 6.06
C ALA A 58 -6.14 7.57 7.29
N LEU A 59 -5.00 6.90 7.14
CA LEU A 59 -4.29 6.22 8.23
C LEU A 59 -3.70 7.22 9.24
N GLY A 60 -3.81 8.53 9.01
CA GLY A 60 -3.36 9.54 9.95
C GLY A 60 -1.86 9.79 9.86
N PHE A 61 -1.24 9.51 8.72
CA PHE A 61 0.13 9.90 8.45
C PHE A 61 0.12 11.41 8.17
N GLU A 62 1.32 12.01 8.06
CA GLU A 62 1.51 13.36 7.57
C GLU A 62 2.34 13.25 6.30
N PRO A 63 1.73 13.34 5.10
CA PRO A 63 2.41 13.18 3.82
C PRO A 63 3.63 14.07 3.55
N LYS A 64 4.76 13.78 4.21
CA LYS A 64 6.04 14.39 3.91
C LYS A 64 6.49 13.86 2.54
N LYS A 65 6.11 14.58 1.49
CA LYS A 65 6.36 14.29 0.07
C LYS A 65 7.67 13.54 -0.16
N GLU A 66 8.77 14.03 0.42
CA GLU A 66 10.09 13.42 0.31
C GLU A 66 10.03 11.94 0.73
N GLU A 67 9.60 11.71 1.98
CA GLU A 67 9.57 10.39 2.58
C GLU A 67 8.53 9.52 1.88
N ILE A 68 7.37 10.10 1.57
CA ILE A 68 6.32 9.45 0.80
C ILE A 68 6.90 8.90 -0.51
N LYS A 69 7.53 9.76 -1.31
CA LYS A 69 8.12 9.39 -2.58
C LYS A 69 9.16 8.29 -2.39
N LYS A 70 10.11 8.48 -1.46
CA LYS A 70 11.14 7.49 -1.20
C LYS A 70 10.51 6.12 -0.89
N MET A 71 9.65 6.08 0.12
CA MET A 71 8.98 4.86 0.54
C MET A 71 8.24 4.21 -0.63
N ILE A 72 7.38 4.97 -1.30
CA ILE A 72 6.67 4.50 -2.49
C ILE A 72 7.65 3.88 -3.49
N SER A 73 8.75 4.58 -3.81
CA SER A 73 9.74 4.08 -4.74
C SER A 73 10.32 2.75 -4.27
N GLU A 74 10.72 2.68 -2.99
CA GLU A 74 11.27 1.46 -2.41
C GLU A 74 10.28 0.29 -2.53
N ILE A 75 9.00 0.53 -2.24
CA ILE A 75 7.97 -0.50 -2.33
C ILE A 75 7.67 -0.84 -3.80
N ASP A 76 7.74 0.16 -4.70
CA ASP A 76 7.45 -0.01 -6.12
C ASP A 76 8.60 -0.76 -6.81
N LYS A 77 8.69 -2.06 -6.55
CA LYS A 77 9.62 -2.95 -7.22
C LYS A 77 9.39 -2.96 -8.74
N ASP A 78 8.11 -3.05 -9.15
CA ASP A 78 7.70 -3.28 -10.54
C ASP A 78 6.46 -2.49 -10.95
N GLY A 79 5.57 -2.18 -10.00
CA GLY A 79 4.27 -1.56 -10.27
C GLY A 79 4.31 -0.21 -11.01
N SER A 80 5.49 0.41 -11.14
CA SER A 80 5.75 1.57 -11.99
C SER A 80 4.73 2.70 -11.78
N GLY A 81 4.81 3.37 -10.63
CA GLY A 81 3.90 4.46 -10.27
C GLY A 81 2.67 3.94 -9.53
N THR A 82 2.28 2.68 -9.79
CA THR A 82 1.28 2.00 -9.01
C THR A 82 1.94 0.98 -8.08
N ILE A 83 1.20 0.51 -7.08
CA ILE A 83 1.60 -0.47 -6.10
C ILE A 83 0.63 -1.65 -6.23
N ASP A 84 1.13 -2.81 -6.64
CA ASP A 84 0.35 -4.04 -6.77
C ASP A 84 0.05 -4.62 -5.39
N PHE A 85 -0.96 -5.50 -5.30
CA PHE A 85 -1.32 -6.21 -4.07
C PHE A 85 -0.10 -6.84 -3.40
N GLU A 86 0.78 -7.51 -4.15
CA GLU A 86 1.96 -8.13 -3.57
C GLU A 86 2.88 -7.07 -2.93
N GLU A 87 3.13 -5.98 -3.65
CA GLU A 87 3.97 -4.89 -3.17
C GLU A 87 3.36 -4.28 -1.90
N PHE A 88 2.04 -4.01 -1.93
CA PHE A 88 1.31 -3.47 -0.79
C PHE A 88 1.40 -4.43 0.40
N LEU A 89 1.14 -5.72 0.17
CA LEU A 89 1.25 -6.76 1.18
C LEU A 89 2.66 -6.75 1.79
N THR A 90 3.70 -6.65 0.95
CA THR A 90 5.07 -6.55 1.43
C THR A 90 5.22 -5.33 2.35
N MET A 91 4.78 -4.15 1.91
CA MET A 91 4.82 -2.94 2.72
C MET A 91 4.13 -3.16 4.07
N MET A 92 2.89 -3.67 4.05
CA MET A 92 2.11 -3.92 5.25
C MET A 92 2.81 -4.93 6.15
N THR A 93 3.40 -5.99 5.58
CA THR A 93 4.21 -6.93 6.36
C THR A 93 5.37 -6.18 7.03
N ALA A 94 6.03 -5.29 6.28
CA ALA A 94 7.08 -4.42 6.81
C ALA A 94 6.48 -3.27 7.63
N LYS A 95 5.75 -3.60 8.69
CA LYS A 95 5.14 -2.71 9.66
C LYS A 95 3.91 -1.99 9.10
N MET A 96 2.73 -2.59 9.32
CA MET A 96 1.43 -2.01 8.97
C MET A 96 1.31 -0.56 9.45
N ARG A 21 4.47 -18.99 14.13
CA ARG A 21 3.48 -17.91 13.92
C ARG A 21 3.50 -17.47 12.45
N VAL A 22 2.34 -17.55 11.79
CA VAL A 22 2.19 -17.20 10.38
C VAL A 22 2.38 -15.69 10.13
N GLY A 23 2.20 -14.85 11.15
CA GLY A 23 2.35 -13.41 11.03
C GLY A 23 1.08 -12.80 10.42
N LEU A 24 0.75 -13.20 9.19
CA LEU A 24 -0.45 -12.81 8.47
C LEU A 24 -1.34 -14.03 8.26
N THR A 25 -2.37 -14.21 9.09
CA THR A 25 -3.37 -15.25 8.86
C THR A 25 -4.16 -14.94 7.59
N GLU A 26 -4.88 -15.94 7.07
CA GLU A 26 -5.82 -15.75 5.98
C GLU A 26 -6.84 -14.66 6.31
N GLU A 27 -7.23 -14.53 7.58
CA GLU A 27 -8.13 -13.45 7.99
C GLU A 27 -7.46 -12.10 7.79
N GLN A 28 -6.24 -11.94 8.32
CA GLN A 28 -5.48 -10.72 8.10
C GLN A 28 -5.32 -10.45 6.60
N LYS A 29 -4.98 -11.46 5.79
CA LYS A 29 -4.86 -11.29 4.35
C LYS A 29 -6.19 -10.85 3.72
N GLN A 30 -7.33 -11.39 4.16
CA GLN A 30 -8.64 -10.88 3.73
C GLN A 30 -8.80 -9.40 4.09
N GLU A 31 -8.48 -9.01 5.32
CA GLU A 31 -8.55 -7.61 5.74
C GLU A 31 -7.66 -6.74 4.85
N ILE A 32 -6.42 -7.17 4.60
CA ILE A 32 -5.47 -6.47 3.74
C ILE A 32 -6.02 -6.37 2.32
N ARG A 33 -6.62 -7.43 1.78
CA ARG A 33 -7.32 -7.40 0.50
C ARG A 33 -8.42 -6.33 0.53
N GLU A 34 -9.30 -6.35 1.52
CA GLU A 34 -10.36 -5.36 1.65
C GLU A 34 -9.79 -3.93 1.61
N ALA A 35 -8.82 -3.67 2.48
CA ALA A 35 -8.15 -2.36 2.54
C ALA A 35 -7.57 -2.00 1.18
N PHE A 36 -6.81 -2.92 0.58
CA PHE A 36 -6.20 -2.74 -0.73
C PHE A 36 -7.25 -2.33 -1.75
N ASP A 37 -8.33 -3.11 -1.84
CA ASP A 37 -9.44 -2.89 -2.76
C ASP A 37 -10.02 -1.49 -2.56
N LEU A 38 -10.36 -1.13 -1.33
CA LEU A 38 -10.90 0.19 -1.03
C LEU A 38 -9.93 1.28 -1.48
N PHE A 39 -8.67 1.19 -1.08
CA PHE A 39 -7.67 2.18 -1.44
C PHE A 39 -7.50 2.25 -2.95
N ASP A 40 -7.58 1.11 -3.65
CA ASP A 40 -7.65 1.08 -5.11
C ASP A 40 -9.05 1.49 -5.56
N THR A 41 -9.47 2.69 -5.17
CA THR A 41 -10.78 3.23 -5.46
C THR A 41 -10.99 3.35 -6.98
N ASP A 42 -9.89 3.53 -7.73
CA ASP A 42 -9.89 3.56 -9.18
C ASP A 42 -9.91 2.16 -9.80
N GLY A 43 -10.12 1.10 -9.01
CA GLY A 43 -10.30 -0.28 -9.50
C GLY A 43 -9.25 -0.70 -10.52
N SER A 44 -8.00 -0.26 -10.31
CA SER A 44 -6.91 -0.41 -11.27
C SER A 44 -6.04 -1.64 -10.98
N GLY A 45 -6.41 -2.43 -9.97
CA GLY A 45 -5.61 -3.56 -9.50
C GLY A 45 -4.27 -3.12 -8.89
N THR A 46 -4.15 -1.83 -8.60
CA THR A 46 -2.93 -1.15 -8.22
C THR A 46 -3.36 0.07 -7.40
N ILE A 47 -2.72 0.33 -6.26
CA ILE A 47 -2.93 1.58 -5.55
C ILE A 47 -1.97 2.58 -6.19
N ASP A 48 -2.48 3.51 -7.00
CA ASP A 48 -1.66 4.58 -7.54
C ASP A 48 -1.12 5.45 -6.40
N ALA A 49 0.07 6.03 -6.58
CA ALA A 49 0.68 6.98 -5.65
C ALA A 49 -0.35 7.94 -5.01
N LYS A 50 -1.21 8.55 -5.82
CA LYS A 50 -2.26 9.44 -5.34
C LYS A 50 -3.18 8.72 -4.35
N GLU A 51 -3.64 7.52 -4.71
CA GLU A 51 -4.50 6.71 -3.87
C GLU A 51 -3.76 6.33 -2.58
N LEU A 52 -2.47 6.02 -2.67
CA LEU A 52 -1.65 5.73 -1.50
C LEU A 52 -1.58 6.96 -0.59
N LYS A 53 -1.40 8.15 -1.18
CA LYS A 53 -1.42 9.40 -0.44
C LYS A 53 -2.78 9.58 0.27
N VAL A 54 -3.89 9.38 -0.44
CA VAL A 54 -5.22 9.38 0.17
C VAL A 54 -5.26 8.42 1.37
N ALA A 55 -4.83 7.17 1.16
CA ALA A 55 -4.77 6.17 2.20
C ALA A 55 -3.98 6.68 3.41
N MET A 56 -2.76 7.16 3.19
CA MET A 56 -1.91 7.69 4.25
C MET A 56 -2.56 8.87 4.95
N ARG A 57 -3.24 9.76 4.21
CA ARG A 57 -4.03 10.82 4.82
C ARG A 57 -5.07 10.21 5.77
N ALA A 58 -5.85 9.24 5.28
CA ALA A 58 -6.84 8.55 6.09
C ALA A 58 -6.22 7.87 7.32
N LEU A 59 -5.02 7.30 7.16
CA LEU A 59 -4.24 6.70 8.24
C LEU A 59 -3.66 7.77 9.19
N GLY A 60 -3.87 9.07 8.93
CA GLY A 60 -3.43 10.15 9.78
C GLY A 60 -1.92 10.37 9.69
N PHE A 61 -1.32 10.07 8.54
CA PHE A 61 0.07 10.36 8.27
C PHE A 61 0.22 11.83 7.86
N GLU A 62 1.47 12.30 7.80
CA GLU A 62 1.84 13.59 7.23
C GLU A 62 2.61 13.32 5.93
N PRO A 63 2.00 13.50 4.75
CA PRO A 63 2.65 13.34 3.45
C PRO A 63 3.90 14.20 3.21
N LYS A 64 5.03 13.87 3.84
CA LYS A 64 6.32 14.46 3.53
C LYS A 64 6.73 14.05 2.11
N LYS A 65 6.26 14.79 1.12
CA LYS A 65 6.35 14.52 -0.32
C LYS A 65 7.62 13.76 -0.72
N GLU A 66 8.81 14.28 -0.38
CA GLU A 66 10.07 13.64 -0.72
C GLU A 66 10.16 12.23 -0.13
N GLU A 67 9.86 12.09 1.15
CA GLU A 67 9.90 10.81 1.86
C GLU A 67 8.87 9.86 1.24
N ILE A 68 7.66 10.38 0.96
CA ILE A 68 6.60 9.64 0.31
C ILE A 68 7.11 9.08 -1.04
N LYS A 69 7.67 9.94 -1.90
CA LYS A 69 8.21 9.52 -3.19
C LYS A 69 9.27 8.43 -2.99
N LYS A 70 10.25 8.67 -2.11
CA LYS A 70 11.28 7.68 -1.83
C LYS A 70 10.66 6.33 -1.44
N MET A 71 9.80 6.34 -0.43
CA MET A 71 9.13 5.14 0.06
C MET A 71 8.39 4.43 -1.07
N ILE A 72 7.52 5.15 -1.79
CA ILE A 72 6.80 4.59 -2.93
C ILE A 72 7.78 3.94 -3.91
N SER A 73 8.88 4.62 -4.24
CA SER A 73 9.88 4.06 -5.13
C SER A 73 10.47 2.77 -4.57
N GLU A 74 10.87 2.76 -3.30
CA GLU A 74 11.40 1.57 -2.63
C GLU A 74 10.41 0.40 -2.72
N ILE A 75 9.12 0.64 -2.50
CA ILE A 75 8.12 -0.41 -2.55
C ILE A 75 7.77 -0.80 -3.99
N ASP A 76 7.77 0.15 -4.93
CA ASP A 76 7.28 -0.07 -6.28
C ASP A 76 8.38 -0.67 -7.17
N LYS A 77 8.43 -1.99 -7.25
CA LYS A 77 9.37 -2.74 -8.07
C LYS A 77 9.29 -2.39 -9.57
N ASP A 78 8.17 -1.84 -10.05
CA ASP A 78 8.01 -1.44 -11.46
C ASP A 78 8.13 0.07 -11.62
N GLY A 79 8.38 0.78 -10.51
CA GLY A 79 8.59 2.22 -10.45
C GLY A 79 7.45 3.11 -10.97
N SER A 80 6.38 2.54 -11.54
CA SER A 80 5.36 3.31 -12.26
C SER A 80 4.30 3.84 -11.29
N GLY A 81 4.77 4.47 -10.21
CA GLY A 81 3.98 5.08 -9.15
C GLY A 81 2.71 4.30 -8.78
N THR A 82 2.81 2.97 -8.64
CA THR A 82 1.69 2.11 -8.31
C THR A 82 2.17 0.99 -7.37
N ILE A 83 1.37 0.70 -6.34
CA ILE A 83 1.62 -0.39 -5.42
C ILE A 83 0.67 -1.54 -5.78
N ASP A 84 1.22 -2.65 -6.28
CA ASP A 84 0.46 -3.89 -6.50
C ASP A 84 0.14 -4.53 -5.14
N PHE A 85 -0.89 -5.39 -5.11
CA PHE A 85 -1.29 -6.12 -3.90
C PHE A 85 -0.11 -6.82 -3.22
N GLU A 86 0.71 -7.55 -3.99
CA GLU A 86 1.85 -8.25 -3.42
C GLU A 86 2.79 -7.27 -2.74
N GLU A 87 3.05 -6.12 -3.38
CA GLU A 87 3.92 -5.09 -2.83
C GLU A 87 3.30 -4.51 -1.55
N PHE A 88 2.01 -4.20 -1.57
CA PHE A 88 1.27 -3.71 -0.42
C PHE A 88 1.40 -4.69 0.76
N LEU A 89 1.11 -5.97 0.50
CA LEU A 89 1.25 -7.03 1.49
C LEU A 89 2.69 -7.08 2.00
N THR A 90 3.69 -7.07 1.10
CA THR A 90 5.09 -7.11 1.47
C THR A 90 5.44 -5.94 2.39
N MET A 91 5.01 -4.73 2.04
CA MET A 91 5.22 -3.53 2.85
C MET A 91 4.73 -3.75 4.28
N MET A 92 3.56 -4.38 4.45
CA MET A 92 3.04 -4.69 5.77
C MET A 92 3.92 -5.76 6.43
N THR A 93 4.13 -6.88 5.73
CA THR A 93 4.93 -8.01 6.21
C THR A 93 6.28 -7.54 6.75
N ALA A 94 6.94 -6.62 6.02
CA ALA A 94 8.24 -6.08 6.41
C ALA A 94 8.20 -5.44 7.80
N LYS A 95 7.08 -4.80 8.16
CA LYS A 95 6.89 -4.24 9.49
C LYS A 95 6.45 -5.33 10.47
N MET A 96 5.57 -6.22 10.02
CA MET A 96 5.04 -7.33 10.80
C MET A 96 5.95 -8.55 10.65
N ARG A 21 5.87 -11.63 14.14
CA ARG A 21 5.22 -10.47 13.50
C ARG A 21 4.37 -10.88 12.31
N VAL A 22 5.00 -11.50 11.32
CA VAL A 22 4.44 -11.78 10.01
C VAL A 22 3.47 -12.97 10.01
N GLY A 23 2.49 -12.95 10.92
CA GLY A 23 1.45 -13.96 11.01
C GLY A 23 0.43 -13.79 9.89
N LEU A 24 0.86 -13.98 8.64
CA LEU A 24 -0.01 -13.82 7.49
C LEU A 24 -1.00 -14.97 7.37
N THR A 25 -2.02 -14.98 8.23
CA THR A 25 -3.14 -15.89 8.08
C THR A 25 -3.90 -15.56 6.79
N GLU A 26 -4.74 -16.48 6.35
CA GLU A 26 -5.67 -16.21 5.27
C GLU A 26 -6.52 -14.99 5.62
N GLU A 27 -6.89 -14.82 6.88
CA GLU A 27 -7.71 -13.70 7.31
C GLU A 27 -6.92 -12.39 7.19
N GLN A 28 -5.67 -12.36 7.64
CA GLN A 28 -4.81 -11.22 7.39
C GLN A 28 -4.74 -10.93 5.88
N LYS A 29 -4.47 -11.95 5.06
CA LYS A 29 -4.37 -11.75 3.62
C LYS A 29 -5.67 -11.15 3.07
N GLN A 30 -6.82 -11.71 3.43
CA GLN A 30 -8.14 -11.16 3.09
C GLN A 30 -8.22 -9.70 3.49
N GLU A 31 -8.06 -9.39 4.78
CA GLU A 31 -8.11 -8.03 5.31
C GLU A 31 -7.25 -7.07 4.48
N ILE A 32 -6.00 -7.45 4.23
CA ILE A 32 -5.08 -6.66 3.42
C ILE A 32 -5.63 -6.48 2.01
N ARG A 33 -6.15 -7.54 1.38
CA ARG A 33 -6.76 -7.41 0.06
C ARG A 33 -7.95 -6.44 0.10
N GLU A 34 -8.83 -6.54 1.08
CA GLU A 34 -9.96 -5.62 1.22
C GLU A 34 -9.48 -4.19 1.36
N ALA A 35 -8.53 -3.94 2.27
CA ALA A 35 -7.95 -2.61 2.44
C ALA A 35 -7.38 -2.10 1.11
N PHE A 36 -6.61 -2.96 0.43
CA PHE A 36 -6.05 -2.67 -0.87
C PHE A 36 -7.15 -2.23 -1.85
N ASP A 37 -8.19 -3.06 -1.97
CA ASP A 37 -9.34 -2.80 -2.84
C ASP A 37 -9.95 -1.44 -2.53
N LEU A 38 -10.23 -1.18 -1.25
CA LEU A 38 -10.80 0.09 -0.83
C LEU A 38 -9.91 1.25 -1.28
N PHE A 39 -8.62 1.20 -0.94
CA PHE A 39 -7.70 2.27 -1.32
C PHE A 39 -7.63 2.41 -2.84
N ASP A 40 -7.67 1.30 -3.58
CA ASP A 40 -7.77 1.30 -5.03
C ASP A 40 -9.20 1.68 -5.45
N THR A 41 -9.63 2.89 -5.07
CA THR A 41 -10.90 3.47 -5.48
C THR A 41 -11.02 3.48 -7.01
N ASP A 42 -9.89 3.67 -7.71
CA ASP A 42 -9.83 3.66 -9.17
C ASP A 42 -9.93 2.24 -9.76
N GLY A 43 -10.17 1.20 -8.94
CA GLY A 43 -10.41 -0.17 -9.39
C GLY A 43 -9.38 -0.66 -10.42
N SER A 44 -8.14 -0.22 -10.29
CA SER A 44 -7.10 -0.45 -11.29
C SER A 44 -6.27 -1.69 -11.00
N GLY A 45 -6.69 -2.50 -10.02
CA GLY A 45 -5.93 -3.62 -9.48
C GLY A 45 -4.57 -3.17 -8.93
N THR A 46 -4.43 -1.87 -8.65
CA THR A 46 -3.20 -1.20 -8.32
C THR A 46 -3.60 0.08 -7.59
N ILE A 47 -2.91 0.42 -6.49
CA ILE A 47 -3.13 1.68 -5.78
C ILE A 47 -2.22 2.72 -6.44
N ASP A 48 -2.77 3.74 -7.09
CA ASP A 48 -1.92 4.83 -7.60
C ASP A 48 -1.23 5.53 -6.43
N ALA A 49 0.01 6.03 -6.61
CA ALA A 49 0.71 6.83 -5.61
C ALA A 49 -0.22 7.83 -4.89
N LYS A 50 -1.06 8.55 -5.64
CA LYS A 50 -2.03 9.49 -5.07
C LYS A 50 -2.99 8.78 -4.12
N GLU A 51 -3.54 7.64 -4.54
CA GLU A 51 -4.40 6.83 -3.69
C GLU A 51 -3.65 6.37 -2.45
N LEU A 52 -2.36 6.01 -2.58
CA LEU A 52 -1.55 5.68 -1.41
C LEU A 52 -1.44 6.89 -0.48
N LYS A 53 -1.20 8.08 -1.03
CA LYS A 53 -1.16 9.30 -0.23
C LYS A 53 -2.49 9.50 0.52
N VAL A 54 -3.63 9.35 -0.17
CA VAL A 54 -4.94 9.37 0.49
C VAL A 54 -5.02 8.31 1.59
N ALA A 55 -4.57 7.09 1.30
CA ALA A 55 -4.56 6.00 2.28
C ALA A 55 -3.79 6.44 3.54
N MET A 56 -2.56 6.92 3.36
CA MET A 56 -1.73 7.41 4.44
C MET A 56 -2.41 8.57 5.19
N ARG A 57 -3.03 9.50 4.47
CA ARG A 57 -3.84 10.53 5.11
C ARG A 57 -4.91 9.90 6.00
N ALA A 58 -5.66 8.92 5.48
CA ALA A 58 -6.69 8.22 6.24
C ALA A 58 -6.11 7.50 7.45
N LEU A 59 -4.92 6.90 7.29
CA LEU A 59 -4.15 6.28 8.37
C LEU A 59 -3.61 7.32 9.36
N GLY A 60 -3.83 8.61 9.13
CA GLY A 60 -3.40 9.68 10.03
C GLY A 60 -1.90 9.92 9.97
N PHE A 61 -1.28 9.58 8.84
CA PHE A 61 0.14 9.88 8.63
C PHE A 61 0.29 11.33 8.20
N GLU A 62 1.52 11.84 8.26
CA GLU A 62 1.93 13.11 7.71
C GLU A 62 2.77 12.81 6.44
N PRO A 63 2.25 13.03 5.23
CA PRO A 63 2.98 12.84 3.98
C PRO A 63 4.26 13.69 3.85
N LYS A 64 5.32 13.33 4.58
CA LYS A 64 6.63 13.95 4.43
C LYS A 64 7.21 13.57 3.06
N LYS A 65 7.03 14.48 2.09
CA LYS A 65 7.33 14.33 0.67
C LYS A 65 8.52 13.41 0.38
N GLU A 66 9.71 13.75 0.89
CA GLU A 66 10.93 12.99 0.61
C GLU A 66 10.75 11.54 1.06
N GLU A 67 10.39 11.34 2.32
CA GLU A 67 10.22 10.02 2.91
C GLU A 67 9.14 9.24 2.17
N ILE A 68 8.03 9.90 1.80
CA ILE A 68 6.97 9.31 1.00
C ILE A 68 7.55 8.79 -0.32
N LYS A 69 8.23 9.65 -1.08
CA LYS A 69 8.82 9.26 -2.35
C LYS A 69 9.80 8.10 -2.18
N LYS A 70 10.68 8.20 -1.17
CA LYS A 70 11.63 7.14 -0.86
C LYS A 70 10.89 5.82 -0.63
N MET A 71 9.96 5.79 0.33
CA MET A 71 9.20 4.61 0.67
C MET A 71 8.52 4.04 -0.57
N ILE A 72 7.76 4.87 -1.28
CA ILE A 72 7.10 4.46 -2.51
C ILE A 72 8.12 3.80 -3.45
N SER A 73 9.26 4.44 -3.70
CA SER A 73 10.28 3.87 -4.56
C SER A 73 10.77 2.51 -4.05
N GLU A 74 11.02 2.39 -2.75
CA GLU A 74 11.45 1.14 -2.15
C GLU A 74 10.42 0.02 -2.37
N ILE A 75 9.13 0.33 -2.27
CA ILE A 75 8.05 -0.65 -2.46
C ILE A 75 7.76 -0.89 -3.94
N ASP A 76 7.87 0.14 -4.79
CA ASP A 76 7.43 0.13 -6.17
C ASP A 76 8.51 -0.45 -7.09
N LYS A 77 8.51 -1.77 -7.25
CA LYS A 77 9.40 -2.48 -8.17
C LYS A 77 8.73 -2.65 -9.53
N ASP A 78 7.48 -3.09 -9.55
CA ASP A 78 6.70 -3.35 -10.77
C ASP A 78 5.59 -2.31 -10.95
N GLY A 79 5.08 -1.77 -9.84
CA GLY A 79 3.91 -0.91 -9.81
C GLY A 79 4.00 0.33 -10.71
N SER A 80 5.21 0.82 -10.99
CA SER A 80 5.49 1.88 -11.96
C SER A 80 4.58 3.10 -11.75
N GLY A 81 4.63 3.71 -10.57
CA GLY A 81 3.79 4.84 -10.21
C GLY A 81 2.57 4.41 -9.39
N THR A 82 2.19 3.13 -9.48
CA THR A 82 1.20 2.53 -8.62
C THR A 82 1.89 1.57 -7.64
N ILE A 83 1.12 0.93 -6.76
CA ILE A 83 1.53 -0.15 -5.90
C ILE A 83 0.61 -1.34 -6.23
N ASP A 84 1.17 -2.46 -6.68
CA ASP A 84 0.45 -3.69 -6.94
C ASP A 84 0.09 -4.38 -5.62
N PHE A 85 -0.91 -5.27 -5.64
CA PHE A 85 -1.32 -6.02 -4.46
C PHE A 85 -0.13 -6.72 -3.79
N GLU A 86 0.72 -7.40 -4.56
CA GLU A 86 1.87 -8.10 -4.01
C GLU A 86 2.79 -7.13 -3.26
N GLU A 87 3.05 -5.97 -3.87
CA GLU A 87 3.89 -4.94 -3.27
C GLU A 87 3.24 -4.41 -1.99
N PHE A 88 1.94 -4.13 -2.03
CA PHE A 88 1.20 -3.66 -0.87
C PHE A 88 1.27 -4.68 0.27
N LEU A 89 1.01 -5.96 -0.05
CA LEU A 89 1.13 -7.06 0.89
C LEU A 89 2.54 -7.08 1.49
N THR A 90 3.58 -7.01 0.65
CA THR A 90 4.95 -6.98 1.12
C THR A 90 5.17 -5.83 2.11
N MET A 91 4.73 -4.61 1.74
CA MET A 91 4.83 -3.44 2.60
C MET A 91 4.16 -3.72 3.95
N MET A 92 2.91 -4.16 3.94
CA MET A 92 2.17 -4.45 5.16
C MET A 92 2.91 -5.50 5.99
N THR A 93 3.34 -6.59 5.36
CA THR A 93 4.11 -7.65 6.00
C THR A 93 5.34 -7.06 6.70
N ALA A 94 6.09 -6.19 6.00
CA ALA A 94 7.24 -5.53 6.59
C ALA A 94 6.82 -4.70 7.81
N LYS A 95 5.78 -3.87 7.67
CA LYS A 95 5.35 -2.96 8.72
C LYS A 95 4.81 -3.68 9.97
N MET A 96 3.87 -4.61 9.81
CA MET A 96 3.13 -5.21 10.91
C MET A 96 4.06 -5.73 12.01
N ARG A 21 6.63 -16.67 13.25
CA ARG A 21 7.12 -16.09 11.99
C ARG A 21 5.96 -15.77 11.05
N VAL A 22 6.16 -14.83 10.12
CA VAL A 22 5.20 -14.37 9.12
C VAL A 22 4.02 -13.64 9.78
N GLY A 23 3.20 -14.35 10.56
CA GLY A 23 2.10 -13.77 11.31
C GLY A 23 1.08 -13.07 10.39
N LEU A 24 0.70 -13.74 9.30
CA LEU A 24 -0.32 -13.28 8.37
C LEU A 24 -1.42 -14.34 8.29
N THR A 25 -2.43 -14.24 9.16
CA THR A 25 -3.59 -15.11 9.08
C THR A 25 -4.36 -14.85 7.79
N GLU A 26 -5.19 -15.80 7.36
CA GLU A 26 -6.10 -15.60 6.24
C GLU A 26 -6.96 -14.36 6.49
N GLU A 27 -7.44 -14.20 7.72
CA GLU A 27 -8.19 -13.02 8.15
C GLU A 27 -7.40 -11.75 7.82
N GLN A 28 -6.15 -11.65 8.29
CA GLN A 28 -5.30 -10.51 7.94
C GLN A 28 -5.22 -10.34 6.43
N LYS A 29 -4.91 -11.40 5.67
CA LYS A 29 -4.80 -11.29 4.22
C LYS A 29 -6.08 -10.71 3.61
N GLN A 30 -7.24 -11.22 4.01
CA GLN A 30 -8.54 -10.73 3.55
C GLN A 30 -8.70 -9.24 3.87
N GLU A 31 -8.45 -8.84 5.12
CA GLU A 31 -8.55 -7.44 5.51
C GLU A 31 -7.61 -6.56 4.68
N ILE A 32 -6.35 -6.98 4.53
CA ILE A 32 -5.36 -6.26 3.73
C ILE A 32 -5.85 -6.17 2.28
N ARG A 33 -6.42 -7.24 1.72
CA ARG A 33 -6.99 -7.21 0.38
C ARG A 33 -8.14 -6.21 0.29
N GLU A 34 -9.07 -6.25 1.24
CA GLU A 34 -10.18 -5.31 1.30
C GLU A 34 -9.64 -3.87 1.28
N ALA A 35 -8.72 -3.57 2.20
CA ALA A 35 -8.06 -2.27 2.26
C ALA A 35 -7.44 -1.91 0.91
N PHE A 36 -6.68 -2.84 0.32
CA PHE A 36 -6.05 -2.65 -0.98
C PHE A 36 -7.08 -2.22 -2.03
N ASP A 37 -8.12 -3.04 -2.21
CA ASP A 37 -9.17 -2.77 -3.19
C ASP A 37 -9.82 -1.42 -2.92
N LEU A 38 -10.17 -1.14 -1.66
CA LEU A 38 -10.75 0.15 -1.29
C LEU A 38 -9.83 1.28 -1.72
N PHE A 39 -8.56 1.23 -1.32
CA PHE A 39 -7.59 2.27 -1.62
C PHE A 39 -7.42 2.44 -3.13
N ASP A 40 -7.44 1.34 -3.90
CA ASP A 40 -7.51 1.43 -5.36
C ASP A 40 -8.92 1.85 -5.79
N THR A 41 -9.36 3.05 -5.36
CA THR A 41 -10.66 3.61 -5.67
C THR A 41 -10.92 3.62 -7.18
N ASP A 42 -9.89 3.91 -7.97
CA ASP A 42 -9.99 3.92 -9.43
C ASP A 42 -10.28 2.52 -10.00
N GLY A 43 -9.95 1.46 -9.26
CA GLY A 43 -10.08 0.09 -9.72
C GLY A 43 -9.09 -0.22 -10.85
N SER A 44 -7.89 0.37 -10.80
CA SER A 44 -6.86 0.16 -11.80
C SER A 44 -6.33 -1.27 -11.78
N GLY A 45 -6.42 -1.93 -10.62
CA GLY A 45 -5.79 -3.20 -10.33
C GLY A 45 -4.64 -3.00 -9.35
N THR A 46 -4.04 -1.81 -9.37
CA THR A 46 -2.90 -1.39 -8.57
C THR A 46 -3.24 -0.03 -7.95
N ILE A 47 -2.74 0.24 -6.74
CA ILE A 47 -2.97 1.51 -6.05
C ILE A 47 -2.05 2.56 -6.68
N ASP A 48 -2.58 3.64 -7.25
CA ASP A 48 -1.74 4.73 -7.72
C ASP A 48 -1.00 5.39 -6.54
N ALA A 49 0.24 5.84 -6.72
CA ALA A 49 0.99 6.59 -5.71
C ALA A 49 0.10 7.57 -4.93
N LYS A 50 -0.70 8.40 -5.62
CA LYS A 50 -1.58 9.36 -4.97
C LYS A 50 -2.61 8.65 -4.09
N GLU A 51 -3.21 7.56 -4.59
CA GLU A 51 -4.15 6.77 -3.80
C GLU A 51 -3.44 6.22 -2.55
N LEU A 52 -2.19 5.77 -2.67
CA LEU A 52 -1.44 5.32 -1.51
C LEU A 52 -1.24 6.48 -0.53
N LYS A 53 -0.88 7.67 -1.02
CA LYS A 53 -0.72 8.85 -0.19
C LYS A 53 -2.02 9.14 0.57
N VAL A 54 -3.16 9.16 -0.13
CA VAL A 54 -4.48 9.27 0.51
C VAL A 54 -4.65 8.18 1.58
N ALA A 55 -4.37 6.92 1.22
CA ALA A 55 -4.47 5.80 2.14
C ALA A 55 -3.69 6.07 3.41
N MET A 56 -2.41 6.43 3.29
CA MET A 56 -1.55 6.72 4.42
C MET A 56 -2.09 7.89 5.24
N ARG A 57 -2.57 8.95 4.59
CA ARG A 57 -3.26 10.03 5.27
C ARG A 57 -4.37 9.44 6.16
N ALA A 58 -5.31 8.71 5.55
CA ALA A 58 -6.45 8.11 6.24
C ALA A 58 -6.02 7.17 7.37
N LEU A 59 -4.98 6.36 7.13
CA LEU A 59 -4.38 5.47 8.10
C LEU A 59 -3.77 6.23 9.29
N GLY A 60 -3.56 7.54 9.17
CA GLY A 60 -3.09 8.38 10.25
C GLY A 60 -1.58 8.61 10.19
N PHE A 61 -0.97 8.48 9.00
CA PHE A 61 0.42 8.89 8.79
C PHE A 61 0.42 10.41 8.60
N GLU A 62 1.61 10.99 8.46
CA GLU A 62 1.82 12.38 8.03
C GLU A 62 2.55 12.33 6.68
N PRO A 63 1.84 12.44 5.55
CA PRO A 63 2.41 12.36 4.21
C PRO A 63 3.48 13.40 3.85
N LYS A 64 4.64 13.36 4.50
CA LYS A 64 5.79 14.16 4.14
C LYS A 64 6.30 13.73 2.76
N LYS A 65 6.01 14.55 1.74
CA LYS A 65 6.21 14.26 0.33
C LYS A 65 7.53 13.57 0.01
N GLU A 66 8.65 14.05 0.56
CA GLU A 66 9.96 13.46 0.29
C GLU A 66 9.98 12.00 0.75
N GLU A 67 9.70 11.77 2.03
CA GLU A 67 9.70 10.44 2.62
C GLU A 67 8.72 9.53 1.89
N ILE A 68 7.52 10.04 1.61
CA ILE A 68 6.51 9.34 0.83
C ILE A 68 7.11 8.88 -0.51
N LYS A 69 7.62 9.81 -1.32
CA LYS A 69 8.18 9.48 -2.63
C LYS A 69 9.30 8.45 -2.50
N LYS A 70 10.24 8.67 -1.57
CA LYS A 70 11.33 7.74 -1.33
C LYS A 70 10.79 6.34 -1.05
N MET A 71 9.95 6.21 -0.01
CA MET A 71 9.40 4.93 0.39
C MET A 71 8.66 4.27 -0.78
N ILE A 72 7.74 5.00 -1.41
CA ILE A 72 7.00 4.53 -2.57
C ILE A 72 7.99 3.97 -3.60
N SER A 73 9.03 4.73 -3.96
CA SER A 73 10.03 4.27 -4.91
C SER A 73 10.68 2.96 -4.47
N GLU A 74 11.15 2.90 -3.21
CA GLU A 74 11.77 1.69 -2.69
C GLU A 74 10.81 0.48 -2.78
N ILE A 75 9.53 0.67 -2.44
CA ILE A 75 8.54 -0.39 -2.48
C ILE A 75 8.19 -0.74 -3.95
N ASP A 76 8.18 0.26 -4.84
CA ASP A 76 7.65 0.12 -6.18
C ASP A 76 8.66 -0.57 -7.11
N LYS A 77 8.84 -1.87 -6.91
CA LYS A 77 9.70 -2.71 -7.75
C LYS A 77 9.14 -2.83 -9.19
N ASP A 78 7.83 -3.11 -9.29
CA ASP A 78 7.14 -3.48 -10.53
C ASP A 78 6.04 -2.49 -10.87
N GLY A 79 5.31 -2.03 -9.86
CA GLY A 79 4.09 -1.25 -10.02
C GLY A 79 4.22 0.03 -10.86
N SER A 80 5.43 0.56 -11.05
CA SER A 80 5.75 1.64 -11.97
C SER A 80 4.78 2.82 -11.85
N GLY A 81 4.75 3.48 -10.69
CA GLY A 81 3.85 4.59 -10.42
C GLY A 81 2.63 4.12 -9.62
N THR A 82 2.23 2.86 -9.81
CA THR A 82 1.24 2.22 -8.96
C THR A 82 1.95 1.27 -8.00
N ILE A 83 1.19 0.66 -7.09
CA ILE A 83 1.64 -0.34 -6.15
C ILE A 83 0.68 -1.52 -6.29
N ASP A 84 1.20 -2.70 -6.67
CA ASP A 84 0.38 -3.91 -6.78
C ASP A 84 0.11 -4.51 -5.41
N PHE A 85 -0.80 -5.49 -5.38
CA PHE A 85 -1.21 -6.15 -4.15
C PHE A 85 -0.01 -6.80 -3.44
N GLU A 86 0.95 -7.34 -4.19
CA GLU A 86 2.07 -8.02 -3.57
C GLU A 86 2.97 -7.00 -2.87
N GLU A 87 3.34 -5.94 -3.58
CA GLU A 87 4.09 -4.82 -3.04
C GLU A 87 3.38 -4.25 -1.80
N PHE A 88 2.07 -3.98 -1.94
CA PHE A 88 1.26 -3.46 -0.85
C PHE A 88 1.31 -4.39 0.36
N LEU A 89 0.99 -5.67 0.17
CA LEU A 89 1.03 -6.68 1.22
C LEU A 89 2.40 -6.68 1.90
N THR A 90 3.47 -6.67 1.11
CA THR A 90 4.83 -6.62 1.64
C THR A 90 5.00 -5.38 2.54
N MET A 91 4.65 -4.20 2.05
CA MET A 91 4.73 -2.97 2.83
C MET A 91 3.95 -3.13 4.13
N MET A 92 2.66 -3.44 4.04
CA MET A 92 1.80 -3.57 5.20
C MET A 92 2.39 -4.55 6.21
N THR A 93 2.88 -5.70 5.74
CA THR A 93 3.58 -6.65 6.58
C THR A 93 4.77 -5.97 7.27
N ALA A 94 5.65 -5.32 6.48
CA ALA A 94 6.83 -4.65 7.01
C ALA A 94 6.48 -3.60 8.06
N LYS A 95 5.36 -2.91 7.92
CA LYS A 95 4.89 -1.95 8.92
C LYS A 95 4.56 -2.62 10.26
N MET A 96 4.28 -3.93 10.29
CA MET A 96 4.03 -4.67 11.53
C MET A 96 4.75 -6.01 11.53
N ARG A 21 3.66 -20.13 9.82
CA ARG A 21 2.79 -19.01 9.36
C ARG A 21 3.63 -17.88 8.78
N VAL A 22 3.13 -17.25 7.71
CA VAL A 22 3.74 -16.10 7.05
C VAL A 22 3.58 -14.82 7.88
N GLY A 23 3.83 -14.88 9.18
CA GLY A 23 3.58 -13.80 10.12
C GLY A 23 2.08 -13.53 10.29
N LEU A 24 1.45 -13.00 9.25
CA LEU A 24 0.07 -12.55 9.27
C LEU A 24 -0.93 -13.72 9.28
N THR A 25 -2.01 -13.56 10.03
CA THR A 25 -3.15 -14.47 10.00
C THR A 25 -3.90 -14.32 8.67
N GLU A 26 -4.74 -15.30 8.33
CA GLU A 26 -5.65 -15.16 7.19
C GLU A 26 -6.54 -13.93 7.40
N GLU A 27 -7.02 -13.72 8.63
CA GLU A 27 -7.81 -12.55 8.99
C GLU A 27 -7.05 -11.27 8.64
N GLN A 28 -5.80 -11.14 9.10
CA GLN A 28 -4.98 -9.99 8.74
C GLN A 28 -4.88 -9.84 7.23
N LYS A 29 -4.50 -10.90 6.50
CA LYS A 29 -4.36 -10.80 5.05
C LYS A 29 -5.68 -10.38 4.37
N GLN A 30 -6.80 -10.94 4.83
CA GLN A 30 -8.13 -10.61 4.37
C GLN A 30 -8.40 -9.12 4.60
N GLU A 31 -8.22 -8.63 5.82
CA GLU A 31 -8.37 -7.22 6.15
C GLU A 31 -7.52 -6.35 5.23
N ILE A 32 -6.24 -6.70 5.06
CA ILE A 32 -5.33 -5.98 4.19
C ILE A 32 -5.84 -5.98 2.75
N ARG A 33 -6.35 -7.12 2.25
CA ARG A 33 -6.95 -7.17 0.93
C ARG A 33 -8.16 -6.23 0.84
N GLU A 34 -9.05 -6.25 1.84
CA GLU A 34 -10.18 -5.33 1.85
C GLU A 34 -9.72 -3.87 1.80
N ALA A 35 -8.79 -3.51 2.67
CA ALA A 35 -8.22 -2.16 2.70
C ALA A 35 -7.64 -1.81 1.32
N PHE A 36 -6.79 -2.68 0.77
CA PHE A 36 -6.24 -2.54 -0.57
C PHE A 36 -7.35 -2.22 -1.55
N ASP A 37 -8.33 -3.14 -1.67
CA ASP A 37 -9.44 -3.04 -2.59
C ASP A 37 -10.13 -1.69 -2.47
N LEU A 38 -10.46 -1.28 -1.24
CA LEU A 38 -11.06 0.02 -1.00
C LEU A 38 -10.18 1.13 -1.55
N PHE A 39 -8.90 1.17 -1.18
CA PHE A 39 -8.00 2.23 -1.62
C PHE A 39 -7.86 2.24 -3.15
N ASP A 40 -7.86 1.06 -3.77
CA ASP A 40 -7.61 0.79 -5.18
C ASP A 40 -8.78 1.22 -6.09
N THR A 41 -9.50 2.28 -5.69
CA THR A 41 -10.73 2.79 -6.28
C THR A 41 -10.64 2.81 -7.81
N ASP A 42 -9.67 3.55 -8.32
CA ASP A 42 -9.34 3.65 -9.73
C ASP A 42 -8.18 2.71 -10.07
N GLY A 43 -7.35 2.41 -9.07
CA GLY A 43 -6.12 1.63 -9.21
C GLY A 43 -6.34 0.27 -9.87
N SER A 44 -7.52 -0.33 -9.64
CA SER A 44 -8.00 -1.52 -10.34
C SER A 44 -6.92 -2.56 -10.63
N GLY A 45 -6.23 -3.01 -9.58
CA GLY A 45 -5.08 -3.90 -9.65
C GLY A 45 -3.87 -3.28 -8.96
N THR A 46 -3.63 -1.99 -9.15
CA THR A 46 -2.45 -1.32 -8.63
C THR A 46 -2.84 0.03 -8.01
N ILE A 47 -2.56 0.25 -6.72
CA ILE A 47 -2.89 1.50 -6.04
C ILE A 47 -1.95 2.58 -6.53
N ASP A 48 -2.45 3.59 -7.23
CA ASP A 48 -1.64 4.71 -7.66
C ASP A 48 -1.12 5.48 -6.44
N ALA A 49 0.09 6.06 -6.55
CA ALA A 49 0.67 6.93 -5.54
C ALA A 49 -0.37 7.84 -4.86
N LYS A 50 -1.22 8.51 -5.64
CA LYS A 50 -2.27 9.38 -5.11
C LYS A 50 -3.20 8.61 -4.18
N GLU A 51 -3.70 7.45 -4.62
CA GLU A 51 -4.56 6.60 -3.81
C GLU A 51 -3.81 6.20 -2.53
N LEU A 52 -2.53 5.84 -2.64
CA LEU A 52 -1.75 5.49 -1.46
C LEU A 52 -1.64 6.68 -0.50
N LYS A 53 -1.41 7.90 -1.02
CA LYS A 53 -1.38 9.10 -0.21
C LYS A 53 -2.71 9.32 0.50
N VAL A 54 -3.82 9.21 -0.22
CA VAL A 54 -5.16 9.25 0.39
C VAL A 54 -5.27 8.21 1.50
N ALA A 55 -4.87 6.96 1.22
CA ALA A 55 -4.86 5.89 2.20
C ALA A 55 -4.09 6.29 3.45
N MET A 56 -2.84 6.75 3.27
CA MET A 56 -2.00 7.18 4.38
C MET A 56 -2.64 8.30 5.17
N ARG A 57 -3.25 9.29 4.50
CA ARG A 57 -4.01 10.33 5.20
C ARG A 57 -5.11 9.69 6.05
N ALA A 58 -5.93 8.82 5.47
CA ALA A 58 -6.99 8.12 6.20
C ALA A 58 -6.42 7.33 7.38
N LEU A 59 -5.28 6.68 7.19
CA LEU A 59 -4.54 5.95 8.22
C LEU A 59 -3.87 6.87 9.25
N GLY A 60 -3.97 8.20 9.09
CA GLY A 60 -3.47 9.16 10.07
C GLY A 60 -1.98 9.43 9.94
N PHE A 61 -1.37 9.15 8.79
CA PHE A 61 0.01 9.53 8.52
C PHE A 61 0.05 10.98 8.03
N GLU A 62 1.24 11.59 8.14
CA GLU A 62 1.56 12.88 7.54
C GLU A 62 2.44 12.61 6.32
N PRO A 63 1.89 12.59 5.08
CA PRO A 63 2.64 12.19 3.91
C PRO A 63 3.68 13.24 3.50
N LYS A 64 4.82 13.22 4.20
CA LYS A 64 6.01 13.98 3.87
C LYS A 64 6.50 13.60 2.48
N LYS A 65 6.02 14.32 1.46
CA LYS A 65 6.17 14.06 0.04
C LYS A 65 7.49 13.39 -0.37
N GLU A 66 8.65 13.93 0.05
CA GLU A 66 9.93 13.36 -0.30
C GLU A 66 10.04 11.93 0.23
N GLU A 67 9.76 11.75 1.52
CA GLU A 67 9.86 10.46 2.19
C GLU A 67 8.87 9.50 1.54
N ILE A 68 7.67 9.99 1.23
CA ILE A 68 6.65 9.22 0.53
C ILE A 68 7.17 8.77 -0.83
N LYS A 69 7.77 9.66 -1.62
CA LYS A 69 8.33 9.28 -2.92
C LYS A 69 9.38 8.19 -2.74
N LYS A 70 10.32 8.38 -1.80
CA LYS A 70 11.33 7.37 -1.51
C LYS A 70 10.67 6.02 -1.19
N MET A 71 9.81 6.00 -0.17
CA MET A 71 9.05 4.85 0.27
C MET A 71 8.38 4.15 -0.93
N ILE A 72 7.52 4.89 -1.64
CA ILE A 72 6.81 4.38 -2.81
C ILE A 72 7.81 3.76 -3.78
N SER A 73 8.90 4.46 -4.11
CA SER A 73 9.87 3.93 -5.05
C SER A 73 10.49 2.61 -4.55
N GLU A 74 10.90 2.57 -3.29
CA GLU A 74 11.46 1.37 -2.70
C GLU A 74 10.47 0.19 -2.78
N ILE A 75 9.20 0.43 -2.45
CA ILE A 75 8.19 -0.62 -2.51
C ILE A 75 7.84 -0.97 -3.96
N ASP A 76 7.83 0.01 -4.87
CA ASP A 76 7.34 -0.16 -6.21
C ASP A 76 8.41 -0.79 -7.10
N LYS A 77 8.62 -2.10 -6.93
CA LYS A 77 9.50 -2.90 -7.78
C LYS A 77 9.09 -2.88 -9.27
N ASP A 78 7.86 -2.43 -9.58
CA ASP A 78 7.34 -2.32 -10.93
C ASP A 78 7.64 -0.93 -11.51
N GLY A 79 8.04 0.01 -10.64
CA GLY A 79 8.47 1.35 -10.97
C GLY A 79 7.49 2.13 -11.85
N SER A 80 6.18 1.92 -11.64
CA SER A 80 5.11 2.54 -12.41
C SER A 80 4.49 3.75 -11.69
N GLY A 81 4.86 3.98 -10.43
CA GLY A 81 4.19 4.94 -9.55
C GLY A 81 2.90 4.34 -8.99
N THR A 82 2.80 3.01 -8.97
CA THR A 82 1.65 2.28 -8.47
C THR A 82 2.14 1.11 -7.61
N ILE A 83 1.35 0.71 -6.62
CA ILE A 83 1.65 -0.39 -5.71
C ILE A 83 0.68 -1.54 -6.03
N ASP A 84 1.19 -2.63 -6.60
CA ASP A 84 0.41 -3.85 -6.79
C ASP A 84 0.06 -4.46 -5.43
N PHE A 85 -1.05 -5.18 -5.34
CA PHE A 85 -1.47 -5.86 -4.11
C PHE A 85 -0.31 -6.63 -3.44
N GLU A 86 0.49 -7.36 -4.20
CA GLU A 86 1.62 -8.10 -3.63
C GLU A 86 2.60 -7.14 -2.95
N GLU A 87 2.94 -6.04 -3.62
CA GLU A 87 3.85 -5.03 -3.10
C GLU A 87 3.26 -4.40 -1.83
N PHE A 88 1.97 -4.03 -1.89
CA PHE A 88 1.23 -3.48 -0.76
C PHE A 88 1.29 -4.43 0.43
N LEU A 89 0.94 -5.70 0.20
CA LEU A 89 0.97 -6.73 1.23
C LEU A 89 2.36 -6.84 1.84
N THR A 90 3.40 -6.89 1.00
CA THR A 90 4.77 -6.93 1.47
C THR A 90 5.06 -5.73 2.38
N MET A 91 4.80 -4.51 1.89
CA MET A 91 4.96 -3.28 2.64
C MET A 91 4.26 -3.38 3.99
N MET A 92 2.97 -3.72 3.97
CA MET A 92 2.15 -3.79 5.16
C MET A 92 2.71 -4.83 6.14
N THR A 93 3.10 -6.00 5.64
CA THR A 93 3.74 -7.02 6.47
C THR A 93 4.98 -6.46 7.14
N ALA A 94 5.87 -5.83 6.36
CA ALA A 94 7.10 -5.24 6.88
C ALA A 94 6.80 -4.17 7.93
N LYS A 95 5.79 -3.32 7.69
CA LYS A 95 5.34 -2.31 8.62
C LYS A 95 4.83 -2.96 9.92
N MET A 96 4.03 -4.02 9.79
CA MET A 96 3.46 -4.76 10.91
C MET A 96 4.38 -5.92 11.29
N ARG A 21 0.66 -18.49 13.41
CA ARG A 21 -0.22 -17.48 14.05
C ARG A 21 0.40 -16.08 14.05
N VAL A 22 1.73 -16.00 14.18
CA VAL A 22 2.46 -14.75 13.98
C VAL A 22 2.55 -14.44 12.49
N GLY A 23 2.93 -13.20 12.16
CA GLY A 23 3.03 -12.76 10.77
C GLY A 23 1.63 -12.63 10.16
N LEU A 24 1.56 -12.50 8.83
CA LEU A 24 0.31 -12.30 8.12
C LEU A 24 -0.49 -13.60 8.01
N THR A 25 -1.41 -13.81 8.94
CA THR A 25 -2.39 -14.87 8.87
C THR A 25 -3.32 -14.63 7.68
N GLU A 26 -4.02 -15.68 7.21
CA GLU A 26 -4.96 -15.56 6.13
C GLU A 26 -6.02 -14.48 6.43
N GLU A 27 -6.46 -14.41 7.70
CA GLU A 27 -7.37 -13.38 8.15
C GLU A 27 -6.79 -11.98 7.87
N GLN A 28 -5.57 -11.72 8.32
CA GLN A 28 -4.89 -10.47 8.01
C GLN A 28 -4.83 -10.27 6.49
N LYS A 29 -4.47 -11.31 5.74
CA LYS A 29 -4.45 -11.26 4.29
C LYS A 29 -5.80 -10.78 3.72
N GLN A 30 -6.93 -11.28 4.24
CA GLN A 30 -8.23 -10.81 3.82
C GLN A 30 -8.33 -9.30 4.07
N GLU A 31 -8.05 -8.87 5.30
CA GLU A 31 -8.12 -7.45 5.66
C GLU A 31 -7.24 -6.61 4.73
N ILE A 32 -6.02 -7.07 4.45
CA ILE A 32 -5.08 -6.41 3.56
C ILE A 32 -5.69 -6.31 2.15
N ARG A 33 -6.29 -7.38 1.64
CA ARG A 33 -7.00 -7.34 0.37
C ARG A 33 -8.11 -6.28 0.42
N GLU A 34 -8.99 -6.31 1.42
CA GLU A 34 -10.06 -5.33 1.53
C GLU A 34 -9.49 -3.90 1.52
N ALA A 35 -8.50 -3.64 2.38
CA ALA A 35 -7.83 -2.34 2.45
C ALA A 35 -7.27 -1.95 1.08
N PHE A 36 -6.55 -2.85 0.44
CA PHE A 36 -5.99 -2.65 -0.90
C PHE A 36 -7.09 -2.21 -1.86
N ASP A 37 -8.17 -2.99 -1.94
CA ASP A 37 -9.30 -2.72 -2.82
C ASP A 37 -9.86 -1.33 -2.52
N LEU A 38 -10.14 -1.03 -1.26
CA LEU A 38 -10.68 0.28 -0.88
C LEU A 38 -9.75 1.39 -1.34
N PHE A 39 -8.47 1.30 -0.99
CA PHE A 39 -7.49 2.31 -1.35
C PHE A 39 -7.39 2.45 -2.86
N ASP A 40 -7.44 1.34 -3.59
CA ASP A 40 -7.57 1.36 -5.04
C ASP A 40 -9.01 1.76 -5.42
N THR A 41 -9.45 2.93 -4.97
CA THR A 41 -10.82 3.40 -5.12
C THR A 41 -11.19 3.52 -6.61
N ASP A 42 -10.21 3.84 -7.45
CA ASP A 42 -10.38 3.91 -8.90
C ASP A 42 -10.64 2.52 -9.52
N GLY A 43 -10.23 1.45 -8.85
CA GLY A 43 -10.33 0.10 -9.38
C GLY A 43 -9.28 -0.16 -10.47
N SER A 44 -8.08 0.41 -10.30
CA SER A 44 -6.95 0.24 -11.21
C SER A 44 -6.24 -1.10 -11.03
N GLY A 45 -6.72 -1.95 -10.13
CA GLY A 45 -6.09 -3.20 -9.71
C GLY A 45 -4.74 -2.97 -9.02
N THR A 46 -4.44 -1.71 -8.68
CA THR A 46 -3.15 -1.22 -8.23
C THR A 46 -3.45 0.07 -7.49
N ILE A 47 -2.74 0.39 -6.40
CA ILE A 47 -2.98 1.64 -5.68
C ILE A 47 -2.11 2.71 -6.32
N ASP A 48 -2.68 3.69 -7.02
CA ASP A 48 -1.88 4.79 -7.57
C ASP A 48 -1.19 5.57 -6.44
N ALA A 49 0.00 6.11 -6.68
CA ALA A 49 0.69 6.97 -5.71
C ALA A 49 -0.26 7.94 -4.98
N LYS A 50 -1.12 8.64 -5.72
CA LYS A 50 -2.10 9.56 -5.14
C LYS A 50 -3.04 8.82 -4.18
N GLU A 51 -3.54 7.66 -4.59
CA GLU A 51 -4.38 6.83 -3.75
C GLU A 51 -3.60 6.36 -2.51
N LEU A 52 -2.30 6.07 -2.65
CA LEU A 52 -1.48 5.70 -1.50
C LEU A 52 -1.35 6.88 -0.54
N LYS A 53 -1.15 8.10 -1.07
CA LYS A 53 -1.16 9.31 -0.26
C LYS A 53 -2.48 9.45 0.48
N VAL A 54 -3.61 9.32 -0.23
CA VAL A 54 -4.94 9.29 0.40
C VAL A 54 -4.97 8.25 1.53
N ALA A 55 -4.54 7.02 1.23
CA ALA A 55 -4.51 5.94 2.19
C ALA A 55 -3.74 6.34 3.45
N MET A 56 -2.49 6.77 3.28
CA MET A 56 -1.64 7.23 4.37
C MET A 56 -2.33 8.36 5.16
N ARG A 57 -2.92 9.33 4.47
CA ARG A 57 -3.64 10.40 5.15
C ARG A 57 -4.77 9.80 6.01
N ALA A 58 -5.59 8.91 5.44
CA ALA A 58 -6.64 8.22 6.17
C ALA A 58 -6.08 7.45 7.37
N LEU A 59 -4.92 6.81 7.19
CA LEU A 59 -4.19 6.12 8.25
C LEU A 59 -3.58 7.11 9.28
N GLY A 60 -3.76 8.42 9.11
CA GLY A 60 -3.34 9.44 10.06
C GLY A 60 -1.89 9.86 9.86
N PHE A 61 -1.29 9.56 8.70
CA PHE A 61 0.06 10.03 8.39
C PHE A 61 0.01 11.50 8.02
N GLU A 62 1.18 12.15 8.06
CA GLU A 62 1.43 13.47 7.54
C GLU A 62 2.30 13.28 6.28
N PRO A 63 1.75 13.44 5.07
CA PRO A 63 2.46 13.26 3.81
C PRO A 63 3.74 14.11 3.65
N LYS A 64 4.83 13.68 4.28
CA LYS A 64 6.16 14.24 4.08
C LYS A 64 6.62 13.91 2.65
N LYS A 65 6.15 14.71 1.69
CA LYS A 65 6.29 14.54 0.24
C LYS A 65 7.58 13.82 -0.17
N GLU A 66 8.74 14.36 0.20
CA GLU A 66 10.03 13.77 -0.14
C GLU A 66 10.09 12.30 0.31
N GLU A 67 9.77 12.06 1.58
CA GLU A 67 9.87 10.74 2.18
C GLU A 67 8.84 9.80 1.55
N ILE A 68 7.64 10.31 1.30
CA ILE A 68 6.60 9.59 0.56
C ILE A 68 7.17 9.13 -0.79
N LYS A 69 7.70 10.07 -1.58
CA LYS A 69 8.27 9.81 -2.89
C LYS A 69 9.35 8.74 -2.77
N LYS A 70 10.33 8.95 -1.89
CA LYS A 70 11.40 7.99 -1.66
C LYS A 70 10.83 6.60 -1.36
N MET A 71 9.99 6.48 -0.34
CA MET A 71 9.38 5.22 0.06
C MET A 71 8.71 4.55 -1.15
N ILE A 72 7.82 5.25 -1.83
CA ILE A 72 7.17 4.74 -3.03
C ILE A 72 8.21 4.23 -4.01
N SER A 73 9.25 5.02 -4.30
CA SER A 73 10.30 4.61 -5.22
C SER A 73 10.96 3.31 -4.78
N GLU A 74 11.34 3.20 -3.50
CA GLU A 74 11.95 1.99 -2.97
C GLU A 74 11.01 0.79 -3.14
N ILE A 75 9.71 0.97 -2.87
CA ILE A 75 8.74 -0.10 -3.01
C ILE A 75 8.49 -0.43 -4.49
N ASP A 76 8.59 0.55 -5.39
CA ASP A 76 8.24 0.41 -6.80
C ASP A 76 9.25 -0.48 -7.54
N LYS A 77 9.15 -1.79 -7.31
CA LYS A 77 9.85 -2.83 -8.03
C LYS A 77 9.13 -3.14 -9.35
N ASP A 78 7.80 -3.08 -9.34
CA ASP A 78 6.92 -3.48 -10.43
C ASP A 78 5.61 -2.68 -10.35
N GLY A 79 5.72 -1.44 -9.86
CA GLY A 79 4.59 -0.60 -9.53
C GLY A 79 4.33 0.45 -10.60
N SER A 80 5.40 1.00 -11.18
CA SER A 80 5.36 2.05 -12.19
C SER A 80 4.37 3.16 -11.79
N GLY A 81 4.57 3.76 -10.61
CA GLY A 81 3.74 4.84 -10.11
C GLY A 81 2.50 4.35 -9.35
N THR A 82 2.21 3.05 -9.39
CA THR A 82 1.20 2.43 -8.55
C THR A 82 1.90 1.45 -7.59
N ILE A 83 1.16 0.91 -6.63
CA ILE A 83 1.59 -0.19 -5.77
C ILE A 83 0.73 -1.40 -6.15
N ASP A 84 1.36 -2.45 -6.68
CA ASP A 84 0.69 -3.71 -6.98
C ASP A 84 0.33 -4.43 -5.68
N PHE A 85 -0.67 -5.32 -5.71
CA PHE A 85 -1.03 -6.10 -4.53
C PHE A 85 0.18 -6.82 -3.92
N GLU A 86 1.04 -7.42 -4.74
CA GLU A 86 2.24 -8.08 -4.26
C GLU A 86 3.11 -7.11 -3.45
N GLU A 87 3.32 -5.90 -3.99
CA GLU A 87 4.13 -4.88 -3.33
C GLU A 87 3.47 -4.46 -2.01
N PHE A 88 2.15 -4.20 -2.03
CA PHE A 88 1.40 -3.82 -0.84
C PHE A 88 1.53 -4.92 0.23
N LEU A 89 1.26 -6.16 -0.16
CA LEU A 89 1.43 -7.32 0.69
C LEU A 89 2.86 -7.35 1.25
N THR A 90 3.87 -7.12 0.42
CA THR A 90 5.26 -7.07 0.88
C THR A 90 5.45 -6.00 1.95
N MET A 91 4.95 -4.77 1.74
CA MET A 91 5.01 -3.72 2.75
C MET A 91 4.42 -4.22 4.06
N MET A 92 3.21 -4.77 4.00
CA MET A 92 2.53 -5.28 5.17
C MET A 92 3.35 -6.40 5.83
N THR A 93 3.94 -7.30 5.04
CA THR A 93 4.78 -8.37 5.54
C THR A 93 5.99 -7.79 6.28
N ALA A 94 6.63 -6.77 5.69
CA ALA A 94 7.75 -6.08 6.32
C ALA A 94 7.34 -5.49 7.66
N LYS A 95 6.17 -4.85 7.72
CA LYS A 95 5.65 -4.30 8.97
C LYS A 95 5.31 -5.41 9.99
N MET A 96 4.69 -6.50 9.54
CA MET A 96 4.27 -7.61 10.39
C MET A 96 4.57 -8.96 9.71
#